data_6L9S
# 
_entry.id   6L9S 
# 
_audit_conform.dict_name       mmcif_pdbx.dic 
_audit_conform.dict_version    5.380 
_audit_conform.dict_location   http://mmcif.pdb.org/dictionaries/ascii/mmcif_pdbx.dic 
# 
loop_
_database_2.database_id 
_database_2.database_code 
_database_2.pdbx_database_accession 
_database_2.pdbx_DOI 
PDB   6L9S         pdb_00006l9s 10.2210/pdb6l9s/pdb 
WWPDB D_1300014274 ?            ?                   
# 
_pdbx_database_related.db_name        PDB 
_pdbx_database_related.details        'Air-oxidized auracyanin' 
_pdbx_database_related.db_id          6KOL 
_pdbx_database_related.content_type   unspecified 
# 
_pdbx_database_status.status_code                     REL 
_pdbx_database_status.status_code_sf                  REL 
_pdbx_database_status.status_code_mr                  ? 
_pdbx_database_status.entry_id                        6L9S 
_pdbx_database_status.recvd_initial_deposition_date   2019-11-10 
_pdbx_database_status.SG_entry                        N 
_pdbx_database_status.deposit_site                    PDBJ 
_pdbx_database_status.process_site                    PDBJ 
_pdbx_database_status.status_code_cs                  ? 
_pdbx_database_status.methods_development_category    ? 
_pdbx_database_status.pdb_format_compatible           Y 
_pdbx_database_status.status_code_nmr_data            ? 
# 
loop_
_audit_author.name 
_audit_author.pdbx_ordinal 
_audit_author.identifier_ORCID 
'Wang, C.'    1 0000-0002-0534-8984 
'Zhang, C.Y.' 2 ?                   
'Min, Z.Z.'   3 ?                   
'Xu, X.L.'    4 0000-0001-8995-1213 
# 
_citation.abstract                  ? 
_citation.abstract_id_CAS           ? 
_citation.book_id_ISBN              ? 
_citation.book_publisher            ? 
_citation.book_publisher_city       ? 
_citation.book_title                ? 
_citation.coordinate_linkage        ? 
_citation.country                   ? 
_citation.database_id_Medline       ? 
_citation.details                   ? 
_citation.id                        primary 
_citation.journal_abbrev            'Photosyn. Res.' 
_citation.journal_id_ASTM           ? 
_citation.journal_id_CSD            ? 
_citation.journal_id_ISSN           1573-5079 
_citation.journal_full              ? 
_citation.journal_issue             ? 
_citation.journal_volume            143 
_citation.language                  ? 
_citation.page_first                301 
_citation.page_last                 314 
_citation.title                     
;Structural basis underlying the electron transfer features of a blue copper protein auracyanin from the photosynthetic bacterium Roseiflexus castenholzii.
;
_citation.year                      2020 
_citation.database_id_CSD           ? 
_citation.pdbx_database_id_DOI      10.1007/s11120-020-00709-y 
_citation.pdbx_database_id_PubMed   31933173 
_citation.unpublished_flag          ? 
# 
loop_
_citation_author.citation_id 
_citation_author.name 
_citation_author.ordinal 
_citation_author.identifier_ORCID 
primary 'Wang, C.'  1 ? 
primary 'Xin, Y.'   2 ? 
primary 'Min, Z.'   3 ? 
primary 'Qi, J.'    4 ? 
primary 'Zhang, C.' 5 ? 
primary 'Xu, X.'    6 ? 
# 
_cell.angle_alpha                  90.000 
_cell.angle_alpha_esd              ? 
_cell.angle_beta                   90.000 
_cell.angle_beta_esd               ? 
_cell.angle_gamma                  90.000 
_cell.angle_gamma_esd              ? 
_cell.entry_id                     6L9S 
_cell.details                      ? 
_cell.formula_units_Z              ? 
_cell.length_a                     30.989 
_cell.length_a_esd                 ? 
_cell.length_b                     57.420 
_cell.length_b_esd                 ? 
_cell.length_c                     65.040 
_cell.length_c_esd                 ? 
_cell.volume                       ? 
_cell.volume_esd                   ? 
_cell.Z_PDB                        4 
_cell.reciprocal_angle_alpha       ? 
_cell.reciprocal_angle_beta        ? 
_cell.reciprocal_angle_gamma       ? 
_cell.reciprocal_angle_alpha_esd   ? 
_cell.reciprocal_angle_beta_esd    ? 
_cell.reciprocal_angle_gamma_esd   ? 
_cell.reciprocal_length_a          ? 
_cell.reciprocal_length_b          ? 
_cell.reciprocal_length_c          ? 
_cell.reciprocal_length_a_esd      ? 
_cell.reciprocal_length_b_esd      ? 
_cell.reciprocal_length_c_esd      ? 
_cell.pdbx_unique_axis             ? 
# 
_symmetry.entry_id                         6L9S 
_symmetry.cell_setting                     ? 
_symmetry.Int_Tables_number                18 
_symmetry.space_group_name_Hall            ? 
_symmetry.space_group_name_H-M             'P 2 21 21' 
_symmetry.pdbx_full_space_group_name_H-M   ? 
# 
loop_
_entity.id 
_entity.type 
_entity.src_method 
_entity.pdbx_description 
_entity.formula_weight 
_entity.pdbx_number_of_molecules 
_entity.pdbx_ec 
_entity.pdbx_mutation 
_entity.pdbx_fragment 
_entity.details 
1 polymer     nat 'Blue (Type 1) copper domain protein' 13201.745 1  ? ? ? ? 
2 non-polymer syn 'COPPER (I) ION'                      63.546    1  ? ? ? ? 
3 water       nat water                                 18.015    76 ? ? ? ? 
# 
_entity_name_com.entity_id   1 
_entity_name_com.name        auracyanin 
# 
_entity_poly.entity_id                      1 
_entity_poly.type                           'polypeptide(L)' 
_entity_poly.nstd_linkage                   no 
_entity_poly.nstd_monomer                   no 
_entity_poly.pdbx_seq_one_letter_code       
;GGGGGASTTIEIASDGENLAYDKKEFTVPTGQTITVTFKNTSTAQQHNIVIVKGGEDVAAKVDEEAINAGPPDFLPADRT
NIIAATKMLGPGGSETITFTAPAPGTYVFLCTYPAHYAGGMKGVMTVAP
;
_entity_poly.pdbx_seq_one_letter_code_can   
;GGGGGASTTIEIASDGENLAYDKKEFTVPTGQTITVTFKNTSTAQQHNIVIVKGGEDVAAKVDEEAINAGPPDFLPADRT
NIIAATKMLGPGGSETITFTAPAPGTYVFLCTYPAHYAGGMKGVMTVAP
;
_entity_poly.pdbx_strand_id                 A 
_entity_poly.pdbx_target_identifier         ? 
# 
loop_
_entity_poly_seq.entity_id 
_entity_poly_seq.num 
_entity_poly_seq.mon_id 
_entity_poly_seq.hetero 
1 1   GLY n 
1 2   GLY n 
1 3   GLY n 
1 4   GLY n 
1 5   GLY n 
1 6   ALA n 
1 7   SER n 
1 8   THR n 
1 9   THR n 
1 10  ILE n 
1 11  GLU n 
1 12  ILE n 
1 13  ALA n 
1 14  SER n 
1 15  ASP n 
1 16  GLY n 
1 17  GLU n 
1 18  ASN n 
1 19  LEU n 
1 20  ALA n 
1 21  TYR n 
1 22  ASP n 
1 23  LYS n 
1 24  LYS n 
1 25  GLU n 
1 26  PHE n 
1 27  THR n 
1 28  VAL n 
1 29  PRO n 
1 30  THR n 
1 31  GLY n 
1 32  GLN n 
1 33  THR n 
1 34  ILE n 
1 35  THR n 
1 36  VAL n 
1 37  THR n 
1 38  PHE n 
1 39  LYS n 
1 40  ASN n 
1 41  THR n 
1 42  SER n 
1 43  THR n 
1 44  ALA n 
1 45  GLN n 
1 46  GLN n 
1 47  HIS n 
1 48  ASN n 
1 49  ILE n 
1 50  VAL n 
1 51  ILE n 
1 52  VAL n 
1 53  LYS n 
1 54  GLY n 
1 55  GLY n 
1 56  GLU n 
1 57  ASP n 
1 58  VAL n 
1 59  ALA n 
1 60  ALA n 
1 61  LYS n 
1 62  VAL n 
1 63  ASP n 
1 64  GLU n 
1 65  GLU n 
1 66  ALA n 
1 67  ILE n 
1 68  ASN n 
1 69  ALA n 
1 70  GLY n 
1 71  PRO n 
1 72  PRO n 
1 73  ASP n 
1 74  PHE n 
1 75  LEU n 
1 76  PRO n 
1 77  ALA n 
1 78  ASP n 
1 79  ARG n 
1 80  THR n 
1 81  ASN n 
1 82  ILE n 
1 83  ILE n 
1 84  ALA n 
1 85  ALA n 
1 86  THR n 
1 87  LYS n 
1 88  MET n 
1 89  LEU n 
1 90  GLY n 
1 91  PRO n 
1 92  GLY n 
1 93  GLY n 
1 94  SER n 
1 95  GLU n 
1 96  THR n 
1 97  ILE n 
1 98  THR n 
1 99  PHE n 
1 100 THR n 
1 101 ALA n 
1 102 PRO n 
1 103 ALA n 
1 104 PRO n 
1 105 GLY n 
1 106 THR n 
1 107 TYR n 
1 108 VAL n 
1 109 PHE n 
1 110 LEU n 
1 111 CYS n 
1 112 THR n 
1 113 TYR n 
1 114 PRO n 
1 115 ALA n 
1 116 HIS n 
1 117 TYR n 
1 118 ALA n 
1 119 GLY n 
1 120 GLY n 
1 121 MET n 
1 122 LYS n 
1 123 GLY n 
1 124 VAL n 
1 125 MET n 
1 126 THR n 
1 127 VAL n 
1 128 ALA n 
1 129 PRO n 
# 
_entity_src_nat.entity_id                  1 
_entity_src_nat.pdbx_src_id                1 
_entity_src_nat.pdbx_alt_source_flag       sample 
_entity_src_nat.pdbx_beg_seq_num           1 
_entity_src_nat.pdbx_end_seq_num           129 
_entity_src_nat.common_name                ? 
_entity_src_nat.pdbx_organism_scientific   'Roseiflexus castenholzii (strain DSM 13941 / HLO8)' 
_entity_src_nat.pdbx_ncbi_taxonomy_id      383372 
_entity_src_nat.genus                      ? 
_entity_src_nat.species                    ? 
_entity_src_nat.strain                     ? 
_entity_src_nat.tissue                     ? 
_entity_src_nat.tissue_fraction            ? 
_entity_src_nat.pdbx_secretion             ? 
_entity_src_nat.pdbx_fragment              ? 
_entity_src_nat.pdbx_variant               ? 
_entity_src_nat.pdbx_cell_line             ? 
_entity_src_nat.pdbx_atcc                  ? 
_entity_src_nat.pdbx_cellular_location     ? 
_entity_src_nat.pdbx_organ                 ? 
_entity_src_nat.pdbx_organelle             ? 
_entity_src_nat.pdbx_cell                  ? 
_entity_src_nat.pdbx_plasmid_name          ? 
_entity_src_nat.pdbx_plasmid_details       ? 
_entity_src_nat.details                    ? 
# 
_struct_ref.id                         1 
_struct_ref.db_name                    UNP 
_struct_ref.db_code                    A7NNM5_ROSCS 
_struct_ref.pdbx_db_accession          A7NNM5 
_struct_ref.pdbx_db_isoform            ? 
_struct_ref.entity_id                  1 
_struct_ref.pdbx_seq_one_letter_code   
;GGGGGASTTIEIASDGENLAYDKKEFTVPTGQTITVTFKNTSTAQQHNIVIVKGGEDVAAKVDEEAINAGPPDFLPADRT
NIIAATKMLGPGGSETITFTAPAPGTYVFLCTYPAHYAGGMKGVMTVAP
;
_struct_ref.pdbx_align_begin           31 
# 
_struct_ref_seq.align_id                      1 
_struct_ref_seq.ref_id                        1 
_struct_ref_seq.pdbx_PDB_id_code              6L9S 
_struct_ref_seq.pdbx_strand_id                A 
_struct_ref_seq.seq_align_beg                 1 
_struct_ref_seq.pdbx_seq_align_beg_ins_code   ? 
_struct_ref_seq.seq_align_end                 129 
_struct_ref_seq.pdbx_seq_align_end_ins_code   ? 
_struct_ref_seq.pdbx_db_accession             A7NNM5 
_struct_ref_seq.db_align_beg                  31 
_struct_ref_seq.pdbx_db_align_beg_ins_code    ? 
_struct_ref_seq.db_align_end                  159 
_struct_ref_seq.pdbx_db_align_end_ins_code    ? 
_struct_ref_seq.pdbx_auth_seq_align_beg       31 
_struct_ref_seq.pdbx_auth_seq_align_end       159 
# 
loop_
_chem_comp.id 
_chem_comp.type 
_chem_comp.mon_nstd_flag 
_chem_comp.name 
_chem_comp.pdbx_synonyms 
_chem_comp.formula 
_chem_comp.formula_weight 
ALA 'L-peptide linking' y ALANINE          ? 'C3 H7 N O2'     89.093  
ARG 'L-peptide linking' y ARGININE         ? 'C6 H15 N4 O2 1' 175.209 
ASN 'L-peptide linking' y ASPARAGINE       ? 'C4 H8 N2 O3'    132.118 
ASP 'L-peptide linking' y 'ASPARTIC ACID'  ? 'C4 H7 N O4'     133.103 
CU1 non-polymer         . 'COPPER (I) ION' ? 'Cu 1'           63.546  
CYS 'L-peptide linking' y CYSTEINE         ? 'C3 H7 N O2 S'   121.158 
GLN 'L-peptide linking' y GLUTAMINE        ? 'C5 H10 N2 O3'   146.144 
GLU 'L-peptide linking' y 'GLUTAMIC ACID'  ? 'C5 H9 N O4'     147.129 
GLY 'peptide linking'   y GLYCINE          ? 'C2 H5 N O2'     75.067  
HIS 'L-peptide linking' y HISTIDINE        ? 'C6 H10 N3 O2 1' 156.162 
HOH non-polymer         . WATER            ? 'H2 O'           18.015  
ILE 'L-peptide linking' y ISOLEUCINE       ? 'C6 H13 N O2'    131.173 
LEU 'L-peptide linking' y LEUCINE          ? 'C6 H13 N O2'    131.173 
LYS 'L-peptide linking' y LYSINE           ? 'C6 H15 N2 O2 1' 147.195 
MET 'L-peptide linking' y METHIONINE       ? 'C5 H11 N O2 S'  149.211 
PHE 'L-peptide linking' y PHENYLALANINE    ? 'C9 H11 N O2'    165.189 
PRO 'L-peptide linking' y PROLINE          ? 'C5 H9 N O2'     115.130 
SER 'L-peptide linking' y SERINE           ? 'C3 H7 N O3'     105.093 
THR 'L-peptide linking' y THREONINE        ? 'C4 H9 N O3'     119.119 
TYR 'L-peptide linking' y TYROSINE         ? 'C9 H11 N O3'    181.189 
VAL 'L-peptide linking' y VALINE           ? 'C5 H11 N O2'    117.146 
# 
_exptl.absorpt_coefficient_mu     ? 
_exptl.absorpt_correction_T_max   ? 
_exptl.absorpt_correction_T_min   ? 
_exptl.absorpt_correction_type    ? 
_exptl.absorpt_process_details    ? 
_exptl.entry_id                   6L9S 
_exptl.crystals_number            1 
_exptl.details                    ? 
_exptl.method                     'X-RAY DIFFRACTION' 
_exptl.method_details             ? 
# 
_exptl_crystal.colour                      ? 
_exptl_crystal.density_diffrn              ? 
_exptl_crystal.density_Matthews            2.19 
_exptl_crystal.density_method              ? 
_exptl_crystal.density_percent_sol         43.88 
_exptl_crystal.description                 ? 
_exptl_crystal.F_000                       ? 
_exptl_crystal.id                          1 
_exptl_crystal.preparation                 ? 
_exptl_crystal.size_max                    ? 
_exptl_crystal.size_mid                    ? 
_exptl_crystal.size_min                    ? 
_exptl_crystal.size_rad                    ? 
_exptl_crystal.colour_lustre               ? 
_exptl_crystal.colour_modifier             ? 
_exptl_crystal.colour_primary              ? 
_exptl_crystal.density_meas                ? 
_exptl_crystal.density_meas_esd            ? 
_exptl_crystal.density_meas_gt             ? 
_exptl_crystal.density_meas_lt             ? 
_exptl_crystal.density_meas_temp           ? 
_exptl_crystal.density_meas_temp_esd       ? 
_exptl_crystal.density_meas_temp_gt        ? 
_exptl_crystal.density_meas_temp_lt        ? 
_exptl_crystal.pdbx_crystal_image_url      ? 
_exptl_crystal.pdbx_crystal_image_format   ? 
_exptl_crystal.pdbx_mosaicity              ? 
_exptl_crystal.pdbx_mosaicity_esd          ? 
# 
_exptl_crystal_grow.apparatus       ? 
_exptl_crystal_grow.atmosphere      ? 
_exptl_crystal_grow.crystal_id      1 
_exptl_crystal_grow.details         ? 
_exptl_crystal_grow.method          'VAPOR DIFFUSION, HANGING DROP' 
_exptl_crystal_grow.method_ref      ? 
_exptl_crystal_grow.pH              8.0 
_exptl_crystal_grow.pressure        ? 
_exptl_crystal_grow.pressure_esd    ? 
_exptl_crystal_grow.seeding         ? 
_exptl_crystal_grow.seeding_ref     ? 
_exptl_crystal_grow.temp            289 
_exptl_crystal_grow.temp_details    ? 
_exptl_crystal_grow.temp_esd        ? 
_exptl_crystal_grow.time            ? 
_exptl_crystal_grow.pdbx_details    
;1.3M Sodium citrate, 0.05M Tris-Cl, adding 0.3M  Na-dithionite in the crystal drop of air-oxidized auracyanin to obtain the reduced crystals
;
_exptl_crystal_grow.pdbx_pH_range   ? 
# 
_diffrn.ambient_environment              ? 
_diffrn.ambient_temp                     100 
_diffrn.ambient_temp_details             ? 
_diffrn.ambient_temp_esd                 ? 
_diffrn.crystal_id                       1 
_diffrn.crystal_support                  ? 
_diffrn.crystal_treatment                ? 
_diffrn.details                          ? 
_diffrn.id                               1 
_diffrn.ambient_pressure                 ? 
_diffrn.ambient_pressure_esd             ? 
_diffrn.ambient_pressure_gt              ? 
_diffrn.ambient_pressure_lt              ? 
_diffrn.ambient_temp_gt                  ? 
_diffrn.ambient_temp_lt                  ? 
_diffrn.pdbx_serial_crystal_experiment   N 
# 
_diffrn_detector.details                      ? 
_diffrn_detector.detector                     CCD 
_diffrn_detector.diffrn_id                    1 
_diffrn_detector.type                         'ADSC QUANTUM 315r' 
_diffrn_detector.area_resol_mean              ? 
_diffrn_detector.dtime                        ? 
_diffrn_detector.pdbx_frames_total            ? 
_diffrn_detector.pdbx_collection_time_total   ? 
_diffrn_detector.pdbx_collection_date         2019-05-24 
_diffrn_detector.pdbx_frequency               ? 
# 
_diffrn_radiation.collimation                      ? 
_diffrn_radiation.diffrn_id                        1 
_diffrn_radiation.filter_edge                      ? 
_diffrn_radiation.inhomogeneity                    ? 
_diffrn_radiation.monochromator                    ? 
_diffrn_radiation.polarisn_norm                    ? 
_diffrn_radiation.polarisn_ratio                   ? 
_diffrn_radiation.probe                            ? 
_diffrn_radiation.type                             ? 
_diffrn_radiation.xray_symbol                      ? 
_diffrn_radiation.wavelength_id                    1 
_diffrn_radiation.pdbx_monochromatic_or_laue_m_l   M 
_diffrn_radiation.pdbx_wavelength_list             ? 
_diffrn_radiation.pdbx_wavelength                  ? 
_diffrn_radiation.pdbx_diffrn_protocol             'SINGLE WAVELENGTH' 
_diffrn_radiation.pdbx_analyzer                    ? 
_diffrn_radiation.pdbx_scattering_type             x-ray 
# 
_diffrn_radiation_wavelength.id           1 
_diffrn_radiation_wavelength.wavelength   0.97853 
_diffrn_radiation_wavelength.wt           1.0 
# 
_diffrn_source.current                     ? 
_diffrn_source.details                     ? 
_diffrn_source.diffrn_id                   1 
_diffrn_source.power                       ? 
_diffrn_source.size                        ? 
_diffrn_source.source                      SYNCHROTRON 
_diffrn_source.target                      ? 
_diffrn_source.type                        'SSRF BEAMLINE BL19U1' 
_diffrn_source.voltage                     ? 
_diffrn_source.take-off_angle              ? 
_diffrn_source.pdbx_wavelength_list        0.97853 
_diffrn_source.pdbx_wavelength             ? 
_diffrn_source.pdbx_synchrotron_beamline   BL19U1 
_diffrn_source.pdbx_synchrotron_site       SSRF 
# 
_reflns.B_iso_Wilson_estimate            20.04 
_reflns.entry_id                         6L9S 
_reflns.data_reduction_details           ? 
_reflns.data_reduction_method            ? 
_reflns.d_resolution_high                2 
_reflns.d_resolution_low                 43.08 
_reflns.details                          ? 
_reflns.limit_h_max                      ? 
_reflns.limit_h_min                      ? 
_reflns.limit_k_max                      ? 
_reflns.limit_k_min                      ? 
_reflns.limit_l_max                      ? 
_reflns.limit_l_min                      ? 
_reflns.number_all                       ? 
_reflns.number_obs                       8318 
_reflns.observed_criterion               ? 
_reflns.observed_criterion_F_max         ? 
_reflns.observed_criterion_F_min         ? 
_reflns.observed_criterion_I_max         ? 
_reflns.observed_criterion_I_min         ? 
_reflns.observed_criterion_sigma_F       ? 
_reflns.observed_criterion_sigma_I       ? 
_reflns.percent_possible_obs             99.9 
_reflns.R_free_details                   ? 
_reflns.Rmerge_F_all                     ? 
_reflns.Rmerge_F_obs                     ? 
_reflns.Friedel_coverage                 ? 
_reflns.number_gt                        ? 
_reflns.threshold_expression             ? 
_reflns.pdbx_redundancy                  6.1 
_reflns.pdbx_Rmerge_I_obs                ? 
_reflns.pdbx_Rmerge_I_all                ? 
_reflns.pdbx_Rsym_value                  ? 
_reflns.pdbx_netI_over_av_sigmaI         ? 
_reflns.pdbx_netI_over_sigmaI            15.23 
_reflns.pdbx_res_netI_over_av_sigmaI_2   ? 
_reflns.pdbx_res_netI_over_sigmaI_2      ? 
_reflns.pdbx_chi_squared                 0.582 
_reflns.pdbx_scaling_rejects             ? 
_reflns.pdbx_d_res_high_opt              ? 
_reflns.pdbx_d_res_low_opt               ? 
_reflns.pdbx_d_res_opt_method            ? 
_reflns.phase_calculation_details        ? 
_reflns.pdbx_Rrim_I_all                  0.099 
_reflns.pdbx_Rpim_I_all                  0.040 
_reflns.pdbx_d_opt                       ? 
_reflns.pdbx_number_measured_all         ? 
_reflns.pdbx_diffrn_id                   1 
_reflns.pdbx_ordinal                     1 
_reflns.pdbx_CC_half                     0.991 
_reflns.pdbx_CC_star                     ? 
_reflns.pdbx_R_split                     ? 
# 
_reflns_shell.d_res_high                  2.0 
_reflns_shell.d_res_low                   2.03 
_reflns_shell.meanI_over_sigI_all         ? 
_reflns_shell.meanI_over_sigI_obs         4.2 
_reflns_shell.number_measured_all         ? 
_reflns_shell.number_measured_obs         ? 
_reflns_shell.number_possible             ? 
_reflns_shell.number_unique_all           ? 
_reflns_shell.number_unique_obs           396 
_reflns_shell.percent_possible_all        99.0 
_reflns_shell.percent_possible_obs        ? 
_reflns_shell.Rmerge_F_all                ? 
_reflns_shell.Rmerge_F_obs                ? 
_reflns_shell.Rmerge_I_all                ? 
_reflns_shell.Rmerge_I_obs                ? 
_reflns_shell.meanI_over_sigI_gt          ? 
_reflns_shell.meanI_over_uI_all           ? 
_reflns_shell.meanI_over_uI_gt            ? 
_reflns_shell.number_measured_gt          ? 
_reflns_shell.number_unique_gt            ? 
_reflns_shell.percent_possible_gt         ? 
_reflns_shell.Rmerge_F_gt                 ? 
_reflns_shell.Rmerge_I_gt                 ? 
_reflns_shell.pdbx_redundancy             5.6 
_reflns_shell.pdbx_Rsym_value             ? 
_reflns_shell.pdbx_chi_squared            0.741 
_reflns_shell.pdbx_netI_over_sigmaI_all   ? 
_reflns_shell.pdbx_netI_over_sigmaI_obs   ? 
_reflns_shell.pdbx_Rrim_I_all             0.382 
_reflns_shell.pdbx_Rpim_I_all             0.158 
_reflns_shell.pdbx_rejects                ? 
_reflns_shell.pdbx_ordinal                1 
_reflns_shell.pdbx_diffrn_id              1 
_reflns_shell.pdbx_CC_half                0.941 
_reflns_shell.pdbx_CC_star                ? 
_reflns_shell.pdbx_R_split                ? 
# 
_refine.aniso_B[1][1]                            2.6200 
_refine.aniso_B[1][2]                            0.0000 
_refine.aniso_B[1][3]                            -0.0000 
_refine.aniso_B[2][2]                            -1.5500 
_refine.aniso_B[2][3]                            0.0000 
_refine.aniso_B[3][3]                            -1.0700 
_refine.B_iso_max                                41.980 
_refine.B_iso_mean                               21.6850 
_refine.B_iso_min                                14.630 
_refine.correlation_coeff_Fo_to_Fc               0.9540 
_refine.correlation_coeff_Fo_to_Fc_free          0.9250 
_refine.details                                  
'HYDROGENS HAVE BEEN ADDED IN THE RIDING POSITIONS U VALUES      : REFINED INDIVIDUALLY' 
_refine.diff_density_max                         ? 
_refine.diff_density_max_esd                     ? 
_refine.diff_density_min                         ? 
_refine.diff_density_min_esd                     ? 
_refine.diff_density_rms                         ? 
_refine.diff_density_rms_esd                     ? 
_refine.entry_id                                 6L9S 
_refine.pdbx_refine_id                           'X-RAY DIFFRACTION' 
_refine.ls_abs_structure_details                 ? 
_refine.ls_abs_structure_Flack                   ? 
_refine.ls_abs_structure_Flack_esd               ? 
_refine.ls_abs_structure_Rogers                  ? 
_refine.ls_abs_structure_Rogers_esd              ? 
_refine.ls_d_res_high                            2.0000 
_refine.ls_d_res_low                             43.0800 
_refine.ls_extinction_coef                       ? 
_refine.ls_extinction_coef_esd                   ? 
_refine.ls_extinction_expression                 ? 
_refine.ls_extinction_method                     ? 
_refine.ls_goodness_of_fit_all                   ? 
_refine.ls_goodness_of_fit_all_esd               ? 
_refine.ls_goodness_of_fit_obs                   ? 
_refine.ls_goodness_of_fit_obs_esd               ? 
_refine.ls_hydrogen_treatment                    ? 
_refine.ls_matrix_type                           ? 
_refine.ls_number_constraints                    ? 
_refine.ls_number_parameters                     ? 
_refine.ls_number_reflns_all                     ? 
_refine.ls_number_reflns_obs                     7889 
_refine.ls_number_reflns_R_free                  398 
_refine.ls_number_reflns_R_work                  ? 
_refine.ls_number_restraints                     ? 
_refine.ls_percent_reflns_obs                    99.5900 
_refine.ls_percent_reflns_R_free                 4.8000 
_refine.ls_R_factor_all                          ? 
_refine.ls_R_factor_obs                          0.1793 
_refine.ls_R_factor_R_free                       0.2187 
_refine.ls_R_factor_R_free_error                 ? 
_refine.ls_R_factor_R_free_error_details         ? 
_refine.ls_R_factor_R_work                       0.1773 
_refine.ls_R_Fsqd_factor_obs                     ? 
_refine.ls_R_I_factor_obs                        ? 
_refine.ls_redundancy_reflns_all                 ? 
_refine.ls_redundancy_reflns_obs                 ? 
_refine.ls_restrained_S_all                      ? 
_refine.ls_restrained_S_obs                      ? 
_refine.ls_shift_over_esd_max                    ? 
_refine.ls_shift_over_esd_mean                   ? 
_refine.ls_structure_factor_coef                 ? 
_refine.ls_weighting_details                     ? 
_refine.ls_weighting_scheme                      ? 
_refine.ls_wR_factor_all                         ? 
_refine.ls_wR_factor_obs                         ? 
_refine.ls_wR_factor_R_free                      ? 
_refine.ls_wR_factor_R_work                      ? 
_refine.occupancy_max                            ? 
_refine.occupancy_min                            ? 
_refine.solvent_model_details                    MASK 
_refine.solvent_model_param_bsol                 ? 
_refine.solvent_model_param_ksol                 ? 
_refine.pdbx_R_complete                          ? 
_refine.ls_R_factor_gt                           ? 
_refine.ls_goodness_of_fit_gt                    ? 
_refine.ls_goodness_of_fit_ref                   ? 
_refine.ls_shift_over_su_max                     ? 
_refine.ls_shift_over_su_max_lt                  ? 
_refine.ls_shift_over_su_mean                    ? 
_refine.ls_shift_over_su_mean_lt                 ? 
_refine.pdbx_ls_sigma_I                          ? 
_refine.pdbx_ls_sigma_F                          0.000 
_refine.pdbx_ls_sigma_Fsqd                       ? 
_refine.pdbx_data_cutoff_high_absF               ? 
_refine.pdbx_data_cutoff_high_rms_absF           ? 
_refine.pdbx_data_cutoff_low_absF                ? 
_refine.pdbx_isotropic_thermal_model             ? 
_refine.pdbx_ls_cross_valid_method               THROUGHOUT 
_refine.pdbx_method_to_determine_struct          'MOLECULAR REPLACEMENT' 
_refine.pdbx_starting_model                      6KOL 
_refine.pdbx_stereochemistry_target_values       'MAXIMUM LIKELIHOOD' 
_refine.pdbx_R_Free_selection_details            RANDOM 
_refine.pdbx_stereochem_target_val_spec_case     ? 
_refine.pdbx_overall_ESU_R                       0.1820 
_refine.pdbx_overall_ESU_R_Free                  0.1580 
_refine.pdbx_solvent_vdw_probe_radii             1.2000 
_refine.pdbx_solvent_ion_probe_radii             0.8000 
_refine.pdbx_solvent_shrinkage_radii             0.8000 
_refine.pdbx_real_space_R                        ? 
_refine.pdbx_density_correlation                 ? 
_refine.pdbx_pd_number_of_powder_patterns        ? 
_refine.pdbx_pd_number_of_points                 ? 
_refine.pdbx_pd_meas_number_of_points            ? 
_refine.pdbx_pd_proc_ls_prof_R_factor            ? 
_refine.pdbx_pd_proc_ls_prof_wR_factor           ? 
_refine.pdbx_pd_Marquardt_correlation_coeff      ? 
_refine.pdbx_pd_Fsqrd_R_factor                   ? 
_refine.pdbx_pd_ls_matrix_band_width             ? 
_refine.pdbx_overall_phase_error                 ? 
_refine.pdbx_overall_SU_R_free_Cruickshank_DPI   ? 
_refine.pdbx_overall_SU_R_free_Blow_DPI          ? 
_refine.pdbx_overall_SU_R_Blow_DPI               ? 
_refine.pdbx_TLS_residual_ADP_flag               ? 
_refine.pdbx_diffrn_id                           1 
_refine.overall_SU_B                             3.9410 
_refine.overall_SU_ML                            0.1100 
_refine.overall_SU_R_Cruickshank_DPI             ? 
_refine.overall_SU_R_free                        ? 
_refine.overall_FOM_free_R_set                   ? 
_refine.overall_FOM_work_R_set                   ? 
_refine.pdbx_average_fsc_overall                 ? 
_refine.pdbx_average_fsc_work                    ? 
_refine.pdbx_average_fsc_free                    ? 
# 
_refine_hist.pdbx_refine_id                   'X-RAY DIFFRACTION' 
_refine_hist.cycle_id                         final 
_refine_hist.details                          ? 
_refine_hist.d_res_high                       2.0000 
_refine_hist.d_res_low                        43.0800 
_refine_hist.number_atoms_solvent             76 
_refine_hist.number_atoms_total               987 
_refine_hist.number_reflns_all                ? 
_refine_hist.number_reflns_obs                ? 
_refine_hist.number_reflns_R_free             ? 
_refine_hist.number_reflns_R_work             ? 
_refine_hist.R_factor_all                     ? 
_refine_hist.R_factor_obs                     ? 
_refine_hist.R_factor_R_free                  ? 
_refine_hist.R_factor_R_work                  ? 
_refine_hist.pdbx_number_residues_total       125 
_refine_hist.pdbx_B_iso_mean_ligand           19.68 
_refine_hist.pdbx_B_iso_mean_solvent          27.19 
_refine_hist.pdbx_number_atoms_protein        910 
_refine_hist.pdbx_number_atoms_nucleic_acid   0 
_refine_hist.pdbx_number_atoms_ligand         1 
_refine_hist.pdbx_number_atoms_lipid          ? 
_refine_hist.pdbx_number_atoms_carb           ? 
_refine_hist.pdbx_pseudo_atom_details         ? 
# 
loop_
_refine_ls_restr.pdbx_refine_id 
_refine_ls_restr.criterion 
_refine_ls_restr.dev_ideal 
_refine_ls_restr.dev_ideal_target 
_refine_ls_restr.number 
_refine_ls_restr.rejects 
_refine_ls_restr.type 
_refine_ls_restr.weight 
_refine_ls_restr.pdbx_restraint_function 
'X-RAY DIFFRACTION' ? 0.004  0.014  929  ? r_bond_refined_d       ? ? 
'X-RAY DIFFRACTION' ? 0.001  0.017  850  ? r_bond_other_d         ? ? 
'X-RAY DIFFRACTION' ? 0.923  1.673  1268 ? r_angle_refined_deg    ? ? 
'X-RAY DIFFRACTION' ? 0.804  1.640  1988 ? r_angle_other_deg      ? ? 
'X-RAY DIFFRACTION' ? 6.537  5.000  124  ? r_dihedral_angle_1_deg ? ? 
'X-RAY DIFFRACTION' ? 42.163 25.588 34   ? r_dihedral_angle_2_deg ? ? 
'X-RAY DIFFRACTION' ? 11.263 15.000 139  ? r_dihedral_angle_3_deg ? ? 
'X-RAY DIFFRACTION' ? 18.019 15.000 1    ? r_dihedral_angle_4_deg ? ? 
'X-RAY DIFFRACTION' ? 0.040  0.200  138  ? r_chiral_restr         ? ? 
'X-RAY DIFFRACTION' ? 0.004  0.020  1043 ? r_gen_planes_refined   ? ? 
'X-RAY DIFFRACTION' ? 0.001  0.020  161  ? r_gen_planes_other     ? ? 
# 
_refine_ls_shell.pdbx_refine_id                   'X-RAY DIFFRACTION' 
_refine_ls_shell.d_res_high                       2 
_refine_ls_shell.d_res_low                        2.0510 
_refine_ls_shell.number_reflns_all                ? 
_refine_ls_shell.number_reflns_obs                ? 
_refine_ls_shell.number_reflns_R_free             37 
_refine_ls_shell.number_reflns_R_work             548 
_refine_ls_shell.percent_reflns_obs               95.4300 
_refine_ls_shell.percent_reflns_R_free            ? 
_refine_ls_shell.R_factor_all                     ? 
_refine_ls_shell.R_factor_obs                     ? 
_refine_ls_shell.R_factor_R_free                  0.2610 
_refine_ls_shell.R_factor_R_free_error            0.0000 
_refine_ls_shell.R_factor_R_work                  0.1870 
_refine_ls_shell.redundancy_reflns_all            ? 
_refine_ls_shell.redundancy_reflns_obs            ? 
_refine_ls_shell.wR_factor_all                    ? 
_refine_ls_shell.wR_factor_obs                    ? 
_refine_ls_shell.wR_factor_R_free                 ? 
_refine_ls_shell.wR_factor_R_work                 ? 
_refine_ls_shell.pdbx_R_complete                  ? 
_refine_ls_shell.pdbx_total_number_of_bins_used   ? 
_refine_ls_shell.pdbx_phase_error                 ? 
_refine_ls_shell.pdbx_fsc_work                    ? 
_refine_ls_shell.pdbx_fsc_free                    ? 
# 
_struct.entry_id                     6L9S 
_struct.title                        
'Crystal structure of Na-dithionite reduced auracyanin from photosynthetic bacterium Roseiflexus castenholzii' 
_struct.pdbx_model_details           ? 
_struct.pdbx_formula_weight          ? 
_struct.pdbx_formula_weight_method   ? 
_struct.pdbx_model_type_details      ? 
_struct.pdbx_CASP_flag               N 
# 
_struct_keywords.entry_id        6L9S 
_struct_keywords.text            
'Auracyanin, Roseiflexus castenholzii, Electron transfer, Na-dithionite reduced, Blue copper protein, METAL BINDING PROTEIN' 
_struct_keywords.pdbx_keywords   'METAL BINDING PROTEIN' 
# 
loop_
_struct_asym.id 
_struct_asym.pdbx_blank_PDB_chainid_flag 
_struct_asym.pdbx_modified 
_struct_asym.entity_id 
_struct_asym.details 
A N N 1 ? 
B N N 2 ? 
C N N 3 ? 
# 
_struct_conf.conf_type_id            HELX_P 
_struct_conf.id                      HELX_P1 
_struct_conf.pdbx_PDB_helix_id       AA1 
_struct_conf.beg_label_comp_id       GLY 
_struct_conf.beg_label_asym_id       A 
_struct_conf.beg_label_seq_id        55 
_struct_conf.pdbx_beg_PDB_ins_code   ? 
_struct_conf.end_label_comp_id       GLY 
_struct_conf.end_label_asym_id       A 
_struct_conf.end_label_seq_id        70 
_struct_conf.pdbx_end_PDB_ins_code   ? 
_struct_conf.beg_auth_comp_id        GLY 
_struct_conf.beg_auth_asym_id        A 
_struct_conf.beg_auth_seq_id         85 
_struct_conf.end_auth_comp_id        GLY 
_struct_conf.end_auth_asym_id        A 
_struct_conf.end_auth_seq_id         100 
_struct_conf.pdbx_PDB_helix_class    1 
_struct_conf.details                 ? 
_struct_conf.pdbx_PDB_helix_length   16 
# 
_struct_conf_type.id          HELX_P 
_struct_conf_type.criteria    ? 
_struct_conf_type.reference   ? 
# 
loop_
_struct_conn.id 
_struct_conn.conn_type_id 
_struct_conn.pdbx_leaving_atom_flag 
_struct_conn.pdbx_PDB_id 
_struct_conn.ptnr1_label_asym_id 
_struct_conn.ptnr1_label_comp_id 
_struct_conn.ptnr1_label_seq_id 
_struct_conn.ptnr1_label_atom_id 
_struct_conn.pdbx_ptnr1_label_alt_id 
_struct_conn.pdbx_ptnr1_PDB_ins_code 
_struct_conn.pdbx_ptnr1_standard_comp_id 
_struct_conn.ptnr1_symmetry 
_struct_conn.ptnr2_label_asym_id 
_struct_conn.ptnr2_label_comp_id 
_struct_conn.ptnr2_label_seq_id 
_struct_conn.ptnr2_label_atom_id 
_struct_conn.pdbx_ptnr2_label_alt_id 
_struct_conn.pdbx_ptnr2_PDB_ins_code 
_struct_conn.ptnr1_auth_asym_id 
_struct_conn.ptnr1_auth_comp_id 
_struct_conn.ptnr1_auth_seq_id 
_struct_conn.ptnr2_auth_asym_id 
_struct_conn.ptnr2_auth_comp_id 
_struct_conn.ptnr2_auth_seq_id 
_struct_conn.ptnr2_symmetry 
_struct_conn.pdbx_ptnr3_label_atom_id 
_struct_conn.pdbx_ptnr3_label_seq_id 
_struct_conn.pdbx_ptnr3_label_comp_id 
_struct_conn.pdbx_ptnr3_label_asym_id 
_struct_conn.pdbx_ptnr3_label_alt_id 
_struct_conn.pdbx_ptnr3_PDB_ins_code 
_struct_conn.details 
_struct_conn.pdbx_dist_value 
_struct_conn.pdbx_value_order 
_struct_conn.pdbx_role 
metalc1 metalc ? ? A HIS 47  ND1 ? ? ? 1_555 B CU1 . CU ? ? A HIS 77  A CU1 201 1_555 ? ? ? ? ? ? ? 1.999 ? ? 
metalc2 metalc ? ? A CYS 111 SG  ? ? ? 1_555 B CU1 . CU ? ? A CYS 141 A CU1 201 1_555 ? ? ? ? ? ? ? 2.223 ? ? 
metalc3 metalc ? ? A HIS 116 ND1 ? ? ? 1_555 B CU1 . CU ? ? A HIS 146 A CU1 201 1_555 ? ? ? ? ? ? ? 2.099 ? ? 
# 
_struct_conn_type.id          metalc 
_struct_conn_type.criteria    ? 
_struct_conn_type.reference   ? 
# 
_struct_mon_prot_cis.pdbx_id                1 
_struct_mon_prot_cis.label_comp_id          PRO 
_struct_mon_prot_cis.label_seq_id           71 
_struct_mon_prot_cis.label_asym_id          A 
_struct_mon_prot_cis.label_alt_id           . 
_struct_mon_prot_cis.pdbx_PDB_ins_code      ? 
_struct_mon_prot_cis.auth_comp_id           PRO 
_struct_mon_prot_cis.auth_seq_id            101 
_struct_mon_prot_cis.auth_asym_id           A 
_struct_mon_prot_cis.pdbx_label_comp_id_2   PRO 
_struct_mon_prot_cis.pdbx_label_seq_id_2    72 
_struct_mon_prot_cis.pdbx_label_asym_id_2   A 
_struct_mon_prot_cis.pdbx_PDB_ins_code_2    ? 
_struct_mon_prot_cis.pdbx_auth_comp_id_2    PRO 
_struct_mon_prot_cis.pdbx_auth_seq_id_2     102 
_struct_mon_prot_cis.pdbx_auth_asym_id_2    A 
_struct_mon_prot_cis.pdbx_PDB_model_num     1 
_struct_mon_prot_cis.pdbx_omega_angle       11.21 
# 
loop_
_struct_sheet.id 
_struct_sheet.type 
_struct_sheet.number_strands 
_struct_sheet.details 
AA1 ? 3 ? 
AA2 ? 5 ? 
# 
loop_
_struct_sheet_order.sheet_id 
_struct_sheet_order.range_id_1 
_struct_sheet_order.range_id_2 
_struct_sheet_order.offset 
_struct_sheet_order.sense 
AA1 1 2 ? parallel      
AA1 2 3 ? anti-parallel 
AA2 1 2 ? parallel      
AA2 2 3 ? anti-parallel 
AA2 3 4 ? anti-parallel 
AA2 4 5 ? anti-parallel 
# 
loop_
_struct_sheet_range.sheet_id 
_struct_sheet_range.id 
_struct_sheet_range.beg_label_comp_id 
_struct_sheet_range.beg_label_asym_id 
_struct_sheet_range.beg_label_seq_id 
_struct_sheet_range.pdbx_beg_PDB_ins_code 
_struct_sheet_range.end_label_comp_id 
_struct_sheet_range.end_label_asym_id 
_struct_sheet_range.end_label_seq_id 
_struct_sheet_range.pdbx_end_PDB_ins_code 
_struct_sheet_range.beg_auth_comp_id 
_struct_sheet_range.beg_auth_asym_id 
_struct_sheet_range.beg_auth_seq_id 
_struct_sheet_range.end_auth_comp_id 
_struct_sheet_range.end_auth_asym_id 
_struct_sheet_range.end_auth_seq_id 
AA1 1 THR A 9   ? ALA A 13  ? THR A 39  ALA A 43  
AA1 2 THR A 33  ? LYS A 39  ? THR A 63  LYS A 69  
AA1 3 SER A 94  ? THR A 100 ? SER A 124 THR A 130 
AA2 1 GLU A 25  ? PRO A 29  ? GLU A 55  PRO A 59  
AA2 2 LYS A 122 ? ALA A 128 ? LYS A 152 ALA A 158 
AA2 3 GLY A 105 ? LEU A 110 ? GLY A 135 LEU A 140 
AA2 4 VAL A 50  ? VAL A 52  ? VAL A 80  VAL A 82  
AA2 5 ILE A 82  ? ALA A 85  ? ILE A 112 ALA A 115 
# 
loop_
_pdbx_struct_sheet_hbond.sheet_id 
_pdbx_struct_sheet_hbond.range_id_1 
_pdbx_struct_sheet_hbond.range_id_2 
_pdbx_struct_sheet_hbond.range_1_label_atom_id 
_pdbx_struct_sheet_hbond.range_1_label_comp_id 
_pdbx_struct_sheet_hbond.range_1_label_asym_id 
_pdbx_struct_sheet_hbond.range_1_label_seq_id 
_pdbx_struct_sheet_hbond.range_1_PDB_ins_code 
_pdbx_struct_sheet_hbond.range_1_auth_atom_id 
_pdbx_struct_sheet_hbond.range_1_auth_comp_id 
_pdbx_struct_sheet_hbond.range_1_auth_asym_id 
_pdbx_struct_sheet_hbond.range_1_auth_seq_id 
_pdbx_struct_sheet_hbond.range_2_label_atom_id 
_pdbx_struct_sheet_hbond.range_2_label_comp_id 
_pdbx_struct_sheet_hbond.range_2_label_asym_id 
_pdbx_struct_sheet_hbond.range_2_label_seq_id 
_pdbx_struct_sheet_hbond.range_2_PDB_ins_code 
_pdbx_struct_sheet_hbond.range_2_auth_atom_id 
_pdbx_struct_sheet_hbond.range_2_auth_comp_id 
_pdbx_struct_sheet_hbond.range_2_auth_asym_id 
_pdbx_struct_sheet_hbond.range_2_auth_seq_id 
AA1 1 2 N ILE A 10  ? N ILE A 40  O THR A 35  ? O THR A 65  
AA1 2 3 N ILE A 34  ? N ILE A 64  O PHE A 99  ? O PHE A 129 
AA2 1 2 N VAL A 28  ? N VAL A 58  O ALA A 128 ? O ALA A 158 
AA2 2 3 O MET A 125 ? O MET A 155 N TYR A 107 ? N TYR A 137 
AA2 3 4 O VAL A 108 ? O VAL A 138 N VAL A 52  ? N VAL A 82  
AA2 4 5 N ILE A 51  ? N ILE A 81  O ALA A 84  ? O ALA A 114 
# 
_struct_site.id                   AC1 
_struct_site.pdbx_evidence_code   Software 
_struct_site.pdbx_auth_asym_id    A 
_struct_site.pdbx_auth_comp_id    CU1 
_struct_site.pdbx_auth_seq_id     201 
_struct_site.pdbx_auth_ins_code   ? 
_struct_site.pdbx_num_residues    5 
_struct_site.details              'binding site for residue CU1 A 201' 
# 
loop_
_struct_site_gen.id 
_struct_site_gen.site_id 
_struct_site_gen.pdbx_num_res 
_struct_site_gen.label_comp_id 
_struct_site_gen.label_asym_id 
_struct_site_gen.label_seq_id 
_struct_site_gen.pdbx_auth_ins_code 
_struct_site_gen.auth_comp_id 
_struct_site_gen.auth_asym_id 
_struct_site_gen.auth_seq_id 
_struct_site_gen.label_atom_id 
_struct_site_gen.label_alt_id 
_struct_site_gen.symmetry 
_struct_site_gen.details 
1 AC1 5 GLN A 46  ? GLN A 76  . ? 1_555 ? 
2 AC1 5 HIS A 47  ? HIS A 77  . ? 1_555 ? 
3 AC1 5 CYS A 111 ? CYS A 141 . ? 1_555 ? 
4 AC1 5 HIS A 116 ? HIS A 146 . ? 1_555 ? 
5 AC1 5 MET A 121 ? MET A 151 . ? 1_555 ? 
# 
_atom_sites.entry_id                    6L9S 
_atom_sites.Cartn_transf_matrix[1][1]   ? 
_atom_sites.Cartn_transf_matrix[1][2]   ? 
_atom_sites.Cartn_transf_matrix[1][3]   ? 
_atom_sites.Cartn_transf_matrix[2][1]   ? 
_atom_sites.Cartn_transf_matrix[2][2]   ? 
_atom_sites.Cartn_transf_matrix[2][3]   ? 
_atom_sites.Cartn_transf_matrix[3][1]   ? 
_atom_sites.Cartn_transf_matrix[3][2]   ? 
_atom_sites.Cartn_transf_matrix[3][3]   ? 
_atom_sites.Cartn_transf_vector[1]      ? 
_atom_sites.Cartn_transf_vector[2]      ? 
_atom_sites.Cartn_transf_vector[3]      ? 
_atom_sites.fract_transf_matrix[1][1]   -0.03007376 
_atom_sites.fract_transf_matrix[1][2]   -0.01084650 
_atom_sites.fract_transf_matrix[1][3]   0.00439039 
_atom_sites.fract_transf_matrix[2][1]   -0.00521087 
_atom_sites.fract_transf_matrix[2][2]   0.01610568 
_atom_sites.fract_transf_matrix[2][3]   0.00409522 
_atom_sites.fract_transf_matrix[3][1]   -0.00314958 
_atom_sites.fract_transf_matrix[3][2]   0.00274338 
_atom_sites.fract_transf_matrix[3][3]   -0.01479678 
_atom_sites.fract_transf_vector[1]      -0.404697 
_atom_sites.fract_transf_vector[2]      -0.250153 
_atom_sites.fract_transf_vector[3]      0.116809 
_atom_sites.solution_primary            ? 
_atom_sites.solution_secondary          ? 
_atom_sites.solution_hydrogens          ? 
_atom_sites.special_details             ? 
# 
loop_
_atom_type.symbol 
C  
CU 
N  
O  
S  
# 
loop_
_atom_site.group_PDB 
_atom_site.id 
_atom_site.type_symbol 
_atom_site.label_atom_id 
_atom_site.label_alt_id 
_atom_site.label_comp_id 
_atom_site.label_asym_id 
_atom_site.label_entity_id 
_atom_site.label_seq_id 
_atom_site.pdbx_PDB_ins_code 
_atom_site.Cartn_x 
_atom_site.Cartn_y 
_atom_site.Cartn_z 
_atom_site.occupancy 
_atom_site.B_iso_or_equiv 
_atom_site.pdbx_formal_charge 
_atom_site.auth_seq_id 
_atom_site.auth_comp_id 
_atom_site.auth_asym_id 
_atom_site.auth_atom_id 
_atom_site.pdbx_PDB_model_num 
ATOM   1   N  N   . GLY A 1 5   ? -7.087  -17.918 -7.321  1.00 38.42 ? 35  GLY A N   1 
ATOM   2   C  CA  . GLY A 1 5   ? -7.529  -16.544 -6.931  1.00 37.56 ? 35  GLY A CA  1 
ATOM   3   C  C   . GLY A 1 5   ? -6.510  -15.461 -7.263  1.00 35.43 ? 35  GLY A C   1 
ATOM   4   O  O   . GLY A 1 5   ? -6.811  -14.276 -7.115  1.00 37.62 ? 35  GLY A O   1 
ATOM   5   N  N   . ALA A 1 6   ? -5.311  -15.856 -7.712  1.00 33.19 ? 36  ALA A N   1 
ATOM   6   C  CA  . ALA A 1 6   ? -4.225  -14.926 -8.029  1.00 31.42 ? 36  ALA A CA  1 
ATOM   7   C  C   . ALA A 1 6   ? -4.567  -14.132 -9.299  1.00 30.50 ? 36  ALA A C   1 
ATOM   8   O  O   . ALA A 1 6   ? -5.027  -14.699 -10.291 1.00 30.00 ? 36  ALA A O   1 
ATOM   9   C  CB  . ALA A 1 6   ? -2.928  -15.685 -8.179  1.00 30.82 ? 36  ALA A CB  1 
ATOM   10  N  N   . SER A 1 7   ? -4.320  -12.816 -9.255  1.00 27.54 ? 37  SER A N   1 
ATOM   11  C  CA  . SER A 1 7   ? -4.590  -11.906 -10.357 1.00 26.38 ? 37  SER A CA  1 
ATOM   12  C  C   . SER A 1 7   ? -3.387  -10.979 -10.569 1.00 23.86 ? 37  SER A C   1 
ATOM   13  O  O   . SER A 1 7   ? -2.632  -10.718 -9.629  1.00 22.38 ? 37  SER A O   1 
ATOM   14  C  CB  . SER A 1 7   ? -5.851  -11.122 -10.100 1.00 27.48 ? 37  SER A CB  1 
ATOM   15  O  OG  . SER A 1 7   ? -6.084  -10.188 -11.146 1.00 29.86 ? 37  SER A OG  1 
ATOM   16  N  N   . THR A 1 8   ? -3.228  -10.488 -11.806 1.00 22.52 ? 38  THR A N   1 
ATOM   17  C  CA  . THR A 1 8   ? -2.168  -9.540  -12.159 1.00 22.78 ? 38  THR A CA  1 
ATOM   18  C  C   . THR A 1 8   ? -2.715  -8.107  -12.251 1.00 22.68 ? 38  THR A C   1 
ATOM   19  O  O   . THR A 1 8   ? -1.953  -7.183  -12.529 1.00 21.85 ? 38  THR A O   1 
ATOM   20  C  CB  . THR A 1 8   ? -1.487  -9.911  -13.481 1.00 22.15 ? 38  THR A CB  1 
ATOM   21  O  OG1 . THR A 1 8   ? -2.478  -9.862  -14.506 1.00 21.39 ? 38  THR A OG1 1 
ATOM   22  C  CG2 . THR A 1 8   ? -0.829  -11.274 -13.443 1.00 22.30 ? 38  THR A CG2 1 
ATOM   23  N  N   . THR A 1 9   ? -4.026  -7.938  -12.042 1.00 23.01 ? 39  THR A N   1 
ATOM   24  C  CA  . THR A 1 9   ? -4.681  -6.634  -12.086 1.00 23.71 ? 39  THR A CA  1 
ATOM   25  C  C   . THR A 1 9   ? -5.547  -6.482  -10.835 1.00 23.61 ? 39  THR A C   1 
ATOM   26  O  O   . THR A 1 9   ? -6.476  -7.254  -10.628 1.00 23.52 ? 39  THR A O   1 
ATOM   27  C  CB  . THR A 1 9   ? -5.540  -6.468  -13.345 1.00 25.00 ? 39  THR A CB  1 
ATOM   28  O  OG1 . THR A 1 9   ? -4.733  -6.802  -14.471 1.00 26.04 ? 39  THR A OG1 1 
ATOM   29  C  CG2 . THR A 1 9   ? -6.078  -5.062  -13.506 1.00 25.84 ? 39  THR A CG2 1 
ATOM   30  N  N   . ILE A 1 10  ? -5.225  -5.475  -10.020 1.00 22.67 ? 40  ILE A N   1 
ATOM   31  C  CA  . ILE A 1 10  ? -5.829  -5.300  -8.714  1.00 22.68 ? 40  ILE A CA  1 
ATOM   32  C  C   . ILE A 1 10  ? -6.400  -3.884  -8.643  1.00 22.06 ? 40  ILE A C   1 
ATOM   33  O  O   . ILE A 1 10  ? -5.728  -2.930  -9.015  1.00 21.73 ? 40  ILE A O   1 
ATOM   34  C  CB  . ILE A 1 10  ? -4.795  -5.551  -7.595  1.00 22.50 ? 40  ILE A CB  1 
ATOM   35  C  CG1 . ILE A 1 10  ? -4.095  -6.909  -7.734  1.00 22.57 ? 40  ILE A CG1 1 
ATOM   36  C  CG2 . ILE A 1 10  ? -5.432  -5.371  -6.224  1.00 22.76 ? 40  ILE A CG2 1 
ATOM   37  C  CD1 . ILE A 1 10  ? -4.993  -8.112  -7.517  1.00 22.21 ? 40  ILE A CD1 1 
ATOM   38  N  N   . GLU A 1 11  ? -7.647  -3.782  -8.180  1.00 22.17 ? 41  GLU A N   1 
ATOM   39  C  CA  . GLU A 1 11  ? -8.295  -2.516  -7.887  1.00 24.33 ? 41  GLU A CA  1 
ATOM   40  C  C   . GLU A 1 11  ? -8.595  -2.460  -6.388  1.00 23.08 ? 41  GLU A C   1 
ATOM   41  O  O   . GLU A 1 11  ? -9.164  -3.391  -5.830  1.00 22.66 ? 41  GLU A O   1 
ATOM   42  C  CB  . GLU A 1 11  ? -9.577  -2.359  -8.704  1.00 27.23 ? 41  GLU A CB  1 
ATOM   43  C  CG  . GLU A 1 11  ? -9.331  -1.940  -10.141 1.00 30.07 ? 41  GLU A CG  1 
ATOM   44  C  CD  . GLU A 1 11  ? -10.352 -0.947  -10.664 1.00 34.10 ? 41  GLU A CD  1 
ATOM   45  O  OE1 . GLU A 1 11  ? -10.136 0.281   -10.499 1.00 36.41 ? 41  GLU A OE1 1 
ATOM   46  O  OE2 . GLU A 1 11  ? -11.376 -1.404  -11.214 1.00 38.27 ? 41  GLU A OE2 1 
ATOM   47  N  N   . ILE A 1 12  ? -8.191  -1.359  -5.752  1.00 21.97 ? 42  ILE A N   1 
ATOM   48  C  CA  . ILE A 1 12  ? -8.360  -1.168  -4.323  1.00 20.99 ? 42  ILE A CA  1 
ATOM   49  C  C   . ILE A 1 12  ? -8.632  0.317   -4.066  1.00 21.19 ? 42  ILE A C   1 
ATOM   50  O  O   . ILE A 1 12  ? -8.200  1.170   -4.837  1.00 20.55 ? 42  ILE A O   1 
ATOM   51  C  CB  . ILE A 1 12  ? -7.129  -1.696  -3.557  1.00 20.26 ? 42  ILE A CB  1 
ATOM   52  C  CG1 . ILE A 1 12  ? -7.372  -1.739  -2.046  1.00 20.00 ? 42  ILE A CG1 1 
ATOM   53  C  CG2 . ILE A 1 12  ? -5.879  -0.902  -3.908  1.00 20.54 ? 42  ILE A CG2 1 
ATOM   54  C  CD1 . ILE A 1 12  ? -6.384  -2.595  -1.289  1.00 19.68 ? 42  ILE A CD1 1 
ATOM   55  N  N   . ALA A 1 13  ? -9.373  0.595   -2.988  1.00 21.02 ? 43  ALA A N   1 
ATOM   56  C  CA  . ALA A 1 13  ? -9.810  1.935   -2.651  1.00 21.09 ? 43  ALA A CA  1 
ATOM   57  C  C   . ALA A 1 13  ? -9.923  2.080   -1.132  1.00 21.29 ? 43  ALA A C   1 
ATOM   58  O  O   . ALA A 1 13  ? -10.038 1.091   -0.407  1.00 19.96 ? 43  ALA A O   1 
ATOM   59  C  CB  . ALA A 1 13  ? -11.135 2.219   -3.309  1.00 21.61 ? 43  ALA A CB  1 
ATOM   60  N  N   . SER A 1 14  ? -9.916  3.335   -0.672  1.00 21.29 ? 44  SER A N   1 
ATOM   61  C  CA  . SER A 1 14  ? -10.271 3.652   0.692   1.00 21.71 ? 44  SER A CA  1 
ATOM   62  C  C   . SER A 1 14  ? -11.740 3.278   0.924   1.00 22.25 ? 44  SER A C   1 
ATOM   63  O  O   . SER A 1 14  ? -12.537 3.313   -0.008  1.00 21.80 ? 44  SER A O   1 
ATOM   64  C  CB  . SER A 1 14  ? -10.024 5.106   0.997   1.00 21.63 ? 44  SER A CB  1 
ATOM   65  O  OG  . SER A 1 14  ? -10.723 5.941   0.089   1.00 21.08 ? 44  SER A OG  1 
ATOM   66  N  N   . ASP A 1 15  ? -12.062 2.922   2.171   1.00 23.32 ? 45  ASP A N   1 
ATOM   67  C  CA  . ASP A 1 15  ? -13.422 2.620   2.613   1.00 24.60 ? 45  ASP A CA  1 
ATOM   68  C  C   . ASP A 1 15  ? -14.129 3.924   3.016   1.00 25.18 ? 45  ASP A C   1 
ATOM   69  O  O   . ASP A 1 15  ? -14.309 4.205   4.206   1.00 25.04 ? 45  ASP A O   1 
ATOM   70  C  CB  . ASP A 1 15  ? -13.408 1.628   3.777   1.00 24.79 ? 45  ASP A CB  1 
ATOM   71  C  CG  . ASP A 1 15  ? -14.763 1.440   4.442   1.00 25.32 ? 45  ASP A CG  1 
ATOM   72  O  OD1 . ASP A 1 15  ? -15.770 1.358   3.712   1.00 26.21 ? 45  ASP A OD1 1 
ATOM   73  O  OD2 . ASP A 1 15  ? -14.801 1.401   5.684   1.00 27.46 ? 45  ASP A OD2 1 
ATOM   74  N  N   . GLY A 1 16  ? -14.548 4.700   2.014   1.00 26.49 ? 46  GLY A N   1 
ATOM   75  C  CA  . GLY A 1 16  ? -15.166 6.011   2.229   1.00 27.25 ? 46  GLY A CA  1 
ATOM   76  C  C   . GLY A 1 16  ? -14.269 6.922   3.054   1.00 27.66 ? 46  GLY A C   1 
ATOM   77  O  O   . GLY A 1 16  ? -13.156 7.240   2.630   1.00 27.68 ? 46  GLY A O   1 
ATOM   78  N  N   . GLU A 1 17  ? -14.745 7.296   4.251   1.00 28.48 ? 47  GLU A N   1 
ATOM   79  C  CA  . GLU A 1 17  ? -14.045 8.217   5.156   1.00 28.93 ? 47  GLU A CA  1 
ATOM   80  C  C   . GLU A 1 17  ? -13.275 7.456   6.244   1.00 28.71 ? 47  GLU A C   1 
ATOM   81  O  O   . GLU A 1 17  ? -12.578 8.076   7.051   1.00 28.46 ? 47  GLU A O   1 
ATOM   82  C  CB  . GLU A 1 17  ? -15.042 9.173   5.814   1.00 30.46 ? 47  GLU A CB  1 
ATOM   83  C  CG  . GLU A 1 17  ? -15.803 10.027  4.821   1.00 31.45 ? 47  GLU A CG  1 
ATOM   84  C  CD  . GLU A 1 17  ? -14.928 10.837  3.880   1.00 32.20 ? 47  GLU A CD  1 
ATOM   85  O  OE1 . GLU A 1 17  ? -15.287 10.932  2.697   1.00 34.23 ? 47  GLU A OE1 1 
ATOM   86  O  OE2 . GLU A 1 17  ? -13.890 11.378  4.332   1.00 33.46 ? 47  GLU A OE2 1 
ATOM   87  N  N   . ASN A 1 18  ? -13.383 6.123   6.259   1.00 28.11 ? 48  ASN A N   1 
ATOM   88  C  CA  . ASN A 1 18  ? -12.778 5.305   7.307   1.00 27.36 ? 48  ASN A CA  1 
ATOM   89  C  C   . ASN A 1 18  ? -11.294 5.071   6.995   1.00 26.41 ? 48  ASN A C   1 
ATOM   90  O  O   . ASN A 1 18  ? -10.862 5.176   5.842   1.00 25.41 ? 48  ASN A O   1 
ATOM   91  C  CB  . ASN A 1 18  ? -13.522 3.979   7.481   1.00 28.60 ? 48  ASN A CB  1 
ATOM   92  C  CG  . ASN A 1 18  ? -14.954 4.170   7.935   1.00 29.25 ? 48  ASN A CG  1 
ATOM   93  O  OD1 . ASN A 1 18  ? -15.235 5.014   8.784   1.00 28.86 ? 48  ASN A OD1 1 
ATOM   94  N  ND2 . ASN A 1 18  ? -15.866 3.393   7.375   1.00 29.37 ? 48  ASN A ND2 1 
ATOM   95  N  N   . LEU A 1 19  ? -10.529 4.746   8.045   1.00 25.16 ? 49  LEU A N   1 
ATOM   96  C  CA  . LEU A 1 19  ? -9.115  4.406   7.934   1.00 23.69 ? 49  LEU A CA  1 
ATOM   97  C  C   . LEU A 1 19  ? -8.996  2.911   7.622   1.00 23.00 ? 49  LEU A C   1 
ATOM   98  O  O   . LEU A 1 19  ? -8.593  2.113   8.468   1.00 21.33 ? 49  LEU A O   1 
ATOM   99  C  CB  . LEU A 1 19  ? -8.404  4.769   9.241   1.00 24.50 ? 49  LEU A CB  1 
ATOM   100 C  CG  . LEU A 1 19  ? -8.426  6.250   9.622   1.00 24.24 ? 49  LEU A CG  1 
ATOM   101 C  CD1 . LEU A 1 19  ? -7.555  6.502   10.845  1.00 24.37 ? 49  LEU A CD1 1 
ATOM   102 C  CD2 . LEU A 1 19  ? -7.982  7.125   8.458   1.00 24.11 ? 49  LEU A CD2 1 
ATOM   103 N  N   . ALA A 1 20  ? -9.379  2.554   6.394   1.00 21.71 ? 50  ALA A N   1 
ATOM   104 C  CA  . ALA A 1 20  ? -9.369  1.184   5.920   1.00 21.05 ? 50  ALA A CA  1 
ATOM   105 C  C   . ALA A 1 20  ? -9.428  1.184   4.391   1.00 20.36 ? 50  ALA A C   1 
ATOM   106 O  O   . ALA A 1 20  ? -9.843  2.177   3.781   1.00 20.26 ? 50  ALA A O   1 
ATOM   107 C  CB  . ALA A 1 20  ? -10.527 0.418   6.516   1.00 21.27 ? 50  ALA A CB  1 
ATOM   108 N  N   . TYR A 1 21  ? -8.975  0.074   3.799   1.00 20.08 ? 51  TYR A N   1 
ATOM   109 C  CA  . TYR A 1 21  ? -9.161  -0.227  2.387   1.00 20.14 ? 51  TYR A CA  1 
ATOM   110 C  C   . TYR A 1 21  ? -10.449 -1.046  2.246   1.00 20.84 ? 51  TYR A C   1 
ATOM   111 O  O   . TYR A 1 21  ? -10.968 -1.568  3.238   1.00 20.90 ? 51  TYR A O   1 
ATOM   112 C  CB  . TYR A 1 21  ? -7.951  -0.984  1.831   1.00 19.43 ? 51  TYR A CB  1 
ATOM   113 C  CG  . TYR A 1 21  ? -6.645  -0.231  1.885   1.00 19.05 ? 51  TYR A CG  1 
ATOM   114 C  CD1 . TYR A 1 21  ? -6.343  0.742   0.945   1.00 18.65 ? 51  TYR A CD1 1 
ATOM   115 C  CD2 . TYR A 1 21  ? -5.706  -0.487  2.872   1.00 18.50 ? 51  TYR A CD2 1 
ATOM   116 C  CE1 . TYR A 1 21  ? -5.144  1.439   0.980   1.00 18.52 ? 51  TYR A CE1 1 
ATOM   117 C  CE2 . TYR A 1 21  ? -4.507  0.209   2.930   1.00 18.44 ? 51  TYR A CE2 1 
ATOM   118 C  CZ  . TYR A 1 21  ? -4.220  1.170   1.975   1.00 18.26 ? 51  TYR A CZ  1 
ATOM   119 O  OH  . TYR A 1 21  ? -3.037  1.854   2.013   1.00 17.07 ? 51  TYR A OH  1 
ATOM   120 N  N   . ASP A 1 22  ? -10.952 -1.163  1.012   1.00 21.48 ? 52  ASP A N   1 
ATOM   121 C  CA  . ASP A 1 22  ? -12.151 -1.946  0.743   1.00 22.22 ? 52  ASP A CA  1 
ATOM   122 C  C   . ASP A 1 22  ? -11.781 -3.436  0.645   1.00 22.96 ? 52  ASP A C   1 
ATOM   123 O  O   . ASP A 1 22  ? -12.665 -4.286  0.542   1.00 22.42 ? 52  ASP A O   1 
ATOM   124 C  CB  . ASP A 1 22  ? -12.889 -1.429  -0.493  1.00 22.99 ? 52  ASP A CB  1 
ATOM   125 C  CG  . ASP A 1 22  ? -12.101 -1.506  -1.788  1.00 23.20 ? 52  ASP A CG  1 
ATOM   126 O  OD1 . ASP A 1 22  ? -10.863 -1.634  -1.728  1.00 23.14 ? 52  ASP A OD1 1 
ATOM   127 O  OD2 . ASP A 1 22  ? -12.737 -1.435  -2.846  1.00 24.80 ? 52  ASP A OD2 1 
ATOM   128 N  N   . LYS A 1 23  ? -10.475 -3.732  0.687   1.00 23.94 ? 53  LYS A N   1 
ATOM   129 C  CA  . LYS A 1 23  ? -9.930  -5.094  0.693   1.00 25.04 ? 53  LYS A CA  1 
ATOM   130 C  C   . LYS A 1 23  ? -8.780  -5.169  1.702   1.00 24.76 ? 53  LYS A C   1 
ATOM   131 O  O   . LYS A 1 23  ? -7.870  -4.344  1.649   1.00 23.19 ? 53  LYS A O   1 
ATOM   132 C  CB  . LYS A 1 23  ? -9.391  -5.457  -0.693  1.00 27.23 ? 53  LYS A CB  1 
ATOM   133 C  CG  . LYS A 1 23  ? -10.327 -5.169  -1.855  1.00 28.88 ? 53  LYS A CG  1 
ATOM   134 C  CD  . LYS A 1 23  ? -9.752  -5.574  -3.188  1.00 30.38 ? 53  LYS A CD  1 
ATOM   135 C  CE  . LYS A 1 23  ? -10.764 -5.479  -4.309  1.00 31.43 ? 53  LYS A CE  1 
ATOM   136 N  NZ  . LYS A 1 23  ? -10.208 -6.001  -5.578  1.00 32.67 ? 53  LYS A NZ  1 
ATOM   137 N  N   . LYS A 1 24  ? -8.815  -6.153  2.609   1.00 24.95 ? 54  LYS A N   1 
ATOM   138 C  CA  . LYS A 1 24  ? -7.696  -6.364  3.531   1.00 26.39 ? 54  LYS A CA  1 
ATOM   139 C  C   . LYS A 1 24  ? -6.754  -7.444  2.980   1.00 25.19 ? 54  LYS A C   1 
ATOM   140 O  O   . LYS A 1 24  ? -5.717  -7.697  3.577   1.00 24.30 ? 54  LYS A O   1 
ATOM   141 C  CB  . LYS A 1 24  ? -8.175  -6.707  4.947   1.00 28.49 ? 54  LYS A CB  1 
ATOM   142 C  CG  . LYS A 1 24  ? -8.870  -8.052  5.120   1.00 30.91 ? 54  LYS A CG  1 
ATOM   143 C  CD  . LYS A 1 24  ? -8.914  -8.535  6.566   1.00 33.01 ? 54  LYS A CD  1 
ATOM   144 C  CE  . LYS A 1 24  ? -9.754  -7.667  7.486   1.00 34.66 ? 54  LYS A CE  1 
ATOM   145 N  NZ  . LYS A 1 24  ? -11.185 -8.071  7.494   1.00 35.37 ? 54  LYS A NZ  1 
ATOM   146 N  N   . GLU A 1 25  ? -7.110  -8.078  1.856   1.00 24.90 ? 55  GLU A N   1 
ATOM   147 C  CA  . GLU A 1 25  ? -6.224  -9.074  1.242   1.00 25.75 ? 55  GLU A CA  1 
ATOM   148 C  C   . GLU A 1 25  ? -6.466  -9.160  -0.270  1.00 23.74 ? 55  GLU A C   1 
ATOM   149 O  O   . GLU A 1 25  ? -7.560  -8.919  -0.760  1.00 22.71 ? 55  GLU A O   1 
ATOM   150 C  CB  . GLU A 1 25  ? -6.374  -10.441 1.919   1.00 27.93 ? 55  GLU A CB  1 
ATOM   151 C  CG  . GLU A 1 25  ? -7.813  -10.885 2.132   1.00 31.57 ? 55  GLU A CG  1 
ATOM   152 C  CD  . GLU A 1 25  ? -8.030  -11.920 3.231   1.00 35.11 ? 55  GLU A CD  1 
ATOM   153 O  OE1 . GLU A 1 25  ? -9.069  -12.605 3.189   1.00 37.42 ? 55  GLU A OE1 1 
ATOM   154 O  OE2 . GLU A 1 25  ? -7.172  -12.036 4.138   1.00 38.04 ? 55  GLU A OE2 1 
ATOM   155 N  N   . PHE A 1 26  ? -5.398  -9.494  -0.998  1.00 22.12 ? 56  PHE A N   1 
ATOM   156 C  CA  . PHE A 1 26  ? -5.486  -9.903  -2.387  1.00 21.12 ? 56  PHE A CA  1 
ATOM   157 C  C   . PHE A 1 26  ? -4.265  -10.769 -2.710  1.00 20.46 ? 56  PHE A C   1 
ATOM   158 O  O   . PHE A 1 26  ? -3.251  -10.721 -2.004  1.00 20.50 ? 56  PHE A O   1 
ATOM   159 C  CB  . PHE A 1 26  ? -5.654  -8.691  -3.310  1.00 20.46 ? 56  PHE A CB  1 
ATOM   160 C  CG  . PHE A 1 26  ? -4.499  -7.723  -3.347  1.00 20.36 ? 56  PHE A CG  1 
ATOM   161 C  CD1 . PHE A 1 26  ? -3.435  -7.920  -4.215  1.00 20.29 ? 56  PHE A CD1 1 
ATOM   162 C  CD2 . PHE A 1 26  ? -4.491  -6.591  -2.542  1.00 20.28 ? 56  PHE A CD2 1 
ATOM   163 C  CE1 . PHE A 1 26  ? -2.379  -7.022  -4.260  1.00 20.22 ? 56  PHE A CE1 1 
ATOM   164 C  CE2 . PHE A 1 26  ? -3.439  -5.690  -2.597  1.00 19.99 ? 56  PHE A CE2 1 
ATOM   165 C  CZ  . PHE A 1 26  ? -2.381  -5.910  -3.450  1.00 19.84 ? 56  PHE A CZ  1 
ATOM   166 N  N   . THR A 1 27  ? -4.400  -11.590 -3.755  1.00 19.64 ? 57  THR A N   1 
ATOM   167 C  CA  . THR A 1 27  ? -3.374  -12.546 -4.135  1.00 19.41 ? 57  THR A CA  1 
ATOM   168 C  C   . THR A 1 27  ? -2.881  -12.232 -5.549  1.00 18.64 ? 57  THR A C   1 
ATOM   169 O  O   . THR A 1 27  ? -3.672  -11.904 -6.439  1.00 19.42 ? 57  THR A O   1 
ATOM   170 C  CB  . THR A 1 27  ? -3.888  -13.985 -4.028  1.00 19.50 ? 57  THR A CB  1 
ATOM   171 O  OG1 . THR A 1 27  ? -4.320  -14.184 -2.684  1.00 19.78 ? 57  THR A OG1 1 
ATOM   172 C  CG2 . THR A 1 27  ? -2.836  -15.014 -4.377  1.00 19.75 ? 57  THR A CG2 1 
ATOM   173 N  N   . VAL A 1 28  ? -1.563  -12.339 -5.732  1.00 17.62 ? 58  VAL A N   1 
ATOM   174 C  CA  . VAL A 1 28  ? -0.916  -12.100 -7.009  1.00 17.34 ? 58  VAL A CA  1 
ATOM   175 C  C   . VAL A 1 28  ? 0.039   -13.255 -7.290  1.00 17.21 ? 58  VAL A C   1 
ATOM   176 O  O   . VAL A 1 28  ? 0.548   -13.883 -6.365  1.00 17.14 ? 58  VAL A O   1 
ATOM   177 C  CB  . VAL A 1 28  ? -0.181  -10.746 -7.030  1.00 17.14 ? 58  VAL A CB  1 
ATOM   178 C  CG1 . VAL A 1 28  ? -1.140  -9.589  -6.780  1.00 17.11 ? 58  VAL A CG1 1 
ATOM   179 C  CG2 . VAL A 1 28  ? 0.987   -10.703 -6.052  1.00 17.22 ? 58  VAL A CG2 1 
ATOM   180 N  N   . PRO A 1 29  ? 0.326   -13.564 -8.573  1.00 17.53 ? 59  PRO A N   1 
ATOM   181 C  CA  . PRO A 1 29  ? 1.279   -14.622 -8.906  1.00 17.54 ? 59  PRO A CA  1 
ATOM   182 C  C   . PRO A 1 29  ? 2.731   -14.118 -8.910  1.00 17.54 ? 59  PRO A C   1 
ATOM   183 O  O   . PRO A 1 29  ? 3.015   -13.045 -9.450  1.00 17.94 ? 59  PRO A O   1 
ATOM   184 C  CB  . PRO A 1 29  ? 0.812   -15.051 -10.304 1.00 17.70 ? 59  PRO A CB  1 
ATOM   185 C  CG  . PRO A 1 29  ? 0.259   -13.782 -10.921 1.00 17.86 ? 59  PRO A CG  1 
ATOM   186 C  CD  . PRO A 1 29  ? -0.289  -12.962 -9.765  1.00 17.54 ? 59  PRO A CD  1 
ATOM   187 N  N   . THR A 1 30  ? 3.630   -14.918 -8.326  1.00 17.98 ? 60  THR A N   1 
ATOM   188 C  CA  . THR A 1 30  ? 5.039   -14.571 -8.191  1.00 18.15 ? 60  THR A CA  1 
ATOM   189 C  C   . THR A 1 30  ? 5.665   -14.337 -9.573  1.00 18.37 ? 60  THR A C   1 
ATOM   190 O  O   . THR A 1 30  ? 5.358   -15.047 -10.542 1.00 18.51 ? 60  THR A O   1 
ATOM   191 C  CB  . THR A 1 30  ? 5.808   -15.647 -7.413  1.00 17.99 ? 60  THR A CB  1 
ATOM   192 O  OG1 . THR A 1 30  ? 7.109   -15.124 -7.156  1.00 17.62 ? 60  THR A OG1 1 
ATOM   193 C  CG2 . THR A 1 30  ? 5.921   -16.970 -8.145  1.00 18.31 ? 60  THR A CG2 1 
ATOM   194 N  N   . GLY A 1 31  ? 6.535   -13.323 -9.645  1.00 17.97 ? 61  GLY A N   1 
ATOM   195 C  CA  . GLY A 1 31  ? 7.449   -13.124 -10.760 1.00 18.51 ? 61  GLY A CA  1 
ATOM   196 C  C   . GLY A 1 31  ? 6.816   -12.440 -11.963 1.00 18.51 ? 61  GLY A C   1 
ATOM   197 O  O   . GLY A 1 31  ? 7.502   -12.213 -12.956 1.00 19.26 ? 61  GLY A O   1 
ATOM   198 N  N   . GLN A 1 32  ? 5.524   -12.102 -11.876 1.00 18.44 ? 62  GLN A N   1 
ATOM   199 C  CA  . GLN A 1 32  ? 4.784   -11.507 -12.994 1.00 18.49 ? 62  GLN A CA  1 
ATOM   200 C  C   . GLN A 1 32  ? 4.525   -10.019 -12.718 1.00 18.13 ? 62  GLN A C   1 
ATOM   201 O  O   . GLN A 1 32  ? 4.493   -9.575  -11.563 1.00 17.67 ? 62  GLN A O   1 
ATOM   202 C  CB  . GLN A 1 32  ? 3.479   -12.269 -13.220 1.00 18.70 ? 62  GLN A CB  1 
ATOM   203 C  CG  . GLN A 1 32  ? 3.699   -13.756 -13.456 1.00 19.45 ? 62  GLN A CG  1 
ATOM   204 C  CD  . GLN A 1 32  ? 2.471   -14.463 -13.971 1.00 19.99 ? 62  GLN A CD  1 
ATOM   205 O  OE1 . GLN A 1 32  ? 1.901   -15.324 -13.306 1.00 21.40 ? 62  GLN A OE1 1 
ATOM   206 N  NE2 . GLN A 1 32  ? 2.065   -14.119 -15.181 1.00 20.40 ? 62  GLN A NE2 1 
ATOM   207 N  N   . THR A 1 33  ? 4.342   -9.259  -13.802 1.00 17.48 ? 63  THR A N   1 
ATOM   208 C  CA  . THR A 1 33  ? 4.020   -7.839  -13.732 1.00 17.10 ? 63  THR A CA  1 
ATOM   209 C  C   . THR A 1 33  ? 2.609   -7.683  -13.155 1.00 17.42 ? 63  THR A C   1 
ATOM   210 O  O   . THR A 1 33  ? 1.649   -8.219  -13.696 1.00 16.36 ? 63  THR A O   1 
ATOM   211 C  CB  . THR A 1 33  ? 4.154   -7.170  -15.109 1.00 16.88 ? 63  THR A CB  1 
ATOM   212 O  OG1 . THR A 1 33  ? 5.522   -7.264  -15.502 1.00 15.89 ? 63  THR A OG1 1 
ATOM   213 C  CG2 . THR A 1 33  ? 3.730   -5.716  -15.107 1.00 16.70 ? 63  THR A CG2 1 
ATOM   214 N  N   . ILE A 1 34  ? 2.513   -6.952  -12.039 1.00 17.67 ? 64  ILE A N   1 
ATOM   215 C  CA  . ILE A 1 34  ? 1.249   -6.686  -11.363 1.00 18.02 ? 64  ILE A CA  1 
ATOM   216 C  C   . ILE A 1 34  ? 0.890   -5.215  -11.578 1.00 18.07 ? 64  ILE A C   1 
ATOM   217 O  O   . ILE A 1 34  ? 1.759   -4.351  -11.491 1.00 17.71 ? 64  ILE A O   1 
ATOM   218 C  CB  . ILE A 1 34  ? 1.339   -7.009  -9.857  1.00 17.79 ? 64  ILE A CB  1 
ATOM   219 C  CG1 . ILE A 1 34  ? 1.971   -8.379  -9.595  1.00 17.65 ? 64  ILE A CG1 1 
ATOM   220 C  CG2 . ILE A 1 34  ? -0.025  -6.873  -9.198  1.00 17.82 ? 64  ILE A CG2 1 
ATOM   221 C  CD1 . ILE A 1 34  ? 1.275   -9.532  -10.279 1.00 17.62 ? 64  ILE A CD1 1 
ATOM   222 N  N   . THR A 1 35  ? -0.394  -4.962  -11.843 1.00 18.62 ? 65  THR A N   1 
ATOM   223 C  CA  . THR A 1 35  ? -0.960  -3.620  -11.880 1.00 19.75 ? 65  THR A CA  1 
ATOM   224 C  C   . THR A 1 35  ? -1.897  -3.461  -10.680 1.00 19.69 ? 65  THR A C   1 
ATOM   225 O  O   . THR A 1 35  ? -2.795  -4.274  -10.489 1.00 20.40 ? 65  THR A O   1 
ATOM   226 C  CB  . THR A 1 35  ? -1.680  -3.373  -13.211 1.00 20.77 ? 65  THR A CB  1 
ATOM   227 O  OG1 . THR A 1 35  ? -0.702  -3.528  -14.242 1.00 21.75 ? 65  THR A OG1 1 
ATOM   228 C  CG2 . THR A 1 35  ? -2.311  -2.004  -13.312 1.00 21.43 ? 65  THR A CG2 1 
ATOM   229 N  N   . VAL A 1 36  ? -1.656  -2.426  -9.870  1.00 19.22 ? 66  VAL A N   1 
ATOM   230 C  CA  . VAL A 1 36  ? -2.525  -2.083  -8.763  1.00 18.97 ? 66  VAL A CA  1 
ATOM   231 C  C   . VAL A 1 36  ? -2.979  -0.632  -8.954  1.00 19.27 ? 66  VAL A C   1 
ATOM   232 O  O   . VAL A 1 36  ? -2.148  0.279   -9.042  1.00 18.87 ? 66  VAL A O   1 
ATOM   233 C  CB  . VAL A 1 36  ? -1.832  -2.280  -7.401  1.00 19.08 ? 66  VAL A CB  1 
ATOM   234 C  CG1 . VAL A 1 36  ? -2.724  -1.842  -6.246  1.00 19.04 ? 66  VAL A CG1 1 
ATOM   235 C  CG2 . VAL A 1 36  ? -1.362  -3.713  -7.200  1.00 18.97 ? 66  VAL A CG2 1 
ATOM   236 N  N   . THR A 1 37  ? -4.298  -0.437  -9.023  1.00 18.84 ? 67  THR A N   1 
ATOM   237 C  CA  . THR A 1 37  ? -4.893  0.882   -9.087  1.00 19.17 ? 67  THR A CA  1 
ATOM   238 C  C   . THR A 1 37  ? -5.558  1.188   -7.743  1.00 19.41 ? 67  THR A C   1 
ATOM   239 O  O   . THR A 1 37  ? -6.464  0.465   -7.318  1.00 19.46 ? 67  THR A O   1 
ATOM   240 C  CB  . THR A 1 37  ? -5.880  0.999   -10.252 1.00 18.93 ? 67  THR A CB  1 
ATOM   241 O  OG1 . THR A 1 37  ? -5.153  0.713   -11.446 1.00 18.77 ? 67  THR A OG1 1 
ATOM   242 C  CG2 . THR A 1 37  ? -6.507  2.372   -10.348 1.00 19.40 ? 67  THR A CG2 1 
ATOM   243 N  N   . PHE A 1 38  ? -5.093  2.262   -7.095  1.00 19.48 ? 68  PHE A N   1 
ATOM   244 C  CA  . PHE A 1 38  ? -5.619  2.707   -5.815  1.00 19.80 ? 68  PHE A CA  1 
ATOM   245 C  C   . PHE A 1 38  ? -6.393  4.018   -6.010  1.00 20.60 ? 68  PHE A C   1 
ATOM   246 O  O   . PHE A 1 38  ? -5.870  4.966   -6.597  1.00 19.59 ? 68  PHE A O   1 
ATOM   247 C  CB  . PHE A 1 38  ? -4.501  2.889   -4.787  1.00 19.64 ? 68  PHE A CB  1 
ATOM   248 C  CG  . PHE A 1 38  ? -4.953  3.576   -3.523  1.00 19.44 ? 68  PHE A CG  1 
ATOM   249 C  CD1 . PHE A 1 38  ? -5.973  3.033   -2.753  1.00 19.58 ? 68  PHE A CD1 1 
ATOM   250 C  CD2 . PHE A 1 38  ? -4.394  4.778   -3.122  1.00 19.42 ? 68  PHE A CD2 1 
ATOM   251 C  CE1 . PHE A 1 38  ? -6.408  3.669   -1.600  1.00 19.61 ? 68  PHE A CE1 1 
ATOM   252 C  CE2 . PHE A 1 38  ? -4.824  5.410   -1.966  1.00 19.60 ? 68  PHE A CE2 1 
ATOM   253 C  CZ  . PHE A 1 38  ? -5.833  4.857   -1.208  1.00 19.30 ? 68  PHE A CZ  1 
ATOM   254 N  N   . LYS A 1 39  ? -7.631  4.050   -5.503  1.00 21.53 ? 69  LYS A N   1 
ATOM   255 C  CA  . LYS A 1 39  ? -8.496  5.232   -5.545  1.00 22.90 ? 69  LYS A CA  1 
ATOM   256 C  C   . LYS A 1 39  ? -8.738  5.733   -4.117  1.00 21.35 ? 69  LYS A C   1 
ATOM   257 O  O   . LYS A 1 39  ? -9.220  4.991   -3.275  1.00 20.49 ? 69  LYS A O   1 
ATOM   258 C  CB  . LYS A 1 39  ? -9.830  4.893   -6.217  1.00 25.27 ? 69  LYS A CB  1 
ATOM   259 C  CG  . LYS A 1 39  ? -9.738  4.513   -7.688  1.00 28.75 ? 69  LYS A CG  1 
ATOM   260 C  CD  . LYS A 1 39  ? -11.004 3.884   -8.239  1.00 31.48 ? 69  LYS A CD  1 
ATOM   261 C  CE  . LYS A 1 39  ? -11.049 3.866   -9.754  1.00 33.99 ? 69  LYS A CE  1 
ATOM   262 N  NZ  . LYS A 1 39  ? -12.194 3.067   -10.259 1.00 36.38 ? 69  LYS A NZ  1 
ATOM   263 N  N   . ASN A 1 40  ? -8.391  6.998   -3.861  1.00 20.93 ? 70  ASN A N   1 
ATOM   264 C  CA  . ASN A 1 40  ? -8.790  7.698   -2.649  1.00 21.19 ? 70  ASN A CA  1 
ATOM   265 C  C   . ASN A 1 40  ? -10.225 8.213   -2.848  1.00 22.25 ? 70  ASN A C   1 
ATOM   266 O  O   . ASN A 1 40  ? -10.447 9.213   -3.525  1.00 21.80 ? 70  ASN A O   1 
ATOM   267 C  CB  . ASN A 1 40  ? -7.806  8.819   -2.308  1.00 20.43 ? 70  ASN A CB  1 
ATOM   268 C  CG  . ASN A 1 40  ? -8.165  9.574   -1.045  1.00 19.97 ? 70  ASN A CG  1 
ATOM   269 O  OD1 . ASN A 1 40  ? -9.215  9.348   -0.453  1.00 19.44 ? 70  ASN A OD1 1 
ATOM   270 N  ND2 . ASN A 1 40  ? -7.303  10.489  -0.632  1.00 19.78 ? 70  ASN A ND2 1 
ATOM   271 N  N   . THR A 1 41  ? -11.190 7.510   -2.247  1.00 23.82 ? 71  THR A N   1 
ATOM   272 C  CA  . THR A 1 41  ? -12.613 7.805   -2.398  1.00 24.80 ? 71  THR A CA  1 
ATOM   273 C  C   . THR A 1 41  ? -13.113 8.693   -1.253  1.00 25.06 ? 71  THR A C   1 
ATOM   274 O  O   . THR A 1 41  ? -14.309 8.950   -1.158  1.00 25.18 ? 71  THR A O   1 
ATOM   275 C  CB  . THR A 1 41  ? -13.443 6.515   -2.448  1.00 24.89 ? 71  THR A CB  1 
ATOM   276 O  OG1 . THR A 1 41  ? -13.335 5.886   -1.172  1.00 25.33 ? 71  THR A OG1 1 
ATOM   277 C  CG2 . THR A 1 41  ? -12.996 5.571   -3.542  1.00 25.13 ? 71  THR A CG2 1 
ATOM   278 N  N   . SER A 1 42  ? -12.204 9.146   -0.380  1.00 25.93 ? 72  SER A N   1 
ATOM   279 C  CA  . SER A 1 42  ? -12.580 9.996   0.741   1.00 26.05 ? 72  SER A CA  1 
ATOM   280 C  C   . SER A 1 42  ? -12.924 11.395  0.219   1.00 27.33 ? 72  SER A C   1 
ATOM   281 O  O   . SER A 1 42  ? -12.591 11.742  -0.919  1.00 26.91 ? 72  SER A O   1 
ATOM   282 C  CB  . SER A 1 42  ? -11.500 10.051  1.791   1.00 26.19 ? 72  SER A CB  1 
ATOM   283 O  OG  . SER A 1 42  ? -10.557 11.072  1.506   1.00 26.53 ? 72  SER A OG  1 
ATOM   284 N  N   . THR A 1 43  ? -13.589 12.175  1.077   1.00 28.03 ? 73  THR A N   1 
ATOM   285 C  CA  . THR A 1 43  ? -14.019 13.534  0.791   1.00 29.31 ? 73  THR A CA  1 
ATOM   286 C  C   . THR A 1 43  ? -12.919 14.523  1.184   1.00 28.45 ? 73  THR A C   1 
ATOM   287 O  O   . THR A 1 43  ? -12.752 15.545  0.519   1.00 27.95 ? 73  THR A O   1 
ATOM   288 C  CB  . THR A 1 43  ? -15.309 13.887  1.546   1.00 30.90 ? 73  THR A CB  1 
ATOM   289 O  OG1 . THR A 1 43  ? -16.313 12.930  1.208   1.00 33.62 ? 73  THR A OG1 1 
ATOM   290 C  CG2 . THR A 1 43  ? -15.824 15.276  1.235   1.00 31.74 ? 73  THR A CG2 1 
ATOM   291 N  N   . ALA A 1 44  ? -12.190 14.226  2.268   1.00 28.31 ? 74  ALA A N   1 
ATOM   292 C  CA  . ALA A 1 44  ? -11.327 15.229  2.889   1.00 28.73 ? 74  ALA A CA  1 
ATOM   293 C  C   . ALA A 1 44  ? -10.058 14.623  3.505   1.00 29.48 ? 74  ALA A C   1 
ATOM   294 O  O   . ALA A 1 44  ? -9.453  15.259  4.369   1.00 30.96 ? 74  ALA A O   1 
ATOM   295 C  CB  . ALA A 1 44  ? -12.120 15.973  3.936   1.00 28.73 ? 74  ALA A CB  1 
ATOM   296 N  N   . GLN A 1 45  ? -9.630  13.439  3.050   1.00 28.89 ? 75  GLN A N   1 
ATOM   297 C  CA  . GLN A 1 45  ? -8.454  12.780  3.631   1.00 28.12 ? 75  GLN A CA  1 
ATOM   298 C  C   . GLN A 1 45  ? -7.431  12.446  2.543   1.00 26.11 ? 75  GLN A C   1 
ATOM   299 O  O   . GLN A 1 45  ? -7.776  12.292  1.374   1.00 25.38 ? 75  GLN A O   1 
ATOM   300 C  CB  . GLN A 1 45  ? -8.864  11.512  4.376   1.00 29.93 ? 75  GLN A CB  1 
ATOM   301 C  CG  . GLN A 1 45  ? -9.964  11.760  5.395   1.00 31.60 ? 75  GLN A CG  1 
ATOM   302 C  CD  . GLN A 1 45  ? -10.013 10.681  6.444   1.00 31.19 ? 75  GLN A CD  1 
ATOM   303 O  OE1 . GLN A 1 45  ? -9.008  10.352  7.067   1.00 31.71 ? 75  GLN A OE1 1 
ATOM   304 N  NE2 . GLN A 1 45  ? -11.193 10.125  6.649   1.00 33.11 ? 75  GLN A NE2 1 
ATOM   305 N  N   . GLN A 1 46  ? -6.169  12.340  2.965   1.00 24.91 ? 76  GLN A N   1 
ATOM   306 C  CA  . GLN A 1 46  ? -5.063  11.956  2.102   1.00 24.11 ? 76  GLN A CA  1 
ATOM   307 C  C   . GLN A 1 46  ? -4.669  10.513  2.428   1.00 22.11 ? 76  GLN A C   1 
ATOM   308 O  O   . GLN A 1 46  ? -4.551  10.150  3.605   1.00 22.19 ? 76  GLN A O   1 
ATOM   309 C  CB  . GLN A 1 46  ? -3.884  12.910  2.279   1.00 25.39 ? 76  GLN A CB  1 
ATOM   310 C  CG  . GLN A 1 46  ? -4.185  14.327  1.813   1.00 27.01 ? 76  GLN A CG  1 
ATOM   311 C  CD  . GLN A 1 46  ? -3.015  15.240  2.069   1.00 29.20 ? 76  GLN A CD  1 
ATOM   312 O  OE1 . GLN A 1 46  ? -3.027  16.045  2.997   1.00 32.82 ? 76  GLN A OE1 1 
ATOM   313 N  NE2 . GLN A 1 46  ? -1.979  15.104  1.259   1.00 29.61 ? 76  GLN A NE2 1 
ATOM   314 N  N   . HIS A 1 47  ? -4.475  9.717   1.370   1.00 20.01 ? 77  HIS A N   1 
ATOM   315 C  CA  . HIS A 1 47  ? -4.136  8.308   1.466   1.00 19.04 ? 77  HIS A CA  1 
ATOM   316 C  C   . HIS A 1 47  ? -3.140  7.917   0.370   1.00 18.28 ? 77  HIS A C   1 
ATOM   317 O  O   . HIS A 1 47  ? -3.140  8.480   -0.731  1.00 17.10 ? 77  HIS A O   1 
ATOM   318 C  CB  . HIS A 1 47  ? -5.379  7.424   1.317   1.00 18.88 ? 77  HIS A CB  1 
ATOM   319 C  CG  . HIS A 1 47  ? -6.421  7.592   2.370   1.00 18.94 ? 77  HIS A CG  1 
ATOM   320 N  ND1 . HIS A 1 47  ? -6.177  7.341   3.702   1.00 19.33 ? 77  HIS A ND1 1 
ATOM   321 C  CD2 . HIS A 1 47  ? -7.733  7.905   2.277   1.00 19.13 ? 77  HIS A CD2 1 
ATOM   322 C  CE1 . HIS A 1 47  ? -7.286  7.535   4.394   1.00 19.60 ? 77  HIS A CE1 1 
ATOM   323 N  NE2 . HIS A 1 47  ? -8.258  7.877   3.540   1.00 19.15 ? 77  HIS A NE2 1 
ATOM   324 N  N   . ASN A 1 48  ? -2.337  6.892   0.672   1.00 17.88 ? 78  ASN A N   1 
ATOM   325 C  CA  . ASN A 1 48  ? -1.561  6.184   -0.320  1.00 17.62 ? 78  ASN A CA  1 
ATOM   326 C  C   . ASN A 1 48  ? -1.761  4.682   -0.089  1.00 17.84 ? 78  ASN A C   1 
ATOM   327 O  O   . ASN A 1 48  ? -2.562  4.267   0.751   1.00 17.73 ? 78  ASN A O   1 
ATOM   328 C  CB  . ASN A 1 48  ? -0.088  6.608   -0.283  1.00 17.85 ? 78  ASN A CB  1 
ATOM   329 C  CG  . ASN A 1 48  ? 0.638   6.183   0.977   1.00 17.76 ? 78  ASN A CG  1 
ATOM   330 O  OD1 . ASN A 1 48  ? 0.062   5.535   1.848   1.00 17.90 ? 78  ASN A OD1 1 
ATOM   331 N  ND2 . ASN A 1 48  ? 1.910   6.540   1.081   1.00 17.77 ? 78  ASN A ND2 1 
ATOM   332 N  N   . ILE A 1 49  ? -1.034  3.880   -0.865  1.00 17.53 ? 79  ILE A N   1 
ATOM   333 C  CA  . ILE A 1 49  ? -0.812  2.489   -0.550  1.00 17.65 ? 79  ILE A CA  1 
ATOM   334 C  C   . ILE A 1 49  ? 0.668   2.185   -0.801  1.00 17.49 ? 79  ILE A C   1 
ATOM   335 O  O   . ILE A 1 49  ? 1.234   2.550   -1.839  1.00 17.41 ? 79  ILE A O   1 
ATOM   336 C  CB  . ILE A 1 49  ? -1.755  1.545   -1.327  1.00 17.86 ? 79  ILE A CB  1 
ATOM   337 C  CG1 . ILE A 1 49  ? -1.573  0.091   -0.874  1.00 18.01 ? 79  ILE A CG1 1 
ATOM   338 C  CG2 . ILE A 1 49  ? -1.591  1.694   -2.835  1.00 18.01 ? 79  ILE A CG2 1 
ATOM   339 C  CD1 . ILE A 1 49  ? -2.663  -0.847  -1.356  1.00 18.03 ? 79  ILE A CD1 1 
ATOM   340 N  N   . VAL A 1 50  ? 1.275   1.537   0.193   1.00 17.34 ? 80  VAL A N   1 
ATOM   341 C  CA  . VAL A 1 50  ? 2.658   1.144   0.185   1.00 17.60 ? 80  VAL A CA  1 
ATOM   342 C  C   . VAL A 1 50  ? 2.701   -0.359  0.459   1.00 17.58 ? 80  VAL A C   1 
ATOM   343 O  O   . VAL A 1 50  ? 2.177   -0.810  1.468   1.00 17.88 ? 80  VAL A O   1 
ATOM   344 C  CB  . VAL A 1 50  ? 3.460   1.926   1.241   1.00 17.68 ? 80  VAL A CB  1 
ATOM   345 C  CG1 . VAL A 1 50  ? 4.935   1.551   1.225   1.00 18.10 ? 80  VAL A CG1 1 
ATOM   346 C  CG2 . VAL A 1 50  ? 3.281   3.429   1.083   1.00 17.85 ? 80  VAL A CG2 1 
ATOM   347 N  N   . ILE A 1 51  ? 3.318   -1.111  -0.456  1.00 17.56 ? 81  ILE A N   1 
ATOM   348 C  CA  . ILE A 1 51  ? 3.530   -2.547  -0.293  1.00 17.75 ? 81  ILE A CA  1 
ATOM   349 C  C   . ILE A 1 51  ? 4.985   -2.752  0.150   1.00 17.61 ? 81  ILE A C   1 
ATOM   350 O  O   . ILE A 1 51  ? 5.923   -2.384  -0.585  1.00 16.69 ? 81  ILE A O   1 
ATOM   351 C  CB  . ILE A 1 51  ? 3.197   -3.297  -1.600  1.00 17.86 ? 81  ILE A CB  1 
ATOM   352 C  CG1 . ILE A 1 51  ? 1.804   -2.933  -2.125  1.00 18.23 ? 81  ILE A CG1 1 
ATOM   353 C  CG2 . ILE A 1 51  ? 3.355   -4.801  -1.414  1.00 18.34 ? 81  ILE A CG2 1 
ATOM   354 C  CD1 . ILE A 1 51  ? 1.528   -3.392  -3.538  1.00 18.27 ? 81  ILE A CD1 1 
ATOM   355 N  N   . VAL A 1 52  ? 5.167   -3.326  1.348   1.00 17.46 ? 82  VAL A N   1 
ATOM   356 C  CA  . VAL A 1 52  ? 6.499   -3.462  1.950   1.00 18.18 ? 82  VAL A CA  1 
ATOM   357 C  C   . VAL A 1 52  ? 7.036   -4.878  1.710   1.00 19.22 ? 82  VAL A C   1 
ATOM   358 O  O   . VAL A 1 52  ? 6.269   -5.824  1.483   1.00 17.89 ? 82  VAL A O   1 
ATOM   359 C  CB  . VAL A 1 52  ? 6.504   -3.101  3.450   1.00 18.29 ? 82  VAL A CB  1 
ATOM   360 C  CG1 . VAL A 1 52  ? 6.026   -1.677  3.686   1.00 18.21 ? 82  VAL A CG1 1 
ATOM   361 C  CG2 . VAL A 1 52  ? 5.706   -4.076  4.303   1.00 18.51 ? 82  VAL A CG2 1 
ATOM   362 N  N   . LYS A 1 53  ? 8.368   -5.000  1.790   1.00 20.78 ? 83  LYS A N   1 
ATOM   363 C  CA  . LYS A 1 53  ? 9.079   -6.259  1.604   1.00 22.64 ? 83  LYS A CA  1 
ATOM   364 C  C   . LYS A 1 53  ? 9.130   -7.002  2.941   1.00 21.83 ? 83  LYS A C   1 
ATOM   365 O  O   . LYS A 1 53  ? 10.169  -7.041  3.600   1.00 21.37 ? 83  LYS A O   1 
ATOM   366 C  CB  . LYS A 1 53  ? 10.512  -6.024  1.113   1.00 24.77 ? 83  LYS A CB  1 
ATOM   367 C  CG  . LYS A 1 53  ? 10.644  -5.313  -0.223  1.00 26.91 ? 83  LYS A CG  1 
ATOM   368 C  CD  . LYS A 1 53  ? 12.083  -5.168  -0.655  1.00 28.80 ? 83  LYS A CD  1 
ATOM   369 C  CE  . LYS A 1 53  ? 12.260  -4.279  -1.868  1.00 29.94 ? 83  LYS A CE  1 
ATOM   370 N  NZ  . LYS A 1 53  ? 13.696  -4.079  -2.171  1.00 31.07 ? 83  LYS A NZ  1 
ATOM   371 N  N   . GLY A 1 54  ? 7.990   -7.564  3.341   1.00 20.72 ? 84  GLY A N   1 
ATOM   372 C  CA  . GLY A 1 54  ? 7.887   -8.305  4.579   1.00 20.26 ? 84  GLY A CA  1 
ATOM   373 C  C   . GLY A 1 54  ? 6.566   -8.053  5.272   1.00 19.40 ? 84  GLY A C   1 
ATOM   374 O  O   . GLY A 1 54  ? 5.617   -7.528  4.670   1.00 18.37 ? 84  GLY A O   1 
ATOM   375 N  N   . GLY A 1 55  ? 6.513   -8.450  6.543   1.00 18.82 ? 85  GLY A N   1 
ATOM   376 C  CA  . GLY A 1 55  ? 5.307   -8.410  7.327   1.00 19.36 ? 85  GLY A CA  1 
ATOM   377 C  C   . GLY A 1 55  ? 5.261   -7.187  8.218   1.00 19.71 ? 85  GLY A C   1 
ATOM   378 O  O   . GLY A 1 55  ? 5.826   -6.146  7.893   1.00 18.91 ? 85  GLY A O   1 
ATOM   379 N  N   . GLU A 1 56  ? 4.625   -7.363  9.378   1.00 21.18 ? 86  GLU A N   1 
ATOM   380 C  CA  . GLU A 1 56  ? 4.215   -6.281  10.260  1.00 22.53 ? 86  GLU A CA  1 
ATOM   381 C  C   . GLU A 1 56  ? 5.440   -5.540  10.814  1.00 22.12 ? 86  GLU A C   1 
ATOM   382 O  O   . GLU A 1 56  ? 5.351   -4.345  11.100  1.00 21.65 ? 86  GLU A O   1 
ATOM   383 C  CB  . GLU A 1 56  ? 3.346   -6.842  11.388  1.00 24.75 ? 86  GLU A CB  1 
ATOM   384 C  CG  . GLU A 1 56  ? 2.004   -7.385  10.915  1.00 26.24 ? 86  GLU A CG  1 
ATOM   385 C  CD  . GLU A 1 56  ? 1.982   -8.800  10.350  1.00 28.61 ? 86  GLU A CD  1 
ATOM   386 O  OE1 . GLU A 1 56  ? 0.880   -9.401  10.322  1.00 31.29 ? 86  GLU A OE1 1 
ATOM   387 O  OE2 . GLU A 1 56  ? 3.052   -9.308  9.930   1.00 28.96 ? 86  GLU A OE2 1 
ATOM   388 N  N   . ASP A 1 57  ? 6.564   -6.250  10.973  1.00 21.42 ? 87  ASP A N   1 
ATOM   389 C  CA  . ASP A 1 57  ? 7.806   -5.651  11.484  1.00 21.68 ? 87  ASP A CA  1 
ATOM   390 C  C   . ASP A 1 57  ? 8.340   -4.625  10.474  1.00 20.71 ? 87  ASP A C   1 
ATOM   391 O  O   . ASP A 1 57  ? 8.719   -3.515  10.852  1.00 21.66 ? 87  ASP A O   1 
ATOM   392 C  CB  . ASP A 1 57  ? 8.862   -6.712  11.813  1.00 22.45 ? 87  ASP A CB  1 
ATOM   393 C  CG  . ASP A 1 57  ? 9.241   -7.619  10.652  1.00 22.72 ? 87  ASP A CG  1 
ATOM   394 O  OD1 . ASP A 1 57  ? 8.347   -7.942  9.830   1.00 22.84 ? 87  ASP A OD1 1 
ATOM   395 O  OD2 . ASP A 1 57  ? 10.424  -8.004  10.581  1.00 23.70 ? 87  ASP A OD2 1 
ATOM   396 N  N   . VAL A 1 58  ? 8.353   -5.005  9.194   1.00 19.89 ? 88  VAL A N   1 
ATOM   397 C  CA  . VAL A 1 58  ? 8.863   -4.162  8.109   1.00 19.50 ? 88  VAL A CA  1 
ATOM   398 C  C   . VAL A 1 58  ? 7.919   -2.965  7.924   1.00 19.23 ? 88  VAL A C   1 
ATOM   399 O  O   . VAL A 1 58  ? 8.371   -1.838  7.725   1.00 19.11 ? 88  VAL A O   1 
ATOM   400 C  CB  . VAL A 1 58  ? 9.032   -4.978  6.812   1.00 19.28 ? 88  VAL A CB  1 
ATOM   401 C  CG1 . VAL A 1 58  ? 9.455   -4.115  5.631   1.00 19.62 ? 88  VAL A CG1 1 
ATOM   402 C  CG2 . VAL A 1 58  ? 10.012  -6.125  7.005   1.00 19.19 ? 88  VAL A CG2 1 
ATOM   403 N  N   . ALA A 1 59  ? 6.607   -3.219  8.014   1.00 18.94 ? 89  ALA A N   1 
ATOM   404 C  CA  . ALA A 1 59  ? 5.580   -2.183  7.848   1.00 18.80 ? 89  ALA A CA  1 
ATOM   405 C  C   . ALA A 1 59  ? 5.714   -1.108  8.936   1.00 18.84 ? 89  ALA A C   1 
ATOM   406 O  O   . ALA A 1 59  ? 5.564   0.086   8.662   1.00 18.67 ? 89  ALA A O   1 
ATOM   407 C  CB  . ALA A 1 59  ? 4.204   -2.809  7.861   1.00 18.77 ? 89  ALA A CB  1 
ATOM   408 N  N   . ALA A 1 60  ? 5.984   -1.534  10.173  1.00 19.04 ? 90  ALA A N   1 
ATOM   409 C  CA  . ALA A 1 60  ? 6.108   -0.614  11.302  1.00 19.43 ? 90  ALA A CA  1 
ATOM   410 C  C   . ALA A 1 60  ? 7.316   0.314   11.098  1.00 19.55 ? 90  ALA A C   1 
ATOM   411 O  O   . ALA A 1 60  ? 7.231   1.514   11.354  1.00 19.74 ? 90  ALA A O   1 
ATOM   412 C  CB  . ALA A 1 60  ? 6.208   -1.393  12.591  1.00 19.54 ? 90  ALA A CB  1 
ATOM   413 N  N   . LYS A 1 61  ? 8.435   -0.249  10.632  1.00 20.26 ? 91  LYS A N   1 
ATOM   414 C  CA  . LYS A 1 61  ? 9.676   0.509   10.402  1.00 21.06 ? 91  LYS A CA  1 
ATOM   415 C  C   . LYS A 1 61  ? 9.474   1.518   9.268   1.00 20.52 ? 91  LYS A C   1 
ATOM   416 O  O   . LYS A 1 61  ? 9.893   2.674   9.387   1.00 20.49 ? 91  LYS A O   1 
ATOM   417 C  CB  . LYS A 1 61  ? 10.839  -0.442  10.112  1.00 22.66 ? 91  LYS A CB  1 
ATOM   418 C  CG  . LYS A 1 61  ? 11.273  -1.249  11.329  1.00 24.37 ? 91  LYS A CG  1 
ATOM   419 C  CD  . LYS A 1 61  ? 12.345  -2.270  11.054  1.00 26.24 ? 91  LYS A CD  1 
ATOM   420 C  CE  . LYS A 1 61  ? 12.584  -3.169  12.249  1.00 27.50 ? 91  LYS A CE  1 
ATOM   421 N  NZ  . LYS A 1 61  ? 13.980  -3.669  12.282  1.00 29.04 ? 91  LYS A NZ  1 
ATOM   422 N  N   . VAL A 1 62  ? 8.825   1.073   8.187   1.00 19.51 ? 92  VAL A N   1 
ATOM   423 C  CA  . VAL A 1 62  ? 8.523   1.937   7.040   1.00 19.34 ? 92  VAL A CA  1 
ATOM   424 C  C   . VAL A 1 62  ? 7.599   3.073   7.497   1.00 19.39 ? 92  VAL A C   1 
ATOM   425 O  O   . VAL A 1 62  ? 7.829   4.235   7.149   1.00 18.90 ? 92  VAL A O   1 
ATOM   426 C  CB  . VAL A 1 62  ? 7.913   1.138   5.871   1.00 19.09 ? 92  VAL A CB  1 
ATOM   427 C  CG1 . VAL A 1 62  ? 7.237   2.040   4.844   1.00 18.90 ? 92  VAL A CG1 1 
ATOM   428 C  CG2 . VAL A 1 62  ? 8.956   0.259   5.204   1.00 18.81 ? 92  VAL A CG2 1 
ATOM   429 N  N   . ASP A 1 63  ? 6.573   2.723   8.280   1.00 19.35 ? 93  ASP A N   1 
ATOM   430 C  CA  . ASP A 1 63  ? 5.587   3.686   8.752   1.00 20.14 ? 93  ASP A CA  1 
ATOM   431 C  C   . ASP A 1 63  ? 6.286   4.767   9.584   1.00 21.25 ? 93  ASP A C   1 
ATOM   432 O  O   . ASP A 1 63  ? 5.935   5.945   9.482   1.00 20.94 ? 93  ASP A O   1 
ATOM   433 C  CB  . ASP A 1 63  ? 4.470   3.010   9.548   1.00 19.52 ? 93  ASP A CB  1 
ATOM   434 C  CG  . ASP A 1 63  ? 3.238   3.883   9.723   1.00 19.45 ? 93  ASP A CG  1 
ATOM   435 O  OD1 . ASP A 1 63  ? 2.770   4.453   8.711   1.00 19.26 ? 93  ASP A OD1 1 
ATOM   436 O  OD2 . ASP A 1 63  ? 2.744   3.973   10.857  1.00 18.58 ? 93  ASP A OD2 1 
ATOM   437 N  N   . GLU A 1 64  ? 7.270   4.358   10.398  1.00 23.23 ? 94  GLU A N   1 
ATOM   438 C  CA  . GLU A 1 64  ? 8.034   5.273   11.257  1.00 25.73 ? 94  GLU A CA  1 
ATOM   439 C  C   . GLU A 1 64  ? 8.949   6.161   10.401  1.00 25.23 ? 94  GLU A C   1 
ATOM   440 O  O   . GLU A 1 64  ? 9.026   7.373   10.625  1.00 24.16 ? 94  GLU A O   1 
ATOM   441 C  CB  . GLU A 1 64  ? 8.838   4.493   12.300  1.00 28.78 ? 94  GLU A CB  1 
ATOM   442 C  CG  . GLU A 1 64  ? 9.709   5.376   13.184  1.00 32.34 ? 94  GLU A CG  1 
ATOM   443 C  CD  . GLU A 1 64  ? 10.492  4.635   14.256  1.00 36.31 ? 94  GLU A CD  1 
ATOM   444 O  OE1 . GLU A 1 64  ? 10.698  3.408   14.104  1.00 40.46 ? 94  GLU A OE1 1 
ATOM   445 O  OE2 . GLU A 1 64  ? 10.897  5.284   15.247  1.00 41.98 ? 94  GLU A OE2 1 
ATOM   446 N  N   . GLU A 1 65  ? 9.653   5.562   9.432   1.00 24.70 ? 95  GLU A N   1 
ATOM   447 C  CA  . GLU A 1 65  ? 10.464  6.332   8.480   1.00 25.88 ? 95  GLU A CA  1 
ATOM   448 C  C   . GLU A 1 65  ? 9.580   7.367   7.772   1.00 24.52 ? 95  GLU A C   1 
ATOM   449 O  O   . GLU A 1 65  ? 9.979   8.516   7.604   1.00 23.92 ? 95  GLU A O   1 
ATOM   450 C  CB  . GLU A 1 65  ? 11.104  5.431   7.423   1.00 28.13 ? 95  GLU A CB  1 
ATOM   451 C  CG  . GLU A 1 65  ? 12.262  4.601   7.932   1.00 31.21 ? 95  GLU A CG  1 
ATOM   452 C  CD  . GLU A 1 65  ? 12.880  3.727   6.856   1.00 33.95 ? 95  GLU A CD  1 
ATOM   453 O  OE1 . GLU A 1 65  ? 13.820  4.197   6.177   1.00 37.28 ? 95  GLU A OE1 1 
ATOM   454 O  OE2 . GLU A 1 65  ? 12.389  2.601   6.665   1.00 37.41 ? 95  GLU A OE2 1 
ATOM   455 N  N   . ALA A 1 66  ? 8.380   6.931   7.371   1.00 23.45 ? 96  ALA A N   1 
ATOM   456 C  CA  . ALA A 1 66  ? 7.448   7.735   6.592   1.00 23.73 ? 96  ALA A CA  1 
ATOM   457 C  C   . ALA A 1 66  ? 7.074   9.018   7.345   1.00 23.67 ? 96  ALA A C   1 
ATOM   458 O  O   . ALA A 1 66  ? 7.113   10.101  6.767   1.00 23.55 ? 96  ALA A O   1 
ATOM   459 C  CB  . ALA A 1 66  ? 6.224   6.919   6.256   1.00 23.65 ? 96  ALA A CB  1 
ATOM   460 N  N   . ILE A 1 67  ? 6.708   8.895   8.627   1.00 23.79 ? 97  ILE A N   1 
ATOM   461 C  CA  . ILE A 1 67  ? 6.265   10.064  9.408   1.00 24.27 ? 97  ILE A CA  1 
ATOM   462 C  C   . ILE A 1 67  ? 7.455   11.006  9.649   1.00 24.45 ? 97  ILE A C   1 
ATOM   463 O  O   . ILE A 1 67  ? 7.274   12.226  9.703   1.00 24.67 ? 97  ILE A O   1 
ATOM   464 C  CB  . ILE A 1 67  ? 5.541   9.669   10.716  1.00 23.90 ? 97  ILE A CB  1 
ATOM   465 C  CG1 . ILE A 1 67  ? 4.836   10.881  11.335  1.00 24.31 ? 97  ILE A CG1 1 
ATOM   466 C  CG2 . ILE A 1 67  ? 6.477   8.995   11.709  1.00 23.67 ? 97  ILE A CG2 1 
ATOM   467 C  CD1 . ILE A 1 67  ? 3.819   10.539  12.395  1.00 24.32 ? 97  ILE A CD1 1 
ATOM   468 N  N   . ASN A 1 68  ? 8.663   10.445  9.776   1.00 24.65 ? 98  ASN A N   1 
ATOM   469 C  CA  . ASN A 1 68  ? 9.881   11.244  9.917   1.00 26.05 ? 98  ASN A CA  1 
ATOM   470 C  C   . ASN A 1 68  ? 10.203  11.968  8.605   1.00 25.99 ? 98  ASN A C   1 
ATOM   471 O  O   . ASN A 1 68  ? 10.664  13.106  8.639   1.00 27.38 ? 98  ASN A O   1 
ATOM   472 C  CB  . ASN A 1 68  ? 11.071  10.399  10.374  1.00 27.26 ? 98  ASN A CB  1 
ATOM   473 C  CG  . ASN A 1 68  ? 10.946  9.974   11.821  1.00 27.72 ? 98  ASN A CG  1 
ATOM   474 O  OD1 . ASN A 1 68  ? 10.504  10.756  12.660  1.00 28.38 ? 98  ASN A OD1 1 
ATOM   475 N  ND2 . ASN A 1 68  ? 11.329  8.743   12.120  1.00 28.82 ? 98  ASN A ND2 1 
ATOM   476 N  N   . ALA A 1 69  ? 9.977   11.280  7.486   1.00 25.68 ? 99  ALA A N   1 
ATOM   477 C  CA  . ALA A 1 69  ? 10.190  11.820  6.125   1.00 25.30 ? 99  ALA A CA  1 
ATOM   478 C  C   . ALA A 1 69  ? 9.270   13.026  5.902   1.00 24.77 ? 99  ALA A C   1 
ATOM   479 O  O   . ALA A 1 69  ? 9.723   13.995  5.376   1.00 25.94 ? 99  ALA A O   1 
ATOM   480 C  CB  . ALA A 1 69  ? 10.010  10.756  5.085   1.00 25.52 ? 99  ALA A CB  1 
ATOM   481 N  N   . GLY A 1 70  ? 8.022   12.936  6.304   1.00 23.35 ? 100 GLY A N   1 
ATOM   482 C  CA  . GLY A 1 70  ? 7.107   14.075  6.219   1.00 23.33 ? 100 GLY A CA  1 
ATOM   483 C  C   . GLY A 1 70  ? 6.451   14.291  4.871   1.00 22.84 ? 100 GLY A C   1 
ATOM   484 O  O   . GLY A 1 70  ? 6.678   13.533  3.965   1.00 21.94 ? 100 GLY A O   1 
ATOM   485 N  N   . PRO A 1 71  ? 5.663   15.357  4.796   1.00 22.87 ? 101 PRO A N   1 
ATOM   486 C  CA  . PRO A 1 71  ? 4.932   15.735  3.597   1.00 22.73 ? 101 PRO A CA  1 
ATOM   487 C  C   . PRO A 1 71  ? 5.863   16.171  2.456   1.00 22.64 ? 101 PRO A C   1 
ATOM   488 O  O   . PRO A 1 71  ? 6.941   16.581  2.694   1.00 23.18 ? 101 PRO A O   1 
ATOM   489 C  CB  . PRO A 1 71  ? 4.037   16.875  4.087   1.00 22.70 ? 101 PRO A CB  1 
ATOM   490 C  CG  . PRO A 1 71  ? 4.855   17.547  5.126   1.00 23.00 ? 101 PRO A CG  1 
ATOM   491 C  CD  . PRO A 1 71  ? 5.696   16.457  5.742   1.00 22.80 ? 101 PRO A CD  1 
ATOM   492 N  N   . PRO A 1 72  ? 5.398   16.018  1.226   1.00 23.32 ? 102 PRO A N   1 
ATOM   493 C  CA  . PRO A 1 72  ? 4.005   15.694  0.915   1.00 22.96 ? 102 PRO A CA  1 
ATOM   494 C  C   . PRO A 1 72  ? 3.699   14.197  0.754   1.00 22.18 ? 102 PRO A C   1 
ATOM   495 O  O   . PRO A 1 72  ? 2.590   13.817  0.943   1.00 21.47 ? 102 PRO A O   1 
ATOM   496 C  CB  . PRO A 1 72  ? 3.819   16.399  -0.432  1.00 23.51 ? 102 PRO A CB  1 
ATOM   497 C  CG  . PRO A 1 72  ? 5.159   16.330  -1.074  1.00 23.78 ? 102 PRO A CG  1 
ATOM   498 C  CD  . PRO A 1 72  ? 6.135   16.478  0.068   1.00 23.78 ? 102 PRO A CD  1 
ATOM   499 N  N   . ASP A 1 73  ? 4.726   13.398  0.483   1.00 22.30 ? 103 ASP A N   1 
ATOM   500 C  CA  . ASP A 1 73  ? 4.537   11.965  0.149   1.00 21.61 ? 103 ASP A CA  1 
ATOM   501 C  C   . ASP A 1 73  ? 4.676   10.974  1.307   1.00 21.05 ? 103 ASP A C   1 
ATOM   502 O  O   . ASP A 1 73  ? 4.298   9.875   1.103   1.00 19.90 ? 103 ASP A O   1 
ATOM   503 C  CB  . ASP A 1 73  ? 5.391   11.588  -1.049  1.00 21.96 ? 103 ASP A CB  1 
ATOM   504 C  CG  . ASP A 1 73  ? 4.891   12.286  -2.303  1.00 22.26 ? 103 ASP A CG  1 
ATOM   505 O  OD1 . ASP A 1 73  ? 3.683   12.253  -2.553  1.00 21.07 ? 103 ASP A OD1 1 
ATOM   506 O  OD2 . ASP A 1 73  ? 5.703   12.881  -2.937  1.00 21.48 ? 103 ASP A OD2 1 
ATOM   507 N  N   . PHE A 1 74  ? 5.267   11.355  2.429   1.00 21.11 ? 104 PHE A N   1 
ATOM   508 C  CA  . PHE A 1 74  ? 5.410   10.464  3.602   1.00 21.20 ? 104 PHE A CA  1 
ATOM   509 C  C   . PHE A 1 74  ? 5.926   9.083   3.178   1.00 21.29 ? 104 PHE A C   1 
ATOM   510 O  O   . PHE A 1 74  ? 5.307   8.050   3.491   1.00 20.52 ? 104 PHE A O   1 
ATOM   511 C  CB  . PHE A 1 74  ? 4.074   10.318  4.336   1.00 21.58 ? 104 PHE A CB  1 
ATOM   512 C  CG  . PHE A 1 74  ? 3.579   11.600  4.949   1.00 21.58 ? 104 PHE A CG  1 
ATOM   513 C  CD1 . PHE A 1 74  ? 4.060   12.023  6.178   1.00 21.56 ? 104 PHE A CD1 1 
ATOM   514 C  CD2 . PHE A 1 74  ? 2.652   12.391  4.288   1.00 21.92 ? 104 PHE A CD2 1 
ATOM   515 C  CE1 . PHE A 1 74  ? 3.613   13.210  6.738   1.00 22.41 ? 104 PHE A CE1 1 
ATOM   516 C  CE2 . PHE A 1 74  ? 2.206   13.576  4.852   1.00 21.79 ? 104 PHE A CE2 1 
ATOM   517 C  CZ  . PHE A 1 74  ? 2.688   13.982  6.075   1.00 21.84 ? 104 PHE A CZ  1 
ATOM   518 N  N   . LEU A 1 75  ? 7.055   9.078   2.459   1.00 21.45 ? 105 LEU A N   1 
ATOM   519 C  CA  . LEU A 1 75  ? 7.761   7.847   2.119   1.00 22.50 ? 105 LEU A CA  1 
ATOM   520 C  C   . LEU A 1 75  ? 9.211   7.968   2.572   1.00 23.12 ? 105 LEU A C   1 
ATOM   521 O  O   . LEU A 1 75  ? 9.770   9.062   2.564   1.00 22.70 ? 105 LEU A O   1 
ATOM   522 C  CB  . LEU A 1 75  ? 7.696   7.600   0.609   1.00 23.06 ? 105 LEU A CB  1 
ATOM   523 C  CG  . LEU A 1 75  ? 6.322   7.242   0.045   1.00 22.89 ? 105 LEU A CG  1 
ATOM   524 C  CD1 . LEU A 1 75  ? 6.352   7.246   -1.474  1.00 23.14 ? 105 LEU A CD1 1 
ATOM   525 C  CD2 . LEU A 1 75  ? 5.848   5.894   0.566   1.00 22.84 ? 105 LEU A CD2 1 
ATOM   526 N  N   . PRO A 1 76  ? 9.864   6.845   2.948   1.00 23.80 ? 106 PRO A N   1 
ATOM   527 C  CA  . PRO A 1 76  ? 11.301  6.841   3.219   1.00 24.94 ? 106 PRO A CA  1 
ATOM   528 C  C   . PRO A 1 76  ? 12.098  7.229   1.964   1.00 25.68 ? 106 PRO A C   1 
ATOM   529 O  O   . PRO A 1 76  ? 11.611  7.033   0.843   1.00 24.92 ? 106 PRO A O   1 
ATOM   530 C  CB  . PRO A 1 76  ? 11.637  5.395   3.616   1.00 24.63 ? 106 PRO A CB  1 
ATOM   531 C  CG  . PRO A 1 76  ? 10.299  4.714   3.854   1.00 24.44 ? 106 PRO A CG  1 
ATOM   532 C  CD  . PRO A 1 76  ? 9.262   5.513   3.093   1.00 24.10 ? 106 PRO A CD  1 
ATOM   533 N  N   . ALA A 1 77  ? 13.319  7.734   2.177   1.00 27.38 ? 107 ALA A N   1 
ATOM   534 C  CA  . ALA A 1 77  ? 14.184  8.280   1.124   1.00 30.11 ? 107 ALA A CA  1 
ATOM   535 C  C   . ALA A 1 77  ? 14.358  7.280   -0.027  1.00 32.57 ? 107 ALA A C   1 
ATOM   536 O  O   . ALA A 1 77  ? 14.348  7.673   -1.198  1.00 34.92 ? 107 ALA A O   1 
ATOM   537 C  CB  . ALA A 1 77  ? 15.521  8.663   1.708   1.00 30.82 ? 107 ALA A CB  1 
ATOM   538 N  N   . ASP A 1 78  ? 14.521  5.998   0.315   1.00 33.31 ? 108 ASP A N   1 
ATOM   539 C  CA  . ASP A 1 78  ? 14.737  4.937   -0.671  1.00 35.17 ? 108 ASP A CA  1 
ATOM   540 C  C   . ASP A 1 78  ? 13.742  3.794   -0.434  1.00 34.56 ? 108 ASP A C   1 
ATOM   541 O  O   . ASP A 1 78  ? 13.139  3.681   0.635   1.00 33.94 ? 108 ASP A O   1 
ATOM   542 C  CB  . ASP A 1 78  ? 16.168  4.407   -0.591  1.00 36.06 ? 108 ASP A CB  1 
ATOM   543 C  CG  . ASP A 1 78  ? 16.506  3.898   0.794   1.00 36.87 ? 108 ASP A CG  1 
ATOM   544 O  OD1 . ASP A 1 78  ? 16.056  2.782   1.136   1.00 36.74 ? 108 ASP A OD1 1 
ATOM   545 O  OD2 . ASP A 1 78  ? 17.203  4.627   1.523   1.00 38.33 ? 108 ASP A OD2 1 
ATOM   546 N  N   . ARG A 1 79  ? 13.636  2.918   -1.437  1.00 34.25 ? 109 ARG A N   1 
ATOM   547 C  CA  . ARG A 1 79  ? 12.628  1.876   -1.483  1.00 34.00 ? 109 ARG A CA  1 
ATOM   548 C  C   . ARG A 1 79  ? 13.245  0.515   -1.126  1.00 31.84 ? 109 ARG A C   1 
ATOM   549 O  O   . ARG A 1 79  ? 12.761  -0.501  -1.611  1.00 30.49 ? 109 ARG A O   1 
ATOM   550 C  CB  . ARG A 1 79  ? 12.004  1.813   -2.885  1.00 35.70 ? 109 ARG A CB  1 
ATOM   551 C  CG  . ARG A 1 79  ? 11.476  3.139   -3.420  1.00 37.37 ? 109 ARG A CG  1 
ATOM   552 C  CD  . ARG A 1 79  ? 10.027  3.427   -3.053  1.00 39.05 ? 109 ARG A CD  1 
ATOM   553 N  NE  . ARG A 1 79  ? 9.654   4.822   -3.278  1.00 40.46 ? 109 ARG A NE  1 
ATOM   554 C  CZ  . ARG A 1 79  ? 10.069  5.846   -2.533  1.00 41.49 ? 109 ARG A CZ  1 
ATOM   555 N  NH1 . ARG A 1 79  ? 9.670   7.077   -2.814  1.00 41.59 ? 109 ARG A NH1 1 
ATOM   556 N  NH2 . ARG A 1 79  ? 10.880  5.639   -1.510  1.00 40.22 ? 109 ARG A NH2 1 
ATOM   557 N  N   . THR A 1 80  ? 14.282  0.477   -0.272  1.00 29.94 ? 110 THR A N   1 
ATOM   558 C  CA  . THR A 1 80  ? 14.963  -0.797  0.007   1.00 29.38 ? 110 THR A CA  1 
ATOM   559 C  C   . THR A 1 80  ? 13.988  -1.785  0.662   1.00 27.43 ? 110 THR A C   1 
ATOM   560 O  O   . THR A 1 80  ? 14.125  -2.976  0.462   1.00 27.32 ? 110 THR A O   1 
ATOM   561 C  CB  . THR A 1 80  ? 16.235  -0.660  0.857   1.00 30.69 ? 110 THR A CB  1 
ATOM   562 O  OG1 . THR A 1 80  ? 15.907  -0.056  2.107   1.00 32.20 ? 110 THR A OG1 1 
ATOM   563 C  CG2 . THR A 1 80  ? 17.327  0.126   0.165   1.00 31.03 ? 110 THR A CG2 1 
ATOM   564 N  N   . ASN A 1 81  ? 13.001  -1.280  1.413   1.00 25.57 ? 111 ASN A N   1 
ATOM   565 C  CA  . ASN A 1 81  ? 12.010  -2.123  2.090   1.00 24.98 ? 111 ASN A CA  1 
ATOM   566 C  C   . ASN A 1 81  ? 10.622  -1.982  1.451   1.00 23.33 ? 111 ASN A C   1 
ATOM   567 O  O   . ASN A 1 81  ? 9.635   -2.413  2.045   1.00 22.05 ? 111 ASN A O   1 
ATOM   568 C  CB  . ASN A 1 81  ? 11.923  -1.785  3.578   1.00 25.40 ? 111 ASN A CB  1 
ATOM   569 C  CG  . ASN A 1 81  ? 13.184  -2.155  4.320   1.00 26.53 ? 111 ASN A CG  1 
ATOM   570 O  OD1 . ASN A 1 81  ? 13.580  -3.317  4.316   1.00 27.34 ? 111 ASN A OD1 1 
ATOM   571 N  ND2 . ASN A 1 81  ? 13.816  -1.178  4.950   1.00 26.20 ? 111 ASN A ND2 1 
ATOM   572 N  N   . ILE A 1 82  ? 10.552  -1.414  0.242   1.00 22.40 ? 112 ILE A N   1 
ATOM   573 C  CA  . ILE A 1 82  ? 9.288   -1.115  -0.417  1.00 21.52 ? 112 ILE A CA  1 
ATOM   574 C  C   . ILE A 1 82  ? 9.265   -1.797  -1.791  1.00 20.96 ? 112 ILE A C   1 
ATOM   575 O  O   . ILE A 1 82  ? 10.148  -1.570  -2.624  1.00 20.14 ? 112 ILE A O   1 
ATOM   576 C  CB  . ILE A 1 82  ? 9.068   0.407   -0.524  1.00 21.99 ? 112 ILE A CB  1 
ATOM   577 C  CG1 . ILE A 1 82  ? 8.951   1.052   0.859   1.00 22.23 ? 112 ILE A CG1 1 
ATOM   578 C  CG2 . ILE A 1 82  ? 7.859   0.718   -1.399  1.00 21.85 ? 112 ILE A CG2 1 
ATOM   579 C  CD1 . ILE A 1 82  ? 9.002   2.564   0.850   1.00 22.79 ? 112 ILE A CD1 1 
ATOM   580 N  N   . ILE A 1 83  ? 8.232   -2.620  -2.009  1.00 19.26 ? 113 ILE A N   1 
ATOM   581 C  CA  . ILE A 1 83  ? 7.980   -3.269  -3.293  1.00 18.98 ? 113 ILE A CA  1 
ATOM   582 C  C   . ILE A 1 83  ? 7.444   -2.225  -4.277  1.00 18.25 ? 113 ILE A C   1 
ATOM   583 O  O   . ILE A 1 83  ? 7.939   -2.117  -5.393  1.00 17.44 ? 113 ILE A O   1 
ATOM   584 C  CB  . ILE A 1 83  ? 7.021   -4.465  -3.122  1.00 19.25 ? 113 ILE A CB  1 
ATOM   585 C  CG1 . ILE A 1 83  ? 7.735   -5.630  -2.436  1.00 19.70 ? 113 ILE A CG1 1 
ATOM   586 C  CG2 . ILE A 1 83  ? 6.406   -4.886  -4.450  1.00 19.33 ? 113 ILE A CG2 1 
ATOM   587 C  CD1 . ILE A 1 83  ? 6.804   -6.636  -1.828  1.00 20.27 ? 113 ILE A CD1 1 
ATOM   588 N  N   . ALA A 1 84  ? 6.426   -1.472  -3.844  1.00 17.92 ? 114 ALA A N   1 
ATOM   589 C  CA  . ALA A 1 84  ? 5.809   -0.430  -4.657  1.00 17.79 ? 114 ALA A CA  1 
ATOM   590 C  C   . ALA A 1 84  ? 5.016   0.520   -3.755  1.00 17.81 ? 114 ALA A C   1 
ATOM   591 O  O   . ALA A 1 84  ? 4.596   0.148   -2.654  1.00 17.09 ? 114 ALA A O   1 
ATOM   592 C  CB  . ALA A 1 84  ? 4.925   -1.051  -5.713  1.00 18.28 ? 114 ALA A CB  1 
ATOM   593 N  N   . ALA A 1 85  ? 4.818   1.752   -4.240  1.00 17.98 ? 115 ALA A N   1 
ATOM   594 C  CA  . ALA A 1 85  ? 4.062   2.758   -3.513  1.00 18.25 ? 115 ALA A CA  1 
ATOM   595 C  C   . ALA A 1 85  ? 3.528   3.824   -4.474  1.00 18.33 ? 115 ALA A C   1 
ATOM   596 O  O   . ALA A 1 85  ? 4.185   4.181   -5.442  1.00 18.87 ? 115 ALA A O   1 
ATOM   597 C  CB  . ALA A 1 85  ? 4.932   3.388   -2.453  1.00 18.25 ? 115 ALA A CB  1 
ATOM   598 N  N   . THR A 1 86  ? 2.329   4.328   -4.169  1.00 18.00 ? 116 THR A N   1 
ATOM   599 C  CA  . THR A 1 86  ? 1.764   5.470   -4.849  1.00 17.99 ? 116 THR A CA  1 
ATOM   600 C  C   . THR A 1 86  ? 2.324   6.741   -4.210  1.00 17.93 ? 116 THR A C   1 
ATOM   601 O  O   . THR A 1 86  ? 3.017   6.689   -3.190  1.00 17.02 ? 116 THR A O   1 
ATOM   602 C  CB  . THR A 1 86  ? 0.230   5.491   -4.778  1.00 18.00 ? 116 THR A CB  1 
ATOM   603 O  OG1 . THR A 1 86  ? -0.172  5.731   -3.428  1.00 17.17 ? 116 THR A OG1 1 
ATOM   604 C  CG2 . THR A 1 86  ? -0.408  4.218   -5.287  1.00 17.94 ? 116 THR A CG2 1 
ATOM   605 N  N   . LYS A 1 87  ? 2.007   7.882   -4.826  1.00 18.60 ? 117 LYS A N   1 
ATOM   606 C  CA  . LYS A 1 87  ? 2.162   9.172   -4.192  1.00 19.56 ? 117 LYS A CA  1 
ATOM   607 C  C   . LYS A 1 87  ? 1.042   9.308   -3.149  1.00 18.72 ? 117 LYS A C   1 
ATOM   608 O  O   . LYS A 1 87  ? 0.138   8.465   -3.084  1.00 17.47 ? 117 LYS A O   1 
ATOM   609 C  CB  . LYS A 1 87  ? 2.116   10.293  -5.237  1.00 21.59 ? 117 LYS A CB  1 
ATOM   610 C  CG  . LYS A 1 87  ? 3.134   10.185  -6.368  1.00 23.30 ? 117 LYS A CG  1 
ATOM   611 C  CD  . LYS A 1 87  ? 4.493   10.763  -6.027  1.00 25.47 ? 117 LYS A CD  1 
ATOM   612 C  CE  . LYS A 1 87  ? 5.539   10.514  -7.096  1.00 26.76 ? 117 LYS A CE  1 
ATOM   613 N  NZ  . LYS A 1 87  ? 5.301   11.339  -8.305  1.00 28.80 ? 117 LYS A NZ  1 
ATOM   614 N  N   . MET A 1 88  ? 1.107   10.367  -2.336  1.00 17.61 ? 118 MET A N   1 
ATOM   615 C  CA  . MET A 1 88  ? 0.089   10.628  -1.327  1.00 17.96 ? 118 MET A CA  1 
ATOM   616 C  C   . MET A 1 88  ? -1.074  11.362  -2.005  1.00 17.72 ? 118 MET A C   1 
ATOM   617 O  O   . MET A 1 88  ? -0.970  12.541  -2.329  1.00 17.15 ? 118 MET A O   1 
ATOM   618 C  CB  . MET A 1 88  ? 0.658   11.458  -0.169  1.00 18.11 ? 118 MET A CB  1 
ATOM   619 C  CG  . MET A 1 88  ? -0.313  11.664  0.990   1.00 18.04 ? 118 MET A CG  1 
ATOM   620 S  SD  . MET A 1 88  ? -0.924  10.121  1.731   1.00 17.87 ? 118 MET A SD  1 
ATOM   621 C  CE  . MET A 1 88  ? 0.542   9.541   2.580   1.00 18.43 ? 118 MET A CE  1 
ATOM   622 N  N   . LEU A 1 89  ? -2.169  10.629  -2.238  1.00 17.93 ? 119 LEU A N   1 
ATOM   623 C  CA  . LEU A 1 89  ? -3.274  11.096  -3.061  1.00 18.39 ? 119 LEU A CA  1 
ATOM   624 C  C   . LEU A 1 89  ? -4.258  11.921  -2.227  1.00 18.58 ? 119 LEU A C   1 
ATOM   625 O  O   . LEU A 1 89  ? -4.576  11.567  -1.088  1.00 18.34 ? 119 LEU A O   1 
ATOM   626 C  CB  . LEU A 1 89  ? -3.988  9.888   -3.676  1.00 19.01 ? 119 LEU A CB  1 
ATOM   627 C  CG  . LEU A 1 89  ? -3.119  8.975   -4.537  1.00 19.58 ? 119 LEU A CG  1 
ATOM   628 C  CD1 . LEU A 1 89  ? -3.956  7.846   -5.119  1.00 19.88 ? 119 LEU A CD1 1 
ATOM   629 C  CD2 . LEU A 1 89  ? -2.423  9.761   -5.642  1.00 19.50 ? 119 LEU A CD2 1 
ATOM   630 N  N   . GLY A 1 90  ? -4.765  12.995  -2.843  1.00 18.25 ? 120 GLY A N   1 
ATOM   631 C  CA  . GLY A 1 90  ? -5.825  13.804  -2.280  1.00 18.40 ? 120 GLY A CA  1 
ATOM   632 C  C   . GLY A 1 90  ? -7.180  13.131  -2.474  1.00 18.06 ? 120 GLY A C   1 
ATOM   633 O  O   . GLY A 1 90  ? -7.285  12.135  -3.190  1.00 17.65 ? 120 GLY A O   1 
ATOM   634 N  N   . PRO A 1 91  ? -8.253  13.642  -1.830  1.00 18.92 ? 121 PRO A N   1 
ATOM   635 C  CA  . PRO A 1 91  ? -9.598  13.108  -2.040  1.00 18.65 ? 121 PRO A CA  1 
ATOM   636 C  C   . PRO A 1 91  ? -9.956  13.106  -3.538  1.00 18.48 ? 121 PRO A C   1 
ATOM   637 O  O   . PRO A 1 91  ? -9.740  14.103  -4.233  1.00 18.06 ? 121 PRO A O   1 
ATOM   638 C  CB  . PRO A 1 91  ? -10.537 14.020  -1.231  1.00 19.11 ? 121 PRO A CB  1 
ATOM   639 C  CG  . PRO A 1 91  ? -9.670  15.104  -0.613  1.00 19.36 ? 121 PRO A CG  1 
ATOM   640 C  CD  . PRO A 1 91  ? -8.220  14.762  -0.878  1.00 19.06 ? 121 PRO A CD  1 
ATOM   641 N  N   . GLY A 1 92  ? -10.442 11.961  -4.030  1.00 18.28 ? 122 GLY A N   1 
ATOM   642 C  CA  . GLY A 1 92  ? -10.817 11.789  -5.433  1.00 18.54 ? 122 GLY A CA  1 
ATOM   643 C  C   . GLY A 1 92  ? -9.641  11.458  -6.346  1.00 18.75 ? 122 GLY A C   1 
ATOM   644 O  O   . GLY A 1 92  ? -9.841  11.197  -7.531  1.00 18.52 ? 122 GLY A O   1 
ATOM   645 N  N   . GLY A 1 93  ? -8.412  11.472  -5.812  1.00 18.41 ? 123 GLY A N   1 
ATOM   646 C  CA  . GLY A 1 93  ? -7.230  11.112  -6.586  1.00 18.60 ? 123 GLY A CA  1 
ATOM   647 C  C   . GLY A 1 93  ? -7.115  9.604   -6.759  1.00 19.15 ? 123 GLY A C   1 
ATOM   648 O  O   . GLY A 1 93  ? -7.615  8.839   -5.932  1.00 19.57 ? 123 GLY A O   1 
ATOM   649 N  N   . SER A 1 94  ? -6.458  9.174   -7.844  1.00 18.99 ? 124 SER A N   1 
ATOM   650 C  CA  . SER A 1 94  ? -6.159  7.763   -8.066  1.00 19.24 ? 124 SER A CA  1 
ATOM   651 C  C   . SER A 1 94  ? -4.779  7.622   -8.715  1.00 18.91 ? 124 SER A C   1 
ATOM   652 O  O   . SER A 1 94  ? -4.257  8.564   -9.306  1.00 17.80 ? 124 SER A O   1 
ATOM   653 C  CB  . SER A 1 94  ? -7.236  7.092   -8.883  1.00 20.09 ? 124 SER A CB  1 
ATOM   654 O  OG  . SER A 1 94  ? -7.332  7.671   -10.173 1.00 21.42 ? 124 SER A OG  1 
ATOM   655 N  N   . GLU A 1 95  ? -4.174  6.442   -8.563  1.00 18.50 ? 125 GLU A N   1 
ATOM   656 C  CA  . GLU A 1 95  ? -2.878  6.170   -9.167  1.00 18.17 ? 125 GLU A CA  1 
ATOM   657 C  C   . GLU A 1 95  ? -2.749  4.669   -9.418  1.00 18.03 ? 125 GLU A C   1 
ATOM   658 O  O   . GLU A 1 95  ? -3.189  3.871   -8.604  1.00 17.68 ? 125 GLU A O   1 
ATOM   659 C  CB  . GLU A 1 95  ? -1.739  6.662   -8.273  1.00 18.34 ? 125 GLU A CB  1 
ATOM   660 C  CG  . GLU A 1 95  ? -0.378  6.585   -8.945  1.00 18.50 ? 125 GLU A CG  1 
ATOM   661 C  CD  . GLU A 1 95  ? 0.806   6.933   -8.063  1.00 18.60 ? 125 GLU A CD  1 
ATOM   662 O  OE1 . GLU A 1 95  ? 0.654   7.808   -7.176  1.00 18.59 ? 125 GLU A OE1 1 
ATOM   663 O  OE2 . GLU A 1 95  ? 1.878   6.333   -8.272  1.00 18.55 ? 125 GLU A OE2 1 
ATOM   664 N  N   . THR A 1 96  ? -2.143  4.328   -10.560 1.00 17.90 ? 126 THR A N   1 
ATOM   665 C  CA  . THR A 1 96  ? -1.808  2.963   -10.919 1.00 18.33 ? 126 THR A CA  1 
ATOM   666 C  C   . THR A 1 96  ? -0.296  2.777   -10.762 1.00 18.40 ? 126 THR A C   1 
ATOM   667 O  O   . THR A 1 96  ? 0.489   3.574   -11.274 1.00 18.64 ? 126 THR A O   1 
ATOM   668 C  CB  . THR A 1 96  ? -2.266  2.634   -12.346 1.00 18.11 ? 126 THR A CB  1 
ATOM   669 O  OG1 . THR A 1 96  ? -3.682  2.806   -12.404 1.00 18.44 ? 126 THR A OG1 1 
ATOM   670 C  CG2 . THR A 1 96  ? -1.908  1.226   -12.764 1.00 18.24 ? 126 THR A CG2 1 
ATOM   671 N  N   . ILE A 1 97  ? 0.089   1.723   -10.038 1.00 18.77 ? 127 ILE A N   1 
ATOM   672 C  CA  . ILE A 1 97  ? 1.485   1.345   -9.850  1.00 18.93 ? 127 ILE A CA  1 
ATOM   673 C  C   . ILE A 1 97  ? 1.689   -0.029  -10.497 1.00 19.36 ? 127 ILE A C   1 
ATOM   674 O  O   . ILE A 1 97  ? 0.779   -0.852  -10.516 1.00 19.61 ? 127 ILE A O   1 
ATOM   675 C  CB  . ILE A 1 97  ? 1.880   1.365   -8.358  1.00 18.95 ? 127 ILE A CB  1 
ATOM   676 C  CG1 . ILE A 1 97  ? 0.989   0.460   -7.496  1.00 18.76 ? 127 ILE A CG1 1 
ATOM   677 C  CG2 . ILE A 1 97  ? 1.892   2.796   -7.847  1.00 19.38 ? 127 ILE A CG2 1 
ATOM   678 C  CD1 . ILE A 1 97  ? 1.404   0.368   -6.039  1.00 18.75 ? 127 ILE A CD1 1 
ATOM   679 N  N   . THR A 1 98  ? 2.889   -0.240  -11.044 1.00 20.02 ? 128 THR A N   1 
ATOM   680 C  CA  . THR A 1 98  ? 3.276   -1.477  -11.705 1.00 20.35 ? 128 THR A CA  1 
ATOM   681 C  C   . THR A 1 98  ? 4.565   -1.988  -11.048 1.00 19.79 ? 128 THR A C   1 
ATOM   682 O  O   . THR A 1 98  ? 5.464   -1.206  -10.758 1.00 20.98 ? 128 THR A O   1 
ATOM   683 C  CB  . THR A 1 98  ? 3.438   -1.245  -13.213 1.00 21.16 ? 128 THR A CB  1 
ATOM   684 O  OG1 . THR A 1 98  ? 2.222   -0.673  -13.702 1.00 22.84 ? 128 THR A OG1 1 
ATOM   685 C  CG2 . THR A 1 98  ? 3.742   -2.506  -13.985 1.00 21.67 ? 128 THR A CG2 1 
ATOM   686 N  N   . PHE A 1 99  ? 4.639   -3.301  -10.811 1.00 19.07 ? 129 PHE A N   1 
ATOM   687 C  CA  . PHE A 1 99  ? 5.810   -3.921  -10.215 1.00 18.42 ? 129 PHE A CA  1 
ATOM   688 C  C   . PHE A 1 99  ? 5.826   -5.412  -10.564 1.00 18.38 ? 129 PHE A C   1 
ATOM   689 O  O   . PHE A 1 99  ? 4.786   -6.006  -10.847 1.00 18.91 ? 129 PHE A O   1 
ATOM   690 C  CB  . PHE A 1 99  ? 5.817   -3.717  -8.696  1.00 18.25 ? 129 PHE A CB  1 
ATOM   691 C  CG  . PHE A 1 99  ? 4.615   -4.284  -7.982  1.00 18.25 ? 129 PHE A CG  1 
ATOM   692 C  CD1 . PHE A 1 99  ? 3.457   -3.534  -7.834  1.00 18.40 ? 129 PHE A CD1 1 
ATOM   693 C  CD2 . PHE A 1 99  ? 4.639   -5.570  -7.462  1.00 18.28 ? 129 PHE A CD2 1 
ATOM   694 C  CE1 . PHE A 1 99  ? 2.347   -4.062  -7.191  1.00 18.35 ? 129 PHE A CE1 1 
ATOM   695 C  CE2 . PHE A 1 99  ? 3.533   -6.093  -6.811  1.00 18.38 ? 129 PHE A CE2 1 
ATOM   696 C  CZ  . PHE A 1 99  ? 2.389   -5.339  -6.677  1.00 18.62 ? 129 PHE A CZ  1 
ATOM   697 N  N   . THR A 1 100 ? 7.023   -6.001  -10.542 1.00 18.08 ? 130 THR A N   1 
ATOM   698 C  CA  . THR A 1 100 ? 7.169   -7.441  -10.651 1.00 18.23 ? 130 THR A CA  1 
ATOM   699 C  C   . THR A 1 100 ? 6.876   -8.055  -9.280  1.00 17.69 ? 130 THR A C   1 
ATOM   700 O  O   . THR A 1 100 ? 7.498   -7.687  -8.288  1.00 17.28 ? 130 THR A O   1 
ATOM   701 C  CB  . THR A 1 100 ? 8.561   -7.827  -11.160 1.00 18.81 ? 130 THR A CB  1 
ATOM   702 O  OG1 . THR A 1 100 ? 8.767   -7.163  -12.410 1.00 19.16 ? 130 THR A OG1 1 
ATOM   703 C  CG2 . THR A 1 100 ? 8.721   -9.323  -11.330 1.00 18.71 ? 130 THR A CG2 1 
ATOM   704 N  N   . ALA A 1 101 ? 5.917   -8.979  -9.224  1.00 18.01 ? 131 ALA A N   1 
ATOM   705 C  CA  . ALA A 1 101 ? 5.584   -9.619  -7.955  1.00 18.16 ? 131 ALA A CA  1 
ATOM   706 C  C   . ALA A 1 101 ? 6.848   -10.268 -7.402  1.00 18.09 ? 131 ALA A C   1 
ATOM   707 O  O   . ALA A 1 101 ? 7.589   -10.909 -8.145  1.00 18.17 ? 131 ALA A O   1 
ATOM   708 C  CB  . ALA A 1 101 ? 4.471   -10.619 -8.127  1.00 18.30 ? 131 ALA A CB  1 
ATOM   709 N  N   . PRO A 1 102 ? 7.145   -10.103 -6.094  1.00 18.04 ? 132 PRO A N   1 
ATOM   710 C  CA  . PRO A 1 102 ? 8.350   -10.679 -5.494  1.00 18.04 ? 132 PRO A CA  1 
ATOM   711 C  C   . PRO A 1 102 ? 8.198   -12.191 -5.258  1.00 17.89 ? 132 PRO A C   1 
ATOM   712 O  O   . PRO A 1 102 ? 7.284   -12.810 -5.806  1.00 17.56 ? 132 PRO A O   1 
ATOM   713 C  CB  . PRO A 1 102 ? 8.457   -9.882  -4.184  1.00 18.32 ? 132 PRO A CB  1 
ATOM   714 C  CG  . PRO A 1 102 ? 7.010   -9.660  -3.797  1.00 18.06 ? 132 PRO A CG  1 
ATOM   715 C  CD  . PRO A 1 102 ? 6.319   -9.379  -5.114  1.00 18.26 ? 132 PRO A CD  1 
ATOM   716 N  N   . ALA A 1 103 ? 9.101   -12.765 -4.452  1.00 17.85 ? 133 ALA A N   1 
ATOM   717 C  CA  . ALA A 1 103 ? 9.082   -14.180 -4.108  1.00 17.94 ? 133 ALA A CA  1 
ATOM   718 C  C   . ALA A 1 103 ? 7.771   -14.521 -3.401  1.00 17.98 ? 133 ALA A C   1 
ATOM   719 O  O   . ALA A 1 103 ? 7.157   -13.656 -2.774  1.00 17.78 ? 133 ALA A O   1 
ATOM   720 C  CB  . ALA A 1 103 ? 10.282  -14.514 -3.254  1.00 18.41 ? 133 ALA A CB  1 
ATOM   721 N  N   . PRO A 1 104 ? 7.274   -15.775 -3.499  1.00 18.08 ? 134 PRO A N   1 
ATOM   722 C  CA  . PRO A 1 104 ? 6.053   -16.166 -2.798  1.00 18.34 ? 134 PRO A CA  1 
ATOM   723 C  C   . PRO A 1 104 ? 6.205   -15.922 -1.289  1.00 18.83 ? 134 PRO A C   1 
ATOM   724 O  O   . PRO A 1 104 ? 7.308   -16.077 -0.743  1.00 18.87 ? 134 PRO A O   1 
ATOM   725 C  CB  . PRO A 1 104 ? 5.869   -17.657 -3.130  1.00 18.38 ? 134 PRO A CB  1 
ATOM   726 C  CG  . PRO A 1 104 ? 7.228   -18.105 -3.636  1.00 18.23 ? 134 PRO A CG  1 
ATOM   727 C  CD  . PRO A 1 104 ? 7.846   -16.883 -4.279  1.00 18.12 ? 134 PRO A CD  1 
ATOM   728 N  N   . GLY A 1 105 ? 5.102   -15.515 -0.653  1.00 18.93 ? 135 GLY A N   1 
ATOM   729 C  CA  . GLY A 1 105 ? 5.077   -15.103 0.742   1.00 18.76 ? 135 GLY A CA  1 
ATOM   730 C  C   . GLY A 1 105 ? 3.941   -14.129 1.006   1.00 18.88 ? 135 GLY A C   1 
ATOM   731 O  O   . GLY A 1 105 ? 3.110   -13.875 0.125   1.00 19.00 ? 135 GLY A O   1 
ATOM   732 N  N   . THR A 1 106 ? 3.906   -13.587 2.224   1.00 18.94 ? 136 THR A N   1 
ATOM   733 C  CA  . THR A 1 106 ? 2.916   -12.599 2.621   1.00 19.35 ? 136 THR A CA  1 
ATOM   734 C  C   . THR A 1 106 ? 3.616   -11.245 2.770   1.00 18.97 ? 136 THR A C   1 
ATOM   735 O  O   . THR A 1 106 ? 4.718   -11.163 3.325   1.00 18.62 ? 136 THR A O   1 
ATOM   736 C  CB  . THR A 1 106 ? 2.186   -13.015 3.905   1.00 19.94 ? 136 THR A CB  1 
ATOM   737 O  OG1 . THR A 1 106 ? 3.171   -13.355 4.879   1.00 20.69 ? 136 THR A OG1 1 
ATOM   738 C  CG2 . THR A 1 106 ? 1.236   -14.173 3.697   1.00 20.76 ? 136 THR A CG2 1 
ATOM   739 N  N   . TYR A 1 107 ? 2.967   -10.200 2.246   1.00 18.55 ? 137 TYR A N   1 
ATOM   740 C  CA  . TYR A 1 107 ? 3.510   -8.848  2.202   1.00 17.99 ? 137 TYR A CA  1 
ATOM   741 C  C   . TYR A 1 107 ? 2.441   -7.867  2.699   1.00 17.95 ? 137 TYR A C   1 
ATOM   742 O  O   . TYR A 1 107 ? 1.340   -7.811  2.143   1.00 18.01 ? 137 TYR A O   1 
ATOM   743 C  CB  . TYR A 1 107 ? 3.971   -8.511  0.780   1.00 17.66 ? 137 TYR A CB  1 
ATOM   744 C  CG  . TYR A 1 107 ? 5.074   -9.394  0.255   1.00 17.72 ? 137 TYR A CG  1 
ATOM   745 C  CD1 . TYR A 1 107 ? 4.784   -10.607 -0.346  1.00 17.69 ? 137 TYR A CD1 1 
ATOM   746 C  CD2 . TYR A 1 107 ? 6.408   -9.041  0.387   1.00 17.70 ? 137 TYR A CD2 1 
ATOM   747 C  CE1 . TYR A 1 107 ? 5.786   -11.442 -0.811  1.00 17.33 ? 137 TYR A CE1 1 
ATOM   748 C  CE2 . TYR A 1 107 ? 7.423   -9.862  -0.078  1.00 17.44 ? 137 TYR A CE2 1 
ATOM   749 C  CZ  . TYR A 1 107 ? 7.111   -11.066 -0.682  1.00 17.22 ? 137 TYR A CZ  1 
ATOM   750 O  OH  . TYR A 1 107 ? 8.097   -11.888 -1.144  1.00 17.43 ? 137 TYR A OH  1 
ATOM   751 N  N   . VAL A 1 108 ? 2.765   -7.102  3.746   1.00 17.23 ? 138 VAL A N   1 
ATOM   752 C  CA  . VAL A 1 108 ? 1.838   -6.120  4.303   1.00 17.03 ? 138 VAL A CA  1 
ATOM   753 C  C   . VAL A 1 108 ? 1.771   -4.919  3.352   1.00 16.51 ? 138 VAL A C   1 
ATOM   754 O  O   . VAL A 1 108 ? 2.775   -4.508  2.772   1.00 16.14 ? 138 VAL A O   1 
ATOM   755 C  CB  . VAL A 1 108 ? 2.236   -5.702  5.734   1.00 17.38 ? 138 VAL A CB  1 
ATOM   756 C  CG1 . VAL A 1 108 ? 1.503   -4.452  6.201   1.00 17.52 ? 138 VAL A CG1 1 
ATOM   757 C  CG2 . VAL A 1 108 ? 2.023   -6.838  6.725   1.00 17.57 ? 138 VAL A CG2 1 
ATOM   758 N  N   . PHE A 1 109 ? 0.561   -4.380  3.181   1.00 16.46 ? 139 PHE A N   1 
ATOM   759 C  CA  . PHE A 1 109 ? 0.378   -3.091  2.545   1.00 16.42 ? 139 PHE A CA  1 
ATOM   760 C  C   . PHE A 1 109 ? -0.331  -2.175  3.547   1.00 16.45 ? 139 PHE A C   1 
ATOM   761 O  O   . PHE A 1 109 ? -1.103  -2.642  4.383   1.00 16.20 ? 139 PHE A O   1 
ATOM   762 C  CB  . PHE A 1 109 ? -0.328  -3.222  1.191   1.00 16.15 ? 139 PHE A CB  1 
ATOM   763 C  CG  . PHE A 1 109 ? -1.733  -3.769  1.212   1.00 15.68 ? 139 PHE A CG  1 
ATOM   764 C  CD1 . PHE A 1 109 ? -2.810  -2.955  1.531   1.00 15.73 ? 139 PHE A CD1 1 
ATOM   765 C  CD2 . PHE A 1 109 ? -1.987  -5.081  0.842   1.00 15.63 ? 139 PHE A CD2 1 
ATOM   766 C  CE1 . PHE A 1 109 ? -4.103  -3.456  1.530   1.00 15.80 ? 139 PHE A CE1 1 
ATOM   767 C  CE2 . PHE A 1 109 ? -3.279  -5.581  0.843   1.00 15.63 ? 139 PHE A CE2 1 
ATOM   768 C  CZ  . PHE A 1 109 ? -4.335  -4.766  1.174   1.00 15.61 ? 139 PHE A CZ  1 
ATOM   769 N  N   . LEU A 1 110 ? 0.002   -0.884  3.485   1.00 16.62 ? 140 LEU A N   1 
ATOM   770 C  CA  . LEU A 1 110 ? -0.468  0.092   4.446   1.00 16.46 ? 140 LEU A CA  1 
ATOM   771 C  C   . LEU A 1 110 ? -0.516  1.475   3.793   1.00 16.49 ? 140 LEU A C   1 
ATOM   772 O  O   . LEU A 1 110 ? 0.138   1.721   2.772   1.00 16.14 ? 140 LEU A O   1 
ATOM   773 C  CB  . LEU A 1 110 ? 0.466   0.105   5.662   1.00 16.84 ? 140 LEU A CB  1 
ATOM   774 C  CG  . LEU A 1 110 ? 1.852   0.719   5.446   1.00 17.05 ? 140 LEU A CG  1 
ATOM   775 C  CD1 . LEU A 1 110 ? 2.403   1.280   6.748   1.00 17.28 ? 140 LEU A CD1 1 
ATOM   776 C  CD2 . LEU A 1 110 ? 2.824   -0.299  4.859   1.00 17.37 ? 140 LEU A CD2 1 
ATOM   777 N  N   . CYS A 1 111 ? -1.311  2.358   4.401   1.00 15.90 ? 141 CYS A N   1 
ATOM   778 C  CA  . CYS A 1 111 ? -1.222  3.779   4.160   1.00 16.10 ? 141 CYS A CA  1 
ATOM   779 C  C   . CYS A 1 111 ? -0.228  4.376   5.160   1.00 15.99 ? 141 CYS A C   1 
ATOM   780 O  O   . CYS A 1 111 ? -0.329  4.109   6.363   1.00 15.75 ? 141 CYS A O   1 
ATOM   781 C  CB  . CYS A 1 111 ? -2.571  4.461   4.315   1.00 16.16 ? 141 CYS A CB  1 
ATOM   782 S  SG  . CYS A 1 111 ? -2.458  6.252   4.098   1.00 16.61 ? 141 CYS A SG  1 
ATOM   783 N  N   . THR A 1 112 ? 0.730   5.164   4.657   1.00 15.76 ? 142 THR A N   1 
ATOM   784 C  CA  . THR A 1 112 ? 1.774   5.729   5.509   1.00 16.08 ? 142 THR A CA  1 
ATOM   785 C  C   . THR A 1 112 ? 1.427   7.161   5.935   1.00 15.81 ? 142 THR A C   1 
ATOM   786 O  O   . THR A 1 112 ? 2.283   7.830   6.520   1.00 15.66 ? 142 THR A O   1 
ATOM   787 C  CB  . THR A 1 112 ? 3.155   5.707   4.837   1.00 16.10 ? 142 THR A CB  1 
ATOM   788 O  OG1 . THR A 1 112 ? 3.092   6.463   3.627   1.00 15.89 ? 142 THR A OG1 1 
ATOM   789 C  CG2 . THR A 1 112 ? 3.652   4.304   4.557   1.00 16.57 ? 142 THR A CG2 1 
ATOM   790 N  N   . TYR A 1 113 ? 0.206   7.637   5.657   1.00 16.11 ? 143 TYR A N   1 
ATOM   791 C  CA  . TYR A 1 113 ? -0.201  8.936   6.218   1.00 16.88 ? 143 TYR A CA  1 
ATOM   792 C  C   . TYR A 1 113 ? -0.196  8.808   7.742   1.00 17.45 ? 143 TYR A C   1 
ATOM   793 O  O   . TYR A 1 113 ? -0.628  7.784   8.268   1.00 16.74 ? 143 TYR A O   1 
ATOM   794 C  CB  . TYR A 1 113 ? -1.555  9.438   5.703   1.00 17.22 ? 143 TYR A CB  1 
ATOM   795 C  CG  . TYR A 1 113 ? -1.771  10.894  6.045   1.00 17.65 ? 143 TYR A CG  1 
ATOM   796 C  CD1 . TYR A 1 113 ? -2.305  11.270  7.269   1.00 17.80 ? 143 TYR A CD1 1 
ATOM   797 C  CD2 . TYR A 1 113 ? -1.336  11.899  5.198   1.00 17.74 ? 143 TYR A CD2 1 
ATOM   798 C  CE1 . TYR A 1 113 ? -2.448  12.604  7.618   1.00 18.11 ? 143 TYR A CE1 1 
ATOM   799 C  CE2 . TYR A 1 113 ? -1.484  13.238  5.524   1.00 18.41 ? 143 TYR A CE2 1 
ATOM   800 C  CZ  . TYR A 1 113 ? -2.037  13.594  6.743   1.00 18.38 ? 143 TYR A CZ  1 
ATOM   801 O  OH  . TYR A 1 113 ? -2.170  14.912  7.076   1.00 18.46 ? 143 TYR A OH  1 
ATOM   802 N  N   . PRO A 1 114 ? 0.363   9.794   8.488   1.00 18.08 ? 144 PRO A N   1 
ATOM   803 C  CA  . PRO A 1 114 ? 0.434   9.728   9.952   1.00 18.08 ? 144 PRO A CA  1 
ATOM   804 C  C   . PRO A 1 114 ? -0.836  9.199   10.642  1.00 18.21 ? 144 PRO A C   1 
ATOM   805 O  O   . PRO A 1 114 ? -1.928  9.750   10.454  1.00 17.80 ? 144 PRO A O   1 
ATOM   806 C  CB  . PRO A 1 114 ? 0.705   11.193  10.316  1.00 18.27 ? 144 PRO A CB  1 
ATOM   807 C  CG  . PRO A 1 114 ? 1.602   11.669  9.193   1.00 18.40 ? 144 PRO A CG  1 
ATOM   808 C  CD  . PRO A 1 114 ? 1.041   10.989  7.958   1.00 18.38 ? 144 PRO A CD  1 
ATOM   809 N  N   . ALA A 1 115 ? -0.660  8.098   11.392  1.00 18.38 ? 145 ALA A N   1 
ATOM   810 C  CA  . ALA A 1 115 ? -1.664  7.472   12.278  1.00 18.23 ? 145 ALA A CA  1 
ATOM   811 C  C   . ALA A 1 115 ? -2.581  6.503   11.524  1.00 17.96 ? 145 ALA A C   1 
ATOM   812 O  O   . ALA A 1 115 ? -3.366  5.802   12.156  1.00 17.50 ? 145 ALA A O   1 
ATOM   813 C  CB  . ALA A 1 115 ? -2.479  8.521   13.005  1.00 18.28 ? 145 ALA A CB  1 
ATOM   814 N  N   . HIS A 1 116 ? -2.491  6.451   10.188  1.00 18.76 ? 146 HIS A N   1 
ATOM   815 C  CA  . HIS A 1 116 ? -3.475  5.707   9.395   1.00 18.65 ? 146 HIS A CA  1 
ATOM   816 C  C   . HIS A 1 116 ? -3.243  4.196   9.522   1.00 19.25 ? 146 HIS A C   1 
ATOM   817 O  O   . HIS A 1 116 ? -4.211  3.435   9.559   1.00 18.77 ? 146 HIS A O   1 
ATOM   818 C  CB  . HIS A 1 116 ? -3.484  6.195   7.943   1.00 19.02 ? 146 HIS A CB  1 
ATOM   819 C  CG  . HIS A 1 116 ? -4.228  7.475   7.765   1.00 18.95 ? 146 HIS A CG  1 
ATOM   820 N  ND1 . HIS A 1 116 ? -4.804  7.835   6.563   1.00 18.74 ? 146 HIS A ND1 1 
ATOM   821 C  CD2 . HIS A 1 116 ? -4.521  8.463   8.639   1.00 18.83 ? 146 HIS A CD2 1 
ATOM   822 C  CE1 . HIS A 1 116 ? -5.388  9.010   6.695   1.00 18.92 ? 146 HIS A CE1 1 
ATOM   823 N  NE2 . HIS A 1 116 ? -5.226  9.417   7.957   1.00 18.84 ? 146 HIS A NE2 1 
ATOM   824 N  N   . TYR A 1 117 ? -1.971  3.784   9.610   1.00 19.74 ? 147 TYR A N   1 
ATOM   825 C  CA  . TYR A 1 117 ? -1.588  2.372   9.756   1.00 21.09 ? 147 TYR A CA  1 
ATOM   826 C  C   . TYR A 1 117 ? -2.082  1.837   11.104  1.00 21.62 ? 147 TYR A C   1 
ATOM   827 O  O   . TYR A 1 117 ? -2.778  0.825   11.150  1.00 21.14 ? 147 TYR A O   1 
ATOM   828 C  CB  . TYR A 1 117 ? -0.072  2.208   9.616   1.00 21.34 ? 147 TYR A CB  1 
ATOM   829 C  CG  . TYR A 1 117 ? 0.447   0.812   9.858   1.00 21.52 ? 147 TYR A CG  1 
ATOM   830 C  CD1 . TYR A 1 117 ? -0.059  -0.271  9.157   1.00 21.83 ? 147 TYR A CD1 1 
ATOM   831 C  CD2 . TYR A 1 117 ? 1.456   0.572   10.776  1.00 22.13 ? 147 TYR A CD2 1 
ATOM   832 C  CE1 . TYR A 1 117 ? 0.415   -1.557  9.372   1.00 22.41 ? 147 TYR A CE1 1 
ATOM   833 C  CE2 . TYR A 1 117 ? 1.941   -0.708  11.003  1.00 22.30 ? 147 TYR A CE2 1 
ATOM   834 C  CZ  . TYR A 1 117 ? 1.419   -1.779  10.296  1.00 22.59 ? 147 TYR A CZ  1 
ATOM   835 O  OH  . TYR A 1 117 ? 1.893   -3.045  10.504  1.00 22.49 ? 147 TYR A OH  1 
ATOM   836 N  N   . ALA A 1 118 ? -1.728  2.536   12.191  1.00 22.98 ? 148 ALA A N   1 
ATOM   837 C  CA  . ALA A 1 118 ? -2.228  2.221   13.536  1.00 23.87 ? 148 ALA A CA  1 
ATOM   838 C  C   . ALA A 1 118 ? -3.762  2.260   13.545  1.00 24.88 ? 148 ALA A C   1 
ATOM   839 O  O   . ALA A 1 118 ? -4.397  1.525   14.301  1.00 26.27 ? 148 ALA A O   1 
ATOM   840 C  CB  . ALA A 1 118 ? -1.654  3.182   14.549  1.00 23.99 ? 148 ALA A CB  1 
ATOM   841 N  N   . GLY A 1 119 ? -4.339  3.112   12.688  1.00 24.49 ? 149 GLY A N   1 
ATOM   842 C  CA  . GLY A 1 119 ? -5.786  3.289   12.553  1.00 24.95 ? 149 GLY A CA  1 
ATOM   843 C  C   . GLY A 1 119 ? -6.494  2.118   11.882  1.00 25.12 ? 149 GLY A C   1 
ATOM   844 O  O   . GLY A 1 119 ? -7.723  2.070   11.881  1.00 25.85 ? 149 GLY A O   1 
ATOM   845 N  N   . GLY A 1 120 ? -5.726  1.190   11.299  1.00 25.45 ? 150 GLY A N   1 
ATOM   846 C  CA  . GLY A 1 120 ? -6.252  -0.035  10.690  1.00 25.36 ? 150 GLY A CA  1 
ATOM   847 C  C   . GLY A 1 120 ? -6.222  0.004   9.169   1.00 24.85 ? 150 GLY A C   1 
ATOM   848 O  O   . GLY A 1 120 ? -6.807  -0.854  8.516   1.00 24.74 ? 150 GLY A O   1 
ATOM   849 N  N   . MET A 1 121 ? -5.542  1.003   8.593   1.00 23.78 ? 151 MET A N   1 
ATOM   850 C  CA  . MET A 1 121 ? -5.465  1.118   7.152   1.00 22.85 ? 151 MET A CA  1 
ATOM   851 C  C   . MET A 1 121 ? -4.302  0.262   6.644   1.00 21.91 ? 151 MET A C   1 
ATOM   852 O  O   . MET A 1 121 ? -3.201  0.754   6.373   1.00 20.75 ? 151 MET A O   1 
ATOM   853 C  CB  . MET A 1 121 ? -5.282  2.567   6.710   1.00 23.41 ? 151 MET A CB  1 
ATOM   854 C  CG  . MET A 1 121 ? -5.559  2.749   5.247   1.00 23.50 ? 151 MET A CG  1 
ATOM   855 S  SD  . MET A 1 121 ? -6.261  4.364   4.925   1.00 24.09 ? 151 MET A SD  1 
ATOM   856 C  CE  . MET A 1 121 ? -6.632  4.194   3.181   1.00 23.85 ? 151 MET A CE  1 
ATOM   857 N  N   . LYS A 1 122 ? -4.579  -1.036  6.527   1.00 21.26 ? 152 LYS A N   1 
ATOM   858 C  CA  . LYS A 1 122 ? -3.577  -2.025  6.205   1.00 21.66 ? 152 LYS A CA  1 
ATOM   859 C  C   . LYS A 1 122 ? -4.258  -3.262  5.613   1.00 20.31 ? 152 LYS A C   1 
ATOM   860 O  O   . LYS A 1 122 ? -5.473  -3.445  5.709   1.00 19.46 ? 152 LYS A O   1 
ATOM   861 C  CB  . LYS A 1 122 ? -2.792  -2.402  7.465   1.00 22.96 ? 152 LYS A CB  1 
ATOM   862 C  CG  . LYS A 1 122 ? -3.591  -3.217  8.473   1.00 24.54 ? 152 LYS A CG  1 
ATOM   863 C  CD  . LYS A 1 122 ? -3.060  -3.200  9.887   1.00 26.20 ? 152 LYS A CD  1 
ATOM   864 C  CE  . LYS A 1 122 ? -4.065  -3.794  10.852  1.00 27.53 ? 152 LYS A CE  1 
ATOM   865 N  NZ  . LYS A 1 122 ? -3.528  -3.886  12.229  1.00 29.15 ? 152 LYS A NZ  1 
ATOM   866 N  N   . GLY A 1 123 ? -3.438  -4.117  5.010   1.00 19.64 ? 153 GLY A N   1 
ATOM   867 C  CA  . GLY A 1 123 ? -3.872  -5.411  4.541   1.00 19.22 ? 153 GLY A CA  1 
ATOM   868 C  C   . GLY A 1 123 ? -2.678  -6.282  4.216   1.00 18.93 ? 153 GLY A C   1 
ATOM   869 O  O   . GLY A 1 123 ? -1.544  -5.950  4.573   1.00 17.90 ? 153 GLY A O   1 
ATOM   870 N  N   . VAL A 1 124 ? -2.943  -7.405  3.543   1.00 18.53 ? 154 VAL A N   1 
ATOM   871 C  CA  . VAL A 1 124 ? -1.911  -8.366  3.198   1.00 18.52 ? 154 VAL A CA  1 
ATOM   872 C  C   . VAL A 1 124 ? -2.022  -8.699  1.710   1.00 18.10 ? 154 VAL A C   1 
ATOM   873 O  O   . VAL A 1 124 ? -3.093  -9.075  1.238   1.00 18.04 ? 154 VAL A O   1 
ATOM   874 C  CB  . VAL A 1 124 ? -2.024  -9.637  4.059   1.00 19.07 ? 154 VAL A CB  1 
ATOM   875 C  CG1 . VAL A 1 124 ? -1.007  -10.685 3.641   1.00 19.16 ? 154 VAL A CG1 1 
ATOM   876 C  CG2 . VAL A 1 124 ? -1.898  -9.316  5.539   1.00 19.26 ? 154 VAL A CG2 1 
ATOM   877 N  N   . MET A 1 125 ? -0.907  -8.533  0.991   1.00 18.27 ? 155 MET A N   1 
ATOM   878 C  CA  . MET A 1 125 ? -0.722  -9.075  -0.351  1.00 18.45 ? 155 MET A CA  1 
ATOM   879 C  C   . MET A 1 125 ? -0.046  -10.445 -0.217  1.00 18.56 ? 155 MET A C   1 
ATOM   880 O  O   . MET A 1 125 ? 1.103   -10.534 0.228   1.00 18.15 ? 155 MET A O   1 
ATOM   881 C  CB  . MET A 1 125 ? 0.152   -8.165  -1.225  1.00 18.33 ? 155 MET A CB  1 
ATOM   882 C  CG  . MET A 1 125 ? 0.362   -8.711  -2.637  1.00 18.13 ? 155 MET A CG  1 
ATOM   883 S  SD  . MET A 1 125 ? 1.294   -7.608  -3.744  1.00 18.47 ? 155 MET A SD  1 
ATOM   884 C  CE  . MET A 1 125 ? 2.973   -7.899  -3.190  1.00 18.13 ? 155 MET A CE  1 
ATOM   885 N  N   . THR A 1 126 ? -0.784  -11.505 -0.565  1.00 18.63 ? 156 THR A N   1 
ATOM   886 C  CA  . THR A 1 126 ? -0.235  -12.846 -0.656  1.00 19.01 ? 156 THR A CA  1 
ATOM   887 C  C   . THR A 1 126 ? 0.303   -13.045 -2.076  1.00 18.94 ? 156 THR A C   1 
ATOM   888 O  O   . THR A 1 126 ? -0.382  -12.746 -3.053  1.00 18.14 ? 156 THR A O   1 
ATOM   889 C  CB  . THR A 1 126 ? -1.280  -13.904 -0.279  1.00 19.26 ? 156 THR A CB  1 
ATOM   890 O  OG1 . THR A 1 126 ? -1.681  -13.652 1.066   1.00 19.65 ? 156 THR A OG1 1 
ATOM   891 C  CG2 . THR A 1 126 ? -0.759  -15.322 -0.381  1.00 19.60 ? 156 THR A CG2 1 
ATOM   892 N  N   . VAL A 1 127 ? 1.544   -13.529 -2.172  1.00 19.14 ? 157 VAL A N   1 
ATOM   893 C  CA  . VAL A 1 127 ? 2.155   -13.839 -3.450  1.00 19.21 ? 157 VAL A CA  1 
ATOM   894 C  C   . VAL A 1 127 ? 2.215   -15.365 -3.585  1.00 19.62 ? 157 VAL A C   1 
ATOM   895 O  O   . VAL A 1 127 ? 2.884   -16.044 -2.799  1.00 19.87 ? 157 VAL A O   1 
ATOM   896 C  CB  . VAL A 1 127 ? 3.543   -13.190 -3.604  1.00 19.25 ? 157 VAL A CB  1 
ATOM   897 C  CG1 . VAL A 1 127 ? 4.153   -13.508 -4.960  1.00 19.11 ? 157 VAL A CG1 1 
ATOM   898 C  CG2 . VAL A 1 127 ? 3.486   -11.685 -3.378  1.00 19.20 ? 157 VAL A CG2 1 
ATOM   899 N  N   . ALA A 1 128 ? 1.486   -15.883 -4.577  1.00 18.86 ? 158 ALA A N   1 
ATOM   900 C  CA  . ALA A 1 128 ? 1.362   -17.308 -4.818  1.00 19.42 ? 158 ALA A CA  1 
ATOM   901 C  C   . ALA A 1 128 ? 2.616   -17.817 -5.525  1.00 19.58 ? 158 ALA A C   1 
ATOM   902 O  O   . ALA A 1 128 ? 3.213   -17.101 -6.326  1.00 19.28 ? 158 ALA A O   1 
ATOM   903 C  CB  . ALA A 1 128 ? 0.116   -17.580 -5.625  1.00 19.38 ? 158 ALA A CB  1 
ATOM   904 N  N   . PRO A 1 129 ? 3.042   -19.074 -5.258  1.00 20.10 ? 159 PRO A N   1 
ATOM   905 C  CA  . PRO A 1 129 ? 4.289   -19.609 -5.813  1.00 20.35 ? 159 PRO A CA  1 
ATOM   906 C  C   . PRO A 1 129 ? 4.194   -20.022 -7.291  1.00 20.69 ? 159 PRO A C   1 
ATOM   907 O  O   . PRO A 1 129 ? 3.094   -20.033 -7.829  1.00 21.09 ? 159 PRO A O   1 
ATOM   908 C  CB  . PRO A 1 129 ? 4.529   -20.839 -4.929  1.00 20.47 ? 159 PRO A CB  1 
ATOM   909 C  CG  . PRO A 1 129 ? 3.131   -21.320 -4.597  1.00 20.49 ? 159 PRO A CG  1 
ATOM   910 C  CD  . PRO A 1 129 ? 2.343   -20.042 -4.395  1.00 20.21 ? 159 PRO A CD  1 
HETATM 911 CU CU  . CU1 B 2 .   ? -4.486  6.943   4.690   1.00 19.68 ? 201 CU1 A CU  1 
HETATM 912 O  O   . HOH C 3 .   ? 13.387  6.952   -3.370  1.00 34.69 ? 301 HOH A O   1 
HETATM 913 O  O   . HOH C 3 .   ? -8.357  -9.096  -11.168 1.00 40.14 ? 302 HOH A O   1 
HETATM 914 O  O   . HOH C 3 .   ? 0.408   5.342   8.656   1.00 14.63 ? 303 HOH A O   1 
HETATM 915 O  O   . HOH C 3 .   ? 3.837   -16.907 -11.430 1.00 20.34 ? 304 HOH A O   1 
HETATM 916 O  O   . HOH C 3 .   ? -2.165  9.685   -10.280 1.00 26.15 ? 305 HOH A O   1 
HETATM 917 O  O   . HOH C 3 .   ? -1.568  16.608  5.033   1.00 28.63 ? 306 HOH A O   1 
HETATM 918 O  O   . HOH C 3 .   ? 12.470  9.119   7.218   1.00 31.41 ? 307 HOH A O   1 
HETATM 919 O  O   . HOH C 3 .   ? -6.916  11.787  7.636   1.00 30.44 ? 308 HOH A O   1 
HETATM 920 O  O   . HOH C 3 .   ? -10.974 7.321   4.053   1.00 24.43 ? 309 HOH A O   1 
HETATM 921 O  O   . HOH C 3 .   ? -2.041  14.707  -1.351  1.00 21.37 ? 310 HOH A O   1 
HETATM 922 O  O   . HOH C 3 .   ? 2.106   -14.559 6.936   1.00 23.62 ? 311 HOH A O   1 
HETATM 923 O  O   . HOH C 3 .   ? 4.307   6.713   -7.390  1.00 19.54 ? 312 HOH A O   1 
HETATM 924 O  O   . HOH C 3 .   ? 5.722   2.448   13.280  1.00 28.69 ? 313 HOH A O   1 
HETATM 925 O  O   . HOH C 3 .   ? -4.448  3.071   -14.911 1.00 31.75 ? 314 HOH A O   1 
HETATM 926 O  O   . HOH C 3 .   ? 11.994  -8.518  8.521   1.00 39.66 ? 315 HOH A O   1 
HETATM 927 O  O   . HOH C 3 .   ? -3.836  11.532  10.849  0.50 19.53 ? 316 HOH A O   1 
HETATM 928 O  O   . HOH C 3 .   ? 11.950  2.957   11.028  1.00 27.02 ? 317 HOH A O   1 
HETATM 929 O  O   . HOH C 3 .   ? 9.140   -16.187 -8.494  1.00 23.76 ? 318 HOH A O   1 
HETATM 930 O  O   . HOH C 3 .   ? 3.227   -3.505  12.763  1.00 27.41 ? 319 HOH A O   1 
HETATM 931 O  O   . HOH C 3 .   ? 2.619   5.089   -10.509 1.00 23.80 ? 320 HOH A O   1 
HETATM 932 O  O   . HOH C 3 .   ? -7.795  -2.146  5.490   1.00 20.06 ? 321 HOH A O   1 
HETATM 933 O  O   . HOH C 3 .   ? 2.417   -17.601 -0.667  1.00 20.52 ? 322 HOH A O   1 
HETATM 934 O  O   . HOH C 3 .   ? 8.514   -9.816  7.919   1.00 14.71 ? 323 HOH A O   1 
HETATM 935 O  O   . HOH C 3 .   ? 18.482  6.900   0.883   1.00 30.17 ? 324 HOH A O   1 
HETATM 936 O  O   . HOH C 3 .   ? -13.388 -6.877  0.599   1.00 32.40 ? 325 HOH A O   1 
HETATM 937 O  O   . HOH C 3 .   ? 11.611  -9.152  12.716  1.00 30.62 ? 326 HOH A O   1 
HETATM 938 O  O   . HOH C 3 .   ? 11.476  -9.379  3.960   1.00 30.61 ? 327 HOH A O   1 
HETATM 939 O  O   . HOH C 3 .   ? 9.208   -3.265  13.504  1.00 21.05 ? 328 HOH A O   1 
HETATM 940 O  O   . HOH C 3 .   ? -6.904  -11.769 -4.775  1.00 32.39 ? 329 HOH A O   1 
HETATM 941 O  O   . HOH C 3 .   ? 10.161  -11.684 -8.577  1.00 18.24 ? 330 HOH A O   1 
HETATM 942 O  O   . HOH C 3 .   ? -1.228  6.186   -12.333 1.00 20.64 ? 331 HOH A O   1 
HETATM 943 O  O   . HOH C 3 .   ? 12.305  1.264   2.113   1.00 23.96 ? 332 HOH A O   1 
HETATM 944 O  O   . HOH C 3 .   ? 2.933   8.481   -0.815  1.00 17.41 ? 333 HOH A O   1 
HETATM 945 O  O   . HOH C 3 .   ? 3.525   7.471   8.932   1.00 19.20 ? 334 HOH A O   1 
HETATM 946 O  O   . HOH C 3 .   ? 7.437   -11.511 2.897   1.00 37.43 ? 335 HOH A O   1 
HETATM 947 O  O   . HOH C 3 .   ? -1.769  -6.104  7.342   1.00 22.75 ? 336 HOH A O   1 
HETATM 948 O  O   . HOH C 3 .   ? 0.082   -5.013  9.701   1.00 33.46 ? 337 HOH A O   1 
HETATM 949 O  O   . HOH C 3 .   ? -11.519 -1.742  -5.342  1.00 27.86 ? 338 HOH A O   1 
HETATM 950 O  O   . HOH C 3 .   ? 1.673   2.084   -13.322 1.00 24.55 ? 339 HOH A O   1 
HETATM 951 O  O   . HOH C 3 .   ? 6.831   -5.483  -13.582 1.00 26.32 ? 340 HOH A O   1 
HETATM 952 O  O   . HOH C 3 .   ? 11.699  15.336  6.908   1.00 33.98 ? 341 HOH A O   1 
HETATM 953 O  O   . HOH C 3 .   ? -5.078  5.176   -11.701 1.00 21.13 ? 342 HOH A O   1 
HETATM 954 O  O   . HOH C 3 .   ? -10.508 -8.335  1.929   1.00 34.56 ? 343 HOH A O   1 
HETATM 955 O  O   . HOH C 3 .   ? -0.201  -6.384  -14.867 1.00 22.83 ? 344 HOH A O   1 
HETATM 956 O  O   . HOH C 3 .   ? 4.531   2.100   -10.905 1.00 25.37 ? 345 HOH A O   1 
HETATM 957 O  O   . HOH C 3 .   ? 0.183   10.047  -8.923  1.00 23.42 ? 346 HOH A O   1 
HETATM 958 O  O   . HOH C 3 .   ? 0.151   4.717   12.130  1.00 18.14 ? 347 HOH A O   1 
HETATM 959 O  O   . HOH C 3 .   ? 10.857  9.502   -0.466  1.00 32.06 ? 348 HOH A O   1 
HETATM 960 O  O   . HOH C 3 .   ? -11.556 4.999   10.745  1.00 30.16 ? 349 HOH A O   1 
HETATM 961 O  O   . HOH C 3 .   ? -17.262 6.524   5.495   1.00 39.02 ? 350 HOH A O   1 
HETATM 962 O  O   . HOH C 3 .   ? 11.505  -11.248 -3.791  1.00 28.87 ? 351 HOH A O   1 
HETATM 963 O  O   . HOH C 3 .   ? -9.276  1.143   -7.754  1.00 31.95 ? 352 HOH A O   1 
HETATM 964 O  O   . HOH C 3 .   ? -5.106  12.438  5.703   1.00 21.86 ? 353 HOH A O   1 
HETATM 965 O  O   . HOH C 3 .   ? 4.749   -11.297 6.279   1.00 32.47 ? 354 HOH A O   1 
HETATM 966 O  O   . HOH C 3 .   ? -6.252  11.399  -9.811  1.00 19.76 ? 355 HOH A O   1 
HETATM 967 O  O   . HOH C 3 .   ? 7.897   -16.060 2.190   1.00 35.06 ? 356 HOH A O   1 
HETATM 968 O  O   . HOH C 3 .   ? 9.372   -4.270  -9.770  1.00 28.68 ? 357 HOH A O   1 
HETATM 969 O  O   . HOH C 3 .   ? 2.149   6.970   11.276  1.00 20.03 ? 358 HOH A O   1 
HETATM 970 O  O   . HOH C 3 .   ? 6.352   -14.441 3.865   0.50 17.95 ? 359 HOH A O   1 
HETATM 971 O  O   . HOH C 3 .   ? 8.318   11.873  1.952   1.00 35.08 ? 360 HOH A O   1 
HETATM 972 O  O   . HOH C 3 .   ? 0.255   -21.048 -6.987  1.00 34.82 ? 361 HOH A O   1 
HETATM 973 O  O   . HOH C 3 .   ? 5.979   2.070   -7.129  1.00 31.82 ? 362 HOH A O   1 
HETATM 974 O  O   . HOH C 3 .   ? 5.091   -5.287  14.211  1.00 25.07 ? 363 HOH A O   1 
HETATM 975 O  O   . HOH C 3 .   ? 5.541   -20.600 -10.596 1.00 22.81 ? 364 HOH A O   1 
HETATM 976 O  O   . HOH C 3 .   ? 0.859   -10.716 6.779   1.00 31.87 ? 365 HOH A O   1 
HETATM 977 O  O   . HOH C 3 .   ? 6.166   -8.027  14.325  1.00 20.35 ? 366 HOH A O   1 
HETATM 978 O  O   . HOH C 3 .   ? -11.731 0.703   -6.692  1.00 30.82 ? 367 HOH A O   1 
HETATM 979 O  O   . HOH C 3 .   ? -4.233  -6.871  7.850   1.00 27.06 ? 368 HOH A O   1 
HETATM 980 O  O   . HOH C 3 .   ? -2.391  9.159   -12.941 1.00 28.63 ? 369 HOH A O   1 
HETATM 981 O  O   . HOH C 3 .   ? -2.151  19.108  6.725   1.00 25.81 ? 370 HOH A O   1 
HETATM 982 O  O   . HOH C 3 .   ? -1.487  5.328   -15.114 1.00 22.36 ? 371 HOH A O   1 
HETATM 983 O  O   . HOH C 3 .   ? 6.529   1.448   15.661  1.00 23.42 ? 372 HOH A O   1 
HETATM 984 O  O   . HOH C 3 .   ? 10.899  -10.229 6.524   1.00 37.56 ? 373 HOH A O   1 
HETATM 985 O  O   . HOH C 3 .   ? -0.128  3.160   -15.672 1.00 28.68 ? 374 HOH A O   1 
HETATM 986 O  O   . HOH C 3 .   ? 2.947   -1.648  14.868  1.00 34.19 ? 375 HOH A O   1 
HETATM 987 O  O   . HOH C 3 .   ? -13.925 1.997   -5.934  1.00 38.93 ? 376 HOH A O   1 
# 
loop_
_pdbx_poly_seq_scheme.asym_id 
_pdbx_poly_seq_scheme.entity_id 
_pdbx_poly_seq_scheme.seq_id 
_pdbx_poly_seq_scheme.mon_id 
_pdbx_poly_seq_scheme.ndb_seq_num 
_pdbx_poly_seq_scheme.pdb_seq_num 
_pdbx_poly_seq_scheme.auth_seq_num 
_pdbx_poly_seq_scheme.pdb_mon_id 
_pdbx_poly_seq_scheme.auth_mon_id 
_pdbx_poly_seq_scheme.pdb_strand_id 
_pdbx_poly_seq_scheme.pdb_ins_code 
_pdbx_poly_seq_scheme.hetero 
A 1 1   GLY 1   31  ?   ?   ?   A . n 
A 1 2   GLY 2   32  ?   ?   ?   A . n 
A 1 3   GLY 3   33  ?   ?   ?   A . n 
A 1 4   GLY 4   34  ?   ?   ?   A . n 
A 1 5   GLY 5   35  35  GLY GLY A . n 
A 1 6   ALA 6   36  36  ALA ALA A . n 
A 1 7   SER 7   37  37  SER SER A . n 
A 1 8   THR 8   38  38  THR THR A . n 
A 1 9   THR 9   39  39  THR THR A . n 
A 1 10  ILE 10  40  40  ILE ILE A . n 
A 1 11  GLU 11  41  41  GLU GLU A . n 
A 1 12  ILE 12  42  42  ILE ILE A . n 
A 1 13  ALA 13  43  43  ALA ALA A . n 
A 1 14  SER 14  44  44  SER SER A . n 
A 1 15  ASP 15  45  45  ASP ASP A . n 
A 1 16  GLY 16  46  46  GLY GLY A . n 
A 1 17  GLU 17  47  47  GLU GLU A . n 
A 1 18  ASN 18  48  48  ASN ASN A . n 
A 1 19  LEU 19  49  49  LEU LEU A . n 
A 1 20  ALA 20  50  50  ALA ALA A . n 
A 1 21  TYR 21  51  51  TYR TYR A . n 
A 1 22  ASP 22  52  52  ASP ASP A . n 
A 1 23  LYS 23  53  53  LYS LYS A . n 
A 1 24  LYS 24  54  54  LYS LYS A . n 
A 1 25  GLU 25  55  55  GLU GLU A . n 
A 1 26  PHE 26  56  56  PHE PHE A . n 
A 1 27  THR 27  57  57  THR THR A . n 
A 1 28  VAL 28  58  58  VAL VAL A . n 
A 1 29  PRO 29  59  59  PRO PRO A . n 
A 1 30  THR 30  60  60  THR THR A . n 
A 1 31  GLY 31  61  61  GLY GLY A . n 
A 1 32  GLN 32  62  62  GLN GLN A . n 
A 1 33  THR 33  63  63  THR THR A . n 
A 1 34  ILE 34  64  64  ILE ILE A . n 
A 1 35  THR 35  65  65  THR THR A . n 
A 1 36  VAL 36  66  66  VAL VAL A . n 
A 1 37  THR 37  67  67  THR THR A . n 
A 1 38  PHE 38  68  68  PHE PHE A . n 
A 1 39  LYS 39  69  69  LYS LYS A . n 
A 1 40  ASN 40  70  70  ASN ASN A . n 
A 1 41  THR 41  71  71  THR THR A . n 
A 1 42  SER 42  72  72  SER SER A . n 
A 1 43  THR 43  73  73  THR THR A . n 
A 1 44  ALA 44  74  74  ALA ALA A . n 
A 1 45  GLN 45  75  75  GLN GLN A . n 
A 1 46  GLN 46  76  76  GLN GLN A . n 
A 1 47  HIS 47  77  77  HIS HIS A . n 
A 1 48  ASN 48  78  78  ASN ASN A . n 
A 1 49  ILE 49  79  79  ILE ILE A . n 
A 1 50  VAL 50  80  80  VAL VAL A . n 
A 1 51  ILE 51  81  81  ILE ILE A . n 
A 1 52  VAL 52  82  82  VAL VAL A . n 
A 1 53  LYS 53  83  83  LYS LYS A . n 
A 1 54  GLY 54  84  84  GLY GLY A . n 
A 1 55  GLY 55  85  85  GLY GLY A . n 
A 1 56  GLU 56  86  86  GLU GLU A . n 
A 1 57  ASP 57  87  87  ASP ASP A . n 
A 1 58  VAL 58  88  88  VAL VAL A . n 
A 1 59  ALA 59  89  89  ALA ALA A . n 
A 1 60  ALA 60  90  90  ALA ALA A . n 
A 1 61  LYS 61  91  91  LYS LYS A . n 
A 1 62  VAL 62  92  92  VAL VAL A . n 
A 1 63  ASP 63  93  93  ASP ASP A . n 
A 1 64  GLU 64  94  94  GLU GLU A . n 
A 1 65  GLU 65  95  95  GLU GLU A . n 
A 1 66  ALA 66  96  96  ALA ALA A . n 
A 1 67  ILE 67  97  97  ILE ILE A . n 
A 1 68  ASN 68  98  98  ASN ASN A . n 
A 1 69  ALA 69  99  99  ALA ALA A . n 
A 1 70  GLY 70  100 100 GLY GLY A . n 
A 1 71  PRO 71  101 101 PRO PRO A . n 
A 1 72  PRO 72  102 102 PRO PRO A . n 
A 1 73  ASP 73  103 103 ASP ASP A . n 
A 1 74  PHE 74  104 104 PHE PHE A . n 
A 1 75  LEU 75  105 105 LEU LEU A . n 
A 1 76  PRO 76  106 106 PRO PRO A . n 
A 1 77  ALA 77  107 107 ALA ALA A . n 
A 1 78  ASP 78  108 108 ASP ASP A . n 
A 1 79  ARG 79  109 109 ARG ARG A . n 
A 1 80  THR 80  110 110 THR THR A . n 
A 1 81  ASN 81  111 111 ASN ASN A . n 
A 1 82  ILE 82  112 112 ILE ILE A . n 
A 1 83  ILE 83  113 113 ILE ILE A . n 
A 1 84  ALA 84  114 114 ALA ALA A . n 
A 1 85  ALA 85  115 115 ALA ALA A . n 
A 1 86  THR 86  116 116 THR THR A . n 
A 1 87  LYS 87  117 117 LYS LYS A . n 
A 1 88  MET 88  118 118 MET MET A . n 
A 1 89  LEU 89  119 119 LEU LEU A . n 
A 1 90  GLY 90  120 120 GLY GLY A . n 
A 1 91  PRO 91  121 121 PRO PRO A . n 
A 1 92  GLY 92  122 122 GLY GLY A . n 
A 1 93  GLY 93  123 123 GLY GLY A . n 
A 1 94  SER 94  124 124 SER SER A . n 
A 1 95  GLU 95  125 125 GLU GLU A . n 
A 1 96  THR 96  126 126 THR THR A . n 
A 1 97  ILE 97  127 127 ILE ILE A . n 
A 1 98  THR 98  128 128 THR THR A . n 
A 1 99  PHE 99  129 129 PHE PHE A . n 
A 1 100 THR 100 130 130 THR THR A . n 
A 1 101 ALA 101 131 131 ALA ALA A . n 
A 1 102 PRO 102 132 132 PRO PRO A . n 
A 1 103 ALA 103 133 133 ALA ALA A . n 
A 1 104 PRO 104 134 134 PRO PRO A . n 
A 1 105 GLY 105 135 135 GLY GLY A . n 
A 1 106 THR 106 136 136 THR THR A . n 
A 1 107 TYR 107 137 137 TYR TYR A . n 
A 1 108 VAL 108 138 138 VAL VAL A . n 
A 1 109 PHE 109 139 139 PHE PHE A . n 
A 1 110 LEU 110 140 140 LEU LEU A . n 
A 1 111 CYS 111 141 141 CYS CYS A . n 
A 1 112 THR 112 142 142 THR THR A . n 
A 1 113 TYR 113 143 143 TYR TYR A . n 
A 1 114 PRO 114 144 144 PRO PRO A . n 
A 1 115 ALA 115 145 145 ALA ALA A . n 
A 1 116 HIS 116 146 146 HIS HIS A . n 
A 1 117 TYR 117 147 147 TYR TYR A . n 
A 1 118 ALA 118 148 148 ALA ALA A . n 
A 1 119 GLY 119 149 149 GLY GLY A . n 
A 1 120 GLY 120 150 150 GLY GLY A . n 
A 1 121 MET 121 151 151 MET MET A . n 
A 1 122 LYS 122 152 152 LYS LYS A . n 
A 1 123 GLY 123 153 153 GLY GLY A . n 
A 1 124 VAL 124 154 154 VAL VAL A . n 
A 1 125 MET 125 155 155 MET MET A . n 
A 1 126 THR 126 156 156 THR THR A . n 
A 1 127 VAL 127 157 157 VAL VAL A . n 
A 1 128 ALA 128 158 158 ALA ALA A . n 
A 1 129 PRO 129 159 159 PRO PRO A . n 
# 
loop_
_pdbx_nonpoly_scheme.asym_id 
_pdbx_nonpoly_scheme.entity_id 
_pdbx_nonpoly_scheme.mon_id 
_pdbx_nonpoly_scheme.ndb_seq_num 
_pdbx_nonpoly_scheme.pdb_seq_num 
_pdbx_nonpoly_scheme.auth_seq_num 
_pdbx_nonpoly_scheme.pdb_mon_id 
_pdbx_nonpoly_scheme.auth_mon_id 
_pdbx_nonpoly_scheme.pdb_strand_id 
_pdbx_nonpoly_scheme.pdb_ins_code 
B 2 CU1 1  201 1  CU1 CU1 A . 
C 3 HOH 1  301 54 HOH HOH A . 
C 3 HOH 2  302 53 HOH HOH A . 
C 3 HOH 3  303 1  HOH HOH A . 
C 3 HOH 4  304 26 HOH HOH A . 
C 3 HOH 5  305 31 HOH HOH A . 
C 3 HOH 6  306 37 HOH HOH A . 
C 3 HOH 7  307 69 HOH HOH A . 
C 3 HOH 8  308 42 HOH HOH A . 
C 3 HOH 9  309 17 HOH HOH A . 
C 3 HOH 10 310 32 HOH HOH A . 
C 3 HOH 11 311 40 HOH HOH A . 
C 3 HOH 12 312 30 HOH HOH A . 
C 3 HOH 13 313 14 HOH HOH A . 
C 3 HOH 14 314 49 HOH HOH A . 
C 3 HOH 15 315 60 HOH HOH A . 
C 3 HOH 16 316 27 HOH HOH A . 
C 3 HOH 17 317 74 HOH HOH A . 
C 3 HOH 18 318 35 HOH HOH A . 
C 3 HOH 19 319 33 HOH HOH A . 
C 3 HOH 20 320 7  HOH HOH A . 
C 3 HOH 21 321 21 HOH HOH A . 
C 3 HOH 22 322 16 HOH HOH A . 
C 3 HOH 23 323 2  HOH HOH A . 
C 3 HOH 24 324 61 HOH HOH A . 
C 3 HOH 25 325 62 HOH HOH A . 
C 3 HOH 26 326 43 HOH HOH A . 
C 3 HOH 27 327 66 HOH HOH A . 
C 3 HOH 28 328 23 HOH HOH A . 
C 3 HOH 29 329 56 HOH HOH A . 
C 3 HOH 30 330 18 HOH HOH A . 
C 3 HOH 31 331 11 HOH HOH A . 
C 3 HOH 32 332 24 HOH HOH A . 
C 3 HOH 33 333 68 HOH HOH A . 
C 3 HOH 34 334 10 HOH HOH A . 
C 3 HOH 35 335 67 HOH HOH A . 
C 3 HOH 36 336 19 HOH HOH A . 
C 3 HOH 37 337 45 HOH HOH A . 
C 3 HOH 38 338 48 HOH HOH A . 
C 3 HOH 39 339 44 HOH HOH A . 
C 3 HOH 40 340 38 HOH HOH A . 
C 3 HOH 41 341 51 HOH HOH A . 
C 3 HOH 42 342 5  HOH HOH A . 
C 3 HOH 43 343 76 HOH HOH A . 
C 3 HOH 44 344 8  HOH HOH A . 
C 3 HOH 45 345 25 HOH HOH A . 
C 3 HOH 46 346 29 HOH HOH A . 
C 3 HOH 47 347 3  HOH HOH A . 
C 3 HOH 48 348 73 HOH HOH A . 
C 3 HOH 49 349 9  HOH HOH A . 
C 3 HOH 50 350 75 HOH HOH A . 
C 3 HOH 51 351 6  HOH HOH A . 
C 3 HOH 52 352 34 HOH HOH A . 
C 3 HOH 53 353 4  HOH HOH A . 
C 3 HOH 54 354 65 HOH HOH A . 
C 3 HOH 55 355 28 HOH HOH A . 
C 3 HOH 56 356 50 HOH HOH A . 
C 3 HOH 57 357 20 HOH HOH A . 
C 3 HOH 58 358 12 HOH HOH A . 
C 3 HOH 59 359 13 HOH HOH A . 
C 3 HOH 60 360 70 HOH HOH A . 
C 3 HOH 61 361 72 HOH HOH A . 
C 3 HOH 62 362 41 HOH HOH A . 
C 3 HOH 63 363 36 HOH HOH A . 
C 3 HOH 64 364 55 HOH HOH A . 
C 3 HOH 65 365 71 HOH HOH A . 
C 3 HOH 66 366 64 HOH HOH A . 
C 3 HOH 67 367 59 HOH HOH A . 
C 3 HOH 68 368 52 HOH HOH A . 
C 3 HOH 69 369 47 HOH HOH A . 
C 3 HOH 70 370 39 HOH HOH A . 
C 3 HOH 71 371 22 HOH HOH A . 
C 3 HOH 72 372 15 HOH HOH A . 
C 3 HOH 73 373 46 HOH HOH A . 
C 3 HOH 74 374 58 HOH HOH A . 
C 3 HOH 75 375 57 HOH HOH A . 
C 3 HOH 76 376 63 HOH HOH A . 
# 
_pdbx_struct_assembly.id                   1 
_pdbx_struct_assembly.details              author_defined_assembly 
_pdbx_struct_assembly.method_details       ? 
_pdbx_struct_assembly.oligomeric_details   monomeric 
_pdbx_struct_assembly.oligomeric_count     1 
# 
_pdbx_struct_assembly_gen.assembly_id       1 
_pdbx_struct_assembly_gen.oper_expression   1 
_pdbx_struct_assembly_gen.asym_id_list      A,B,C 
# 
_pdbx_struct_oper_list.id                   1 
_pdbx_struct_oper_list.type                 'identity operation' 
_pdbx_struct_oper_list.name                 1_555 
_pdbx_struct_oper_list.symmetry_operation   x,y,z 
_pdbx_struct_oper_list.matrix[1][1]         1.0000000000 
_pdbx_struct_oper_list.matrix[1][2]         0.0000000000 
_pdbx_struct_oper_list.matrix[1][3]         0.0000000000 
_pdbx_struct_oper_list.vector[1]            0.0000000000 
_pdbx_struct_oper_list.matrix[2][1]         0.0000000000 
_pdbx_struct_oper_list.matrix[2][2]         1.0000000000 
_pdbx_struct_oper_list.matrix[2][3]         0.0000000000 
_pdbx_struct_oper_list.vector[2]            0.0000000000 
_pdbx_struct_oper_list.matrix[3][1]         0.0000000000 
_pdbx_struct_oper_list.matrix[3][2]         0.0000000000 
_pdbx_struct_oper_list.matrix[3][3]         1.0000000000 
_pdbx_struct_oper_list.vector[3]            0.0000000000 
# 
loop_
_pdbx_struct_special_symmetry.id 
_pdbx_struct_special_symmetry.PDB_model_num 
_pdbx_struct_special_symmetry.auth_asym_id 
_pdbx_struct_special_symmetry.auth_comp_id 
_pdbx_struct_special_symmetry.auth_seq_id 
_pdbx_struct_special_symmetry.PDB_ins_code 
_pdbx_struct_special_symmetry.label_asym_id 
_pdbx_struct_special_symmetry.label_comp_id 
_pdbx_struct_special_symmetry.label_seq_id 
1 1 A HOH 316 ? C HOH . 
2 1 A HOH 359 ? C HOH . 
# 
loop_
_pdbx_struct_conn_angle.id 
_pdbx_struct_conn_angle.ptnr1_label_atom_id 
_pdbx_struct_conn_angle.ptnr1_label_alt_id 
_pdbx_struct_conn_angle.ptnr1_label_asym_id 
_pdbx_struct_conn_angle.ptnr1_label_comp_id 
_pdbx_struct_conn_angle.ptnr1_label_seq_id 
_pdbx_struct_conn_angle.ptnr1_auth_atom_id 
_pdbx_struct_conn_angle.ptnr1_auth_asym_id 
_pdbx_struct_conn_angle.ptnr1_auth_comp_id 
_pdbx_struct_conn_angle.ptnr1_auth_seq_id 
_pdbx_struct_conn_angle.ptnr1_PDB_ins_code 
_pdbx_struct_conn_angle.ptnr1_symmetry 
_pdbx_struct_conn_angle.ptnr2_label_atom_id 
_pdbx_struct_conn_angle.ptnr2_label_alt_id 
_pdbx_struct_conn_angle.ptnr2_label_asym_id 
_pdbx_struct_conn_angle.ptnr2_label_comp_id 
_pdbx_struct_conn_angle.ptnr2_label_seq_id 
_pdbx_struct_conn_angle.ptnr2_auth_atom_id 
_pdbx_struct_conn_angle.ptnr2_auth_asym_id 
_pdbx_struct_conn_angle.ptnr2_auth_comp_id 
_pdbx_struct_conn_angle.ptnr2_auth_seq_id 
_pdbx_struct_conn_angle.ptnr2_PDB_ins_code 
_pdbx_struct_conn_angle.ptnr2_symmetry 
_pdbx_struct_conn_angle.ptnr3_label_atom_id 
_pdbx_struct_conn_angle.ptnr3_label_alt_id 
_pdbx_struct_conn_angle.ptnr3_label_asym_id 
_pdbx_struct_conn_angle.ptnr3_label_comp_id 
_pdbx_struct_conn_angle.ptnr3_label_seq_id 
_pdbx_struct_conn_angle.ptnr3_auth_atom_id 
_pdbx_struct_conn_angle.ptnr3_auth_asym_id 
_pdbx_struct_conn_angle.ptnr3_auth_comp_id 
_pdbx_struct_conn_angle.ptnr3_auth_seq_id 
_pdbx_struct_conn_angle.ptnr3_PDB_ins_code 
_pdbx_struct_conn_angle.ptnr3_symmetry 
_pdbx_struct_conn_angle.value 
_pdbx_struct_conn_angle.value_esd 
1 ND1 ? A HIS 47  ? A HIS 77  ? 1_555 CU ? B CU1 . ? A CU1 201 ? 1_555 SG  ? A CYS 111 ? A CYS 141 ? 1_555 134.6 ? 
2 ND1 ? A HIS 47  ? A HIS 77  ? 1_555 CU ? B CU1 . ? A CU1 201 ? 1_555 ND1 ? A HIS 116 ? A HIS 146 ? 1_555 103.2 ? 
3 SG  ? A CYS 111 ? A CYS 141 ? 1_555 CU ? B CU1 . ? A CU1 201 ? 1_555 ND1 ? A HIS 116 ? A HIS 146 ? 1_555 120.6 ? 
# 
loop_
_pdbx_audit_revision_history.ordinal 
_pdbx_audit_revision_history.data_content_type 
_pdbx_audit_revision_history.major_revision 
_pdbx_audit_revision_history.minor_revision 
_pdbx_audit_revision_history.revision_date 
1 'Structure model' 1 0 2020-01-29 
2 'Structure model' 1 1 2020-03-18 
3 'Structure model' 1 2 2023-11-22 
# 
_pdbx_audit_revision_details.ordinal             1 
_pdbx_audit_revision_details.revision_ordinal    1 
_pdbx_audit_revision_details.data_content_type   'Structure model' 
_pdbx_audit_revision_details.provider            repository 
_pdbx_audit_revision_details.type                'Initial release' 
_pdbx_audit_revision_details.description         ? 
_pdbx_audit_revision_details.details             ? 
# 
loop_
_pdbx_audit_revision_group.ordinal 
_pdbx_audit_revision_group.revision_ordinal 
_pdbx_audit_revision_group.data_content_type 
_pdbx_audit_revision_group.group 
1 2 'Structure model' 'Database references'    
2 3 'Structure model' 'Data collection'        
3 3 'Structure model' 'Database references'    
4 3 'Structure model' 'Refinement description' 
# 
loop_
_pdbx_audit_revision_category.ordinal 
_pdbx_audit_revision_category.revision_ordinal 
_pdbx_audit_revision_category.data_content_type 
_pdbx_audit_revision_category.category 
1 2 'Structure model' citation                      
2 2 'Structure model' citation_author               
3 3 'Structure model' chem_comp_atom                
4 3 'Structure model' chem_comp_bond                
5 3 'Structure model' database_2                    
6 3 'Structure model' pdbx_initial_refinement_model 
# 
loop_
_pdbx_audit_revision_item.ordinal 
_pdbx_audit_revision_item.revision_ordinal 
_pdbx_audit_revision_item.data_content_type 
_pdbx_audit_revision_item.item 
1 2 'Structure model' '_citation.journal_volume'            
2 2 'Structure model' '_citation.page_first'                
3 2 'Structure model' '_citation.page_last'                 
4 2 'Structure model' '_citation_author.identifier_ORCID'   
5 2 'Structure model' '_citation_author.name'               
6 3 'Structure model' '_database_2.pdbx_DOI'                
7 3 'Structure model' '_database_2.pdbx_database_accession' 
# 
loop_
_software.citation_id 
_software.classification 
_software.compiler_name 
_software.compiler_version 
_software.contact_author 
_software.contact_author_email 
_software.date 
_software.description 
_software.dependencies 
_software.hardware 
_software.language 
_software.location 
_software.mods 
_software.name 
_software.os 
_software.os_version 
_software.type 
_software.version 
_software.pdbx_ordinal 
? refinement        ? ? ? ? ? ? ? ? ? ? ? REFMAC      ? ? ? 5.8.0222 1 
? 'data extraction' ? ? ? ? ? ? ? ? ? ? ? PDB_EXTRACT ? ? ? 3.25     2 
? 'data reduction'  ? ? ? ? ? ? ? ? ? ? ? HKL-3000    ? ? ? .        3 
? 'data scaling'    ? ? ? ? ? ? ? ? ? ? ? SCALA       ? ? ? .        4 
? phasing           ? ? ? ? ? ? ? ? ? ? ? PHASER      ? ? ? .        5 
# 
_pdbx_entry_details.entry_id                 6L9S 
_pdbx_entry_details.has_ligand_of_interest   Y 
_pdbx_entry_details.compound_details         ? 
_pdbx_entry_details.source_details           ? 
_pdbx_entry_details.nonpolymer_details       ? 
_pdbx_entry_details.sequence_details         ? 
# 
loop_
_pdbx_validate_torsion.id 
_pdbx_validate_torsion.PDB_model_num 
_pdbx_validate_torsion.auth_comp_id 
_pdbx_validate_torsion.auth_asym_id 
_pdbx_validate_torsion.auth_seq_id 
_pdbx_validate_torsion.PDB_ins_code 
_pdbx_validate_torsion.label_alt_id 
_pdbx_validate_torsion.phi 
_pdbx_validate_torsion.psi 
1 1 ALA A 74  ? ? -146.93 22.73   
2 1 PRO A 132 ? ? -76.23  -165.54 
3 1 ALA A 145 ? ? 85.51   -7.79   
# 
loop_
_pdbx_unobs_or_zero_occ_residues.id 
_pdbx_unobs_or_zero_occ_residues.PDB_model_num 
_pdbx_unobs_or_zero_occ_residues.polymer_flag 
_pdbx_unobs_or_zero_occ_residues.occupancy_flag 
_pdbx_unobs_or_zero_occ_residues.auth_asym_id 
_pdbx_unobs_or_zero_occ_residues.auth_comp_id 
_pdbx_unobs_or_zero_occ_residues.auth_seq_id 
_pdbx_unobs_or_zero_occ_residues.PDB_ins_code 
_pdbx_unobs_or_zero_occ_residues.label_asym_id 
_pdbx_unobs_or_zero_occ_residues.label_comp_id 
_pdbx_unobs_or_zero_occ_residues.label_seq_id 
1 1 Y 1 A GLY 31 ? A GLY 1 
2 1 Y 1 A GLY 32 ? A GLY 2 
3 1 Y 1 A GLY 33 ? A GLY 3 
4 1 Y 1 A GLY 34 ? A GLY 4 
# 
loop_
_chem_comp_atom.comp_id 
_chem_comp_atom.atom_id 
_chem_comp_atom.type_symbol 
_chem_comp_atom.pdbx_aromatic_flag 
_chem_comp_atom.pdbx_stereo_config 
_chem_comp_atom.pdbx_ordinal 
ALA N    N  N N 1   
ALA CA   C  N S 2   
ALA C    C  N N 3   
ALA O    O  N N 4   
ALA CB   C  N N 5   
ALA OXT  O  N N 6   
ALA H    H  N N 7   
ALA H2   H  N N 8   
ALA HA   H  N N 9   
ALA HB1  H  N N 10  
ALA HB2  H  N N 11  
ALA HB3  H  N N 12  
ALA HXT  H  N N 13  
ARG N    N  N N 14  
ARG CA   C  N S 15  
ARG C    C  N N 16  
ARG O    O  N N 17  
ARG CB   C  N N 18  
ARG CG   C  N N 19  
ARG CD   C  N N 20  
ARG NE   N  N N 21  
ARG CZ   C  N N 22  
ARG NH1  N  N N 23  
ARG NH2  N  N N 24  
ARG OXT  O  N N 25  
ARG H    H  N N 26  
ARG H2   H  N N 27  
ARG HA   H  N N 28  
ARG HB2  H  N N 29  
ARG HB3  H  N N 30  
ARG HG2  H  N N 31  
ARG HG3  H  N N 32  
ARG HD2  H  N N 33  
ARG HD3  H  N N 34  
ARG HE   H  N N 35  
ARG HH11 H  N N 36  
ARG HH12 H  N N 37  
ARG HH21 H  N N 38  
ARG HH22 H  N N 39  
ARG HXT  H  N N 40  
ASN N    N  N N 41  
ASN CA   C  N S 42  
ASN C    C  N N 43  
ASN O    O  N N 44  
ASN CB   C  N N 45  
ASN CG   C  N N 46  
ASN OD1  O  N N 47  
ASN ND2  N  N N 48  
ASN OXT  O  N N 49  
ASN H    H  N N 50  
ASN H2   H  N N 51  
ASN HA   H  N N 52  
ASN HB2  H  N N 53  
ASN HB3  H  N N 54  
ASN HD21 H  N N 55  
ASN HD22 H  N N 56  
ASN HXT  H  N N 57  
ASP N    N  N N 58  
ASP CA   C  N S 59  
ASP C    C  N N 60  
ASP O    O  N N 61  
ASP CB   C  N N 62  
ASP CG   C  N N 63  
ASP OD1  O  N N 64  
ASP OD2  O  N N 65  
ASP OXT  O  N N 66  
ASP H    H  N N 67  
ASP H2   H  N N 68  
ASP HA   H  N N 69  
ASP HB2  H  N N 70  
ASP HB3  H  N N 71  
ASP HD2  H  N N 72  
ASP HXT  H  N N 73  
CU1 CU   CU N N 74  
CYS N    N  N N 75  
CYS CA   C  N R 76  
CYS C    C  N N 77  
CYS O    O  N N 78  
CYS CB   C  N N 79  
CYS SG   S  N N 80  
CYS OXT  O  N N 81  
CYS H    H  N N 82  
CYS H2   H  N N 83  
CYS HA   H  N N 84  
CYS HB2  H  N N 85  
CYS HB3  H  N N 86  
CYS HG   H  N N 87  
CYS HXT  H  N N 88  
GLN N    N  N N 89  
GLN CA   C  N S 90  
GLN C    C  N N 91  
GLN O    O  N N 92  
GLN CB   C  N N 93  
GLN CG   C  N N 94  
GLN CD   C  N N 95  
GLN OE1  O  N N 96  
GLN NE2  N  N N 97  
GLN OXT  O  N N 98  
GLN H    H  N N 99  
GLN H2   H  N N 100 
GLN HA   H  N N 101 
GLN HB2  H  N N 102 
GLN HB3  H  N N 103 
GLN HG2  H  N N 104 
GLN HG3  H  N N 105 
GLN HE21 H  N N 106 
GLN HE22 H  N N 107 
GLN HXT  H  N N 108 
GLU N    N  N N 109 
GLU CA   C  N S 110 
GLU C    C  N N 111 
GLU O    O  N N 112 
GLU CB   C  N N 113 
GLU CG   C  N N 114 
GLU CD   C  N N 115 
GLU OE1  O  N N 116 
GLU OE2  O  N N 117 
GLU OXT  O  N N 118 
GLU H    H  N N 119 
GLU H2   H  N N 120 
GLU HA   H  N N 121 
GLU HB2  H  N N 122 
GLU HB3  H  N N 123 
GLU HG2  H  N N 124 
GLU HG3  H  N N 125 
GLU HE2  H  N N 126 
GLU HXT  H  N N 127 
GLY N    N  N N 128 
GLY CA   C  N N 129 
GLY C    C  N N 130 
GLY O    O  N N 131 
GLY OXT  O  N N 132 
GLY H    H  N N 133 
GLY H2   H  N N 134 
GLY HA2  H  N N 135 
GLY HA3  H  N N 136 
GLY HXT  H  N N 137 
HIS N    N  N N 138 
HIS CA   C  N S 139 
HIS C    C  N N 140 
HIS O    O  N N 141 
HIS CB   C  N N 142 
HIS CG   C  Y N 143 
HIS ND1  N  Y N 144 
HIS CD2  C  Y N 145 
HIS CE1  C  Y N 146 
HIS NE2  N  Y N 147 
HIS OXT  O  N N 148 
HIS H    H  N N 149 
HIS H2   H  N N 150 
HIS HA   H  N N 151 
HIS HB2  H  N N 152 
HIS HB3  H  N N 153 
HIS HD1  H  N N 154 
HIS HD2  H  N N 155 
HIS HE1  H  N N 156 
HIS HE2  H  N N 157 
HIS HXT  H  N N 158 
HOH O    O  N N 159 
HOH H1   H  N N 160 
HOH H2   H  N N 161 
ILE N    N  N N 162 
ILE CA   C  N S 163 
ILE C    C  N N 164 
ILE O    O  N N 165 
ILE CB   C  N S 166 
ILE CG1  C  N N 167 
ILE CG2  C  N N 168 
ILE CD1  C  N N 169 
ILE OXT  O  N N 170 
ILE H    H  N N 171 
ILE H2   H  N N 172 
ILE HA   H  N N 173 
ILE HB   H  N N 174 
ILE HG12 H  N N 175 
ILE HG13 H  N N 176 
ILE HG21 H  N N 177 
ILE HG22 H  N N 178 
ILE HG23 H  N N 179 
ILE HD11 H  N N 180 
ILE HD12 H  N N 181 
ILE HD13 H  N N 182 
ILE HXT  H  N N 183 
LEU N    N  N N 184 
LEU CA   C  N S 185 
LEU C    C  N N 186 
LEU O    O  N N 187 
LEU CB   C  N N 188 
LEU CG   C  N N 189 
LEU CD1  C  N N 190 
LEU CD2  C  N N 191 
LEU OXT  O  N N 192 
LEU H    H  N N 193 
LEU H2   H  N N 194 
LEU HA   H  N N 195 
LEU HB2  H  N N 196 
LEU HB3  H  N N 197 
LEU HG   H  N N 198 
LEU HD11 H  N N 199 
LEU HD12 H  N N 200 
LEU HD13 H  N N 201 
LEU HD21 H  N N 202 
LEU HD22 H  N N 203 
LEU HD23 H  N N 204 
LEU HXT  H  N N 205 
LYS N    N  N N 206 
LYS CA   C  N S 207 
LYS C    C  N N 208 
LYS O    O  N N 209 
LYS CB   C  N N 210 
LYS CG   C  N N 211 
LYS CD   C  N N 212 
LYS CE   C  N N 213 
LYS NZ   N  N N 214 
LYS OXT  O  N N 215 
LYS H    H  N N 216 
LYS H2   H  N N 217 
LYS HA   H  N N 218 
LYS HB2  H  N N 219 
LYS HB3  H  N N 220 
LYS HG2  H  N N 221 
LYS HG3  H  N N 222 
LYS HD2  H  N N 223 
LYS HD3  H  N N 224 
LYS HE2  H  N N 225 
LYS HE3  H  N N 226 
LYS HZ1  H  N N 227 
LYS HZ2  H  N N 228 
LYS HZ3  H  N N 229 
LYS HXT  H  N N 230 
MET N    N  N N 231 
MET CA   C  N S 232 
MET C    C  N N 233 
MET O    O  N N 234 
MET CB   C  N N 235 
MET CG   C  N N 236 
MET SD   S  N N 237 
MET CE   C  N N 238 
MET OXT  O  N N 239 
MET H    H  N N 240 
MET H2   H  N N 241 
MET HA   H  N N 242 
MET HB2  H  N N 243 
MET HB3  H  N N 244 
MET HG2  H  N N 245 
MET HG3  H  N N 246 
MET HE1  H  N N 247 
MET HE2  H  N N 248 
MET HE3  H  N N 249 
MET HXT  H  N N 250 
PHE N    N  N N 251 
PHE CA   C  N S 252 
PHE C    C  N N 253 
PHE O    O  N N 254 
PHE CB   C  N N 255 
PHE CG   C  Y N 256 
PHE CD1  C  Y N 257 
PHE CD2  C  Y N 258 
PHE CE1  C  Y N 259 
PHE CE2  C  Y N 260 
PHE CZ   C  Y N 261 
PHE OXT  O  N N 262 
PHE H    H  N N 263 
PHE H2   H  N N 264 
PHE HA   H  N N 265 
PHE HB2  H  N N 266 
PHE HB3  H  N N 267 
PHE HD1  H  N N 268 
PHE HD2  H  N N 269 
PHE HE1  H  N N 270 
PHE HE2  H  N N 271 
PHE HZ   H  N N 272 
PHE HXT  H  N N 273 
PRO N    N  N N 274 
PRO CA   C  N S 275 
PRO C    C  N N 276 
PRO O    O  N N 277 
PRO CB   C  N N 278 
PRO CG   C  N N 279 
PRO CD   C  N N 280 
PRO OXT  O  N N 281 
PRO H    H  N N 282 
PRO HA   H  N N 283 
PRO HB2  H  N N 284 
PRO HB3  H  N N 285 
PRO HG2  H  N N 286 
PRO HG3  H  N N 287 
PRO HD2  H  N N 288 
PRO HD3  H  N N 289 
PRO HXT  H  N N 290 
SER N    N  N N 291 
SER CA   C  N S 292 
SER C    C  N N 293 
SER O    O  N N 294 
SER CB   C  N N 295 
SER OG   O  N N 296 
SER OXT  O  N N 297 
SER H    H  N N 298 
SER H2   H  N N 299 
SER HA   H  N N 300 
SER HB2  H  N N 301 
SER HB3  H  N N 302 
SER HG   H  N N 303 
SER HXT  H  N N 304 
THR N    N  N N 305 
THR CA   C  N S 306 
THR C    C  N N 307 
THR O    O  N N 308 
THR CB   C  N R 309 
THR OG1  O  N N 310 
THR CG2  C  N N 311 
THR OXT  O  N N 312 
THR H    H  N N 313 
THR H2   H  N N 314 
THR HA   H  N N 315 
THR HB   H  N N 316 
THR HG1  H  N N 317 
THR HG21 H  N N 318 
THR HG22 H  N N 319 
THR HG23 H  N N 320 
THR HXT  H  N N 321 
TYR N    N  N N 322 
TYR CA   C  N S 323 
TYR C    C  N N 324 
TYR O    O  N N 325 
TYR CB   C  N N 326 
TYR CG   C  Y N 327 
TYR CD1  C  Y N 328 
TYR CD2  C  Y N 329 
TYR CE1  C  Y N 330 
TYR CE2  C  Y N 331 
TYR CZ   C  Y N 332 
TYR OH   O  N N 333 
TYR OXT  O  N N 334 
TYR H    H  N N 335 
TYR H2   H  N N 336 
TYR HA   H  N N 337 
TYR HB2  H  N N 338 
TYR HB3  H  N N 339 
TYR HD1  H  N N 340 
TYR HD2  H  N N 341 
TYR HE1  H  N N 342 
TYR HE2  H  N N 343 
TYR HH   H  N N 344 
TYR HXT  H  N N 345 
VAL N    N  N N 346 
VAL CA   C  N S 347 
VAL C    C  N N 348 
VAL O    O  N N 349 
VAL CB   C  N N 350 
VAL CG1  C  N N 351 
VAL CG2  C  N N 352 
VAL OXT  O  N N 353 
VAL H    H  N N 354 
VAL H2   H  N N 355 
VAL HA   H  N N 356 
VAL HB   H  N N 357 
VAL HG11 H  N N 358 
VAL HG12 H  N N 359 
VAL HG13 H  N N 360 
VAL HG21 H  N N 361 
VAL HG22 H  N N 362 
VAL HG23 H  N N 363 
VAL HXT  H  N N 364 
# 
loop_
_chem_comp_bond.comp_id 
_chem_comp_bond.atom_id_1 
_chem_comp_bond.atom_id_2 
_chem_comp_bond.value_order 
_chem_comp_bond.pdbx_aromatic_flag 
_chem_comp_bond.pdbx_stereo_config 
_chem_comp_bond.pdbx_ordinal 
ALA N   CA   sing N N 1   
ALA N   H    sing N N 2   
ALA N   H2   sing N N 3   
ALA CA  C    sing N N 4   
ALA CA  CB   sing N N 5   
ALA CA  HA   sing N N 6   
ALA C   O    doub N N 7   
ALA C   OXT  sing N N 8   
ALA CB  HB1  sing N N 9   
ALA CB  HB2  sing N N 10  
ALA CB  HB3  sing N N 11  
ALA OXT HXT  sing N N 12  
ARG N   CA   sing N N 13  
ARG N   H    sing N N 14  
ARG N   H2   sing N N 15  
ARG CA  C    sing N N 16  
ARG CA  CB   sing N N 17  
ARG CA  HA   sing N N 18  
ARG C   O    doub N N 19  
ARG C   OXT  sing N N 20  
ARG CB  CG   sing N N 21  
ARG CB  HB2  sing N N 22  
ARG CB  HB3  sing N N 23  
ARG CG  CD   sing N N 24  
ARG CG  HG2  sing N N 25  
ARG CG  HG3  sing N N 26  
ARG CD  NE   sing N N 27  
ARG CD  HD2  sing N N 28  
ARG CD  HD3  sing N N 29  
ARG NE  CZ   sing N N 30  
ARG NE  HE   sing N N 31  
ARG CZ  NH1  sing N N 32  
ARG CZ  NH2  doub N N 33  
ARG NH1 HH11 sing N N 34  
ARG NH1 HH12 sing N N 35  
ARG NH2 HH21 sing N N 36  
ARG NH2 HH22 sing N N 37  
ARG OXT HXT  sing N N 38  
ASN N   CA   sing N N 39  
ASN N   H    sing N N 40  
ASN N   H2   sing N N 41  
ASN CA  C    sing N N 42  
ASN CA  CB   sing N N 43  
ASN CA  HA   sing N N 44  
ASN C   O    doub N N 45  
ASN C   OXT  sing N N 46  
ASN CB  CG   sing N N 47  
ASN CB  HB2  sing N N 48  
ASN CB  HB3  sing N N 49  
ASN CG  OD1  doub N N 50  
ASN CG  ND2  sing N N 51  
ASN ND2 HD21 sing N N 52  
ASN ND2 HD22 sing N N 53  
ASN OXT HXT  sing N N 54  
ASP N   CA   sing N N 55  
ASP N   H    sing N N 56  
ASP N   H2   sing N N 57  
ASP CA  C    sing N N 58  
ASP CA  CB   sing N N 59  
ASP CA  HA   sing N N 60  
ASP C   O    doub N N 61  
ASP C   OXT  sing N N 62  
ASP CB  CG   sing N N 63  
ASP CB  HB2  sing N N 64  
ASP CB  HB3  sing N N 65  
ASP CG  OD1  doub N N 66  
ASP CG  OD2  sing N N 67  
ASP OD2 HD2  sing N N 68  
ASP OXT HXT  sing N N 69  
CYS N   CA   sing N N 70  
CYS N   H    sing N N 71  
CYS N   H2   sing N N 72  
CYS CA  C    sing N N 73  
CYS CA  CB   sing N N 74  
CYS CA  HA   sing N N 75  
CYS C   O    doub N N 76  
CYS C   OXT  sing N N 77  
CYS CB  SG   sing N N 78  
CYS CB  HB2  sing N N 79  
CYS CB  HB3  sing N N 80  
CYS SG  HG   sing N N 81  
CYS OXT HXT  sing N N 82  
GLN N   CA   sing N N 83  
GLN N   H    sing N N 84  
GLN N   H2   sing N N 85  
GLN CA  C    sing N N 86  
GLN CA  CB   sing N N 87  
GLN CA  HA   sing N N 88  
GLN C   O    doub N N 89  
GLN C   OXT  sing N N 90  
GLN CB  CG   sing N N 91  
GLN CB  HB2  sing N N 92  
GLN CB  HB3  sing N N 93  
GLN CG  CD   sing N N 94  
GLN CG  HG2  sing N N 95  
GLN CG  HG3  sing N N 96  
GLN CD  OE1  doub N N 97  
GLN CD  NE2  sing N N 98  
GLN NE2 HE21 sing N N 99  
GLN NE2 HE22 sing N N 100 
GLN OXT HXT  sing N N 101 
GLU N   CA   sing N N 102 
GLU N   H    sing N N 103 
GLU N   H2   sing N N 104 
GLU CA  C    sing N N 105 
GLU CA  CB   sing N N 106 
GLU CA  HA   sing N N 107 
GLU C   O    doub N N 108 
GLU C   OXT  sing N N 109 
GLU CB  CG   sing N N 110 
GLU CB  HB2  sing N N 111 
GLU CB  HB3  sing N N 112 
GLU CG  CD   sing N N 113 
GLU CG  HG2  sing N N 114 
GLU CG  HG3  sing N N 115 
GLU CD  OE1  doub N N 116 
GLU CD  OE2  sing N N 117 
GLU OE2 HE2  sing N N 118 
GLU OXT HXT  sing N N 119 
GLY N   CA   sing N N 120 
GLY N   H    sing N N 121 
GLY N   H2   sing N N 122 
GLY CA  C    sing N N 123 
GLY CA  HA2  sing N N 124 
GLY CA  HA3  sing N N 125 
GLY C   O    doub N N 126 
GLY C   OXT  sing N N 127 
GLY OXT HXT  sing N N 128 
HIS N   CA   sing N N 129 
HIS N   H    sing N N 130 
HIS N   H2   sing N N 131 
HIS CA  C    sing N N 132 
HIS CA  CB   sing N N 133 
HIS CA  HA   sing N N 134 
HIS C   O    doub N N 135 
HIS C   OXT  sing N N 136 
HIS CB  CG   sing N N 137 
HIS CB  HB2  sing N N 138 
HIS CB  HB3  sing N N 139 
HIS CG  ND1  sing Y N 140 
HIS CG  CD2  doub Y N 141 
HIS ND1 CE1  doub Y N 142 
HIS ND1 HD1  sing N N 143 
HIS CD2 NE2  sing Y N 144 
HIS CD2 HD2  sing N N 145 
HIS CE1 NE2  sing Y N 146 
HIS CE1 HE1  sing N N 147 
HIS NE2 HE2  sing N N 148 
HIS OXT HXT  sing N N 149 
HOH O   H1   sing N N 150 
HOH O   H2   sing N N 151 
ILE N   CA   sing N N 152 
ILE N   H    sing N N 153 
ILE N   H2   sing N N 154 
ILE CA  C    sing N N 155 
ILE CA  CB   sing N N 156 
ILE CA  HA   sing N N 157 
ILE C   O    doub N N 158 
ILE C   OXT  sing N N 159 
ILE CB  CG1  sing N N 160 
ILE CB  CG2  sing N N 161 
ILE CB  HB   sing N N 162 
ILE CG1 CD1  sing N N 163 
ILE CG1 HG12 sing N N 164 
ILE CG1 HG13 sing N N 165 
ILE CG2 HG21 sing N N 166 
ILE CG2 HG22 sing N N 167 
ILE CG2 HG23 sing N N 168 
ILE CD1 HD11 sing N N 169 
ILE CD1 HD12 sing N N 170 
ILE CD1 HD13 sing N N 171 
ILE OXT HXT  sing N N 172 
LEU N   CA   sing N N 173 
LEU N   H    sing N N 174 
LEU N   H2   sing N N 175 
LEU CA  C    sing N N 176 
LEU CA  CB   sing N N 177 
LEU CA  HA   sing N N 178 
LEU C   O    doub N N 179 
LEU C   OXT  sing N N 180 
LEU CB  CG   sing N N 181 
LEU CB  HB2  sing N N 182 
LEU CB  HB3  sing N N 183 
LEU CG  CD1  sing N N 184 
LEU CG  CD2  sing N N 185 
LEU CG  HG   sing N N 186 
LEU CD1 HD11 sing N N 187 
LEU CD1 HD12 sing N N 188 
LEU CD1 HD13 sing N N 189 
LEU CD2 HD21 sing N N 190 
LEU CD2 HD22 sing N N 191 
LEU CD2 HD23 sing N N 192 
LEU OXT HXT  sing N N 193 
LYS N   CA   sing N N 194 
LYS N   H    sing N N 195 
LYS N   H2   sing N N 196 
LYS CA  C    sing N N 197 
LYS CA  CB   sing N N 198 
LYS CA  HA   sing N N 199 
LYS C   O    doub N N 200 
LYS C   OXT  sing N N 201 
LYS CB  CG   sing N N 202 
LYS CB  HB2  sing N N 203 
LYS CB  HB3  sing N N 204 
LYS CG  CD   sing N N 205 
LYS CG  HG2  sing N N 206 
LYS CG  HG3  sing N N 207 
LYS CD  CE   sing N N 208 
LYS CD  HD2  sing N N 209 
LYS CD  HD3  sing N N 210 
LYS CE  NZ   sing N N 211 
LYS CE  HE2  sing N N 212 
LYS CE  HE3  sing N N 213 
LYS NZ  HZ1  sing N N 214 
LYS NZ  HZ2  sing N N 215 
LYS NZ  HZ3  sing N N 216 
LYS OXT HXT  sing N N 217 
MET N   CA   sing N N 218 
MET N   H    sing N N 219 
MET N   H2   sing N N 220 
MET CA  C    sing N N 221 
MET CA  CB   sing N N 222 
MET CA  HA   sing N N 223 
MET C   O    doub N N 224 
MET C   OXT  sing N N 225 
MET CB  CG   sing N N 226 
MET CB  HB2  sing N N 227 
MET CB  HB3  sing N N 228 
MET CG  SD   sing N N 229 
MET CG  HG2  sing N N 230 
MET CG  HG3  sing N N 231 
MET SD  CE   sing N N 232 
MET CE  HE1  sing N N 233 
MET CE  HE2  sing N N 234 
MET CE  HE3  sing N N 235 
MET OXT HXT  sing N N 236 
PHE N   CA   sing N N 237 
PHE N   H    sing N N 238 
PHE N   H2   sing N N 239 
PHE CA  C    sing N N 240 
PHE CA  CB   sing N N 241 
PHE CA  HA   sing N N 242 
PHE C   O    doub N N 243 
PHE C   OXT  sing N N 244 
PHE CB  CG   sing N N 245 
PHE CB  HB2  sing N N 246 
PHE CB  HB3  sing N N 247 
PHE CG  CD1  doub Y N 248 
PHE CG  CD2  sing Y N 249 
PHE CD1 CE1  sing Y N 250 
PHE CD1 HD1  sing N N 251 
PHE CD2 CE2  doub Y N 252 
PHE CD2 HD2  sing N N 253 
PHE CE1 CZ   doub Y N 254 
PHE CE1 HE1  sing N N 255 
PHE CE2 CZ   sing Y N 256 
PHE CE2 HE2  sing N N 257 
PHE CZ  HZ   sing N N 258 
PHE OXT HXT  sing N N 259 
PRO N   CA   sing N N 260 
PRO N   CD   sing N N 261 
PRO N   H    sing N N 262 
PRO CA  C    sing N N 263 
PRO CA  CB   sing N N 264 
PRO CA  HA   sing N N 265 
PRO C   O    doub N N 266 
PRO C   OXT  sing N N 267 
PRO CB  CG   sing N N 268 
PRO CB  HB2  sing N N 269 
PRO CB  HB3  sing N N 270 
PRO CG  CD   sing N N 271 
PRO CG  HG2  sing N N 272 
PRO CG  HG3  sing N N 273 
PRO CD  HD2  sing N N 274 
PRO CD  HD3  sing N N 275 
PRO OXT HXT  sing N N 276 
SER N   CA   sing N N 277 
SER N   H    sing N N 278 
SER N   H2   sing N N 279 
SER CA  C    sing N N 280 
SER CA  CB   sing N N 281 
SER CA  HA   sing N N 282 
SER C   O    doub N N 283 
SER C   OXT  sing N N 284 
SER CB  OG   sing N N 285 
SER CB  HB2  sing N N 286 
SER CB  HB3  sing N N 287 
SER OG  HG   sing N N 288 
SER OXT HXT  sing N N 289 
THR N   CA   sing N N 290 
THR N   H    sing N N 291 
THR N   H2   sing N N 292 
THR CA  C    sing N N 293 
THR CA  CB   sing N N 294 
THR CA  HA   sing N N 295 
THR C   O    doub N N 296 
THR C   OXT  sing N N 297 
THR CB  OG1  sing N N 298 
THR CB  CG2  sing N N 299 
THR CB  HB   sing N N 300 
THR OG1 HG1  sing N N 301 
THR CG2 HG21 sing N N 302 
THR CG2 HG22 sing N N 303 
THR CG2 HG23 sing N N 304 
THR OXT HXT  sing N N 305 
TYR N   CA   sing N N 306 
TYR N   H    sing N N 307 
TYR N   H2   sing N N 308 
TYR CA  C    sing N N 309 
TYR CA  CB   sing N N 310 
TYR CA  HA   sing N N 311 
TYR C   O    doub N N 312 
TYR C   OXT  sing N N 313 
TYR CB  CG   sing N N 314 
TYR CB  HB2  sing N N 315 
TYR CB  HB3  sing N N 316 
TYR CG  CD1  doub Y N 317 
TYR CG  CD2  sing Y N 318 
TYR CD1 CE1  sing Y N 319 
TYR CD1 HD1  sing N N 320 
TYR CD2 CE2  doub Y N 321 
TYR CD2 HD2  sing N N 322 
TYR CE1 CZ   doub Y N 323 
TYR CE1 HE1  sing N N 324 
TYR CE2 CZ   sing Y N 325 
TYR CE2 HE2  sing N N 326 
TYR CZ  OH   sing N N 327 
TYR OH  HH   sing N N 328 
TYR OXT HXT  sing N N 329 
VAL N   CA   sing N N 330 
VAL N   H    sing N N 331 
VAL N   H2   sing N N 332 
VAL CA  C    sing N N 333 
VAL CA  CB   sing N N 334 
VAL CA  HA   sing N N 335 
VAL C   O    doub N N 336 
VAL C   OXT  sing N N 337 
VAL CB  CG1  sing N N 338 
VAL CB  CG2  sing N N 339 
VAL CB  HB   sing N N 340 
VAL CG1 HG11 sing N N 341 
VAL CG1 HG12 sing N N 342 
VAL CG1 HG13 sing N N 343 
VAL CG2 HG21 sing N N 344 
VAL CG2 HG22 sing N N 345 
VAL CG2 HG23 sing N N 346 
VAL OXT HXT  sing N N 347 
# 
loop_
_pdbx_audit_support.funding_organization 
_pdbx_audit_support.country 
_pdbx_audit_support.grant_number 
_pdbx_audit_support.ordinal 
'National Natural Science Foundation of China' China 31570738 1 
'National Natural Science Foundation of China' China 31870740 2 
'National Natural Science Foundation of China' China 31400630 3 
# 
_pdbx_entity_instance_feature.ordinal        1 
_pdbx_entity_instance_feature.comp_id        CU1 
_pdbx_entity_instance_feature.asym_id        ? 
_pdbx_entity_instance_feature.seq_num        ? 
_pdbx_entity_instance_feature.auth_comp_id   CU1 
_pdbx_entity_instance_feature.auth_asym_id   ? 
_pdbx_entity_instance_feature.auth_seq_num   ? 
_pdbx_entity_instance_feature.feature_type   'SUBJECT OF INVESTIGATION' 
_pdbx_entity_instance_feature.details        ? 
# 
loop_
_pdbx_entity_nonpoly.entity_id 
_pdbx_entity_nonpoly.name 
_pdbx_entity_nonpoly.comp_id 
2 'COPPER (I) ION' CU1 
3 water            HOH 
# 
_pdbx_initial_refinement_model.id               1 
_pdbx_initial_refinement_model.entity_id_list   ? 
_pdbx_initial_refinement_model.type             'experimental model' 
_pdbx_initial_refinement_model.source_name      PDB 
_pdbx_initial_refinement_model.accession_code   6KOL 
_pdbx_initial_refinement_model.details          ? 
# 
_pdbx_struct_assembly_auth_evidence.id                     1 
_pdbx_struct_assembly_auth_evidence.assembly_id            1 
_pdbx_struct_assembly_auth_evidence.experimental_support   'gel filtration' 
_pdbx_struct_assembly_auth_evidence.details                
'The absorption peak of auracyanin in gel filtration is corresponding to a monomer.' 
# 
